data_5CRF
#
_entry.id   5CRF
#
_cell.length_a   46.006
_cell.length_b   333.314
_cell.length_c   47.528
_cell.angle_alpha   90.00
_cell.angle_beta   108.37
_cell.angle_gamma   90.00
#
_symmetry.space_group_name_H-M   'P 1 21 1'
#
loop_
_entity.id
_entity.type
_entity.pdbx_description
1 polymer 'Penicillin-binding protein 1A'
2 non-polymer 'PHOSPHATE ION'
3 water water
#
_entity_poly.entity_id   1
_entity_poly.type   'polypeptide(L)'
_entity_poly.pdbx_seq_one_letter_code
;KGPNGLIERQVTRELLELFNIDEQTLNTQGLVVTTTIDPQAQRAAEKAVAKYLDGQDPD(MSE)RAAVVSIDPHNGAVRA
YYGGDNANGFDFAQAGLQTGSSFKVFALVAALEQGIGLGYQVDSSPLTVDGIKITNVEGEGCGTCNIAEALK(MSE)SLN
TSYYRL(MSE)LKLNGGPQAVADAAHQAGIASSFPGVAHTLSEDGKGGPPNNGIVLGQYQTRVID(MSE)ASAYATLAAS
GIYHPPHFVQKVVSANGQVLFDASTADNTGDQRIPKAVADNVTAA(MSE)EPIAGYSRGHNLAGGRDSAAKTGTTQFGDT
TANKDAW(MSE)VGYTPSLSTAVWVGTVKGDEPLVTASGAAIYGSGLPSDIWKAT(MSE)DGALKGTSNETFPKPTEVGG
YAGVPPPPPPPEVPPSETVIQPTVEIAPGITIPIGPPTTITLAPPPPAPPAATPTPPP
;
_entity_poly.pdbx_strand_id   A,B,C,D
#
loop_
_chem_comp.id
_chem_comp.type
_chem_comp.name
_chem_comp.formula
PO4 non-polymer 'PHOSPHATE ION' 'O4 P -3'
#
# COMPACT_ATOMS: atom_id res chain seq x y z
N LYS A 1 -13.10 0.05 4.91
CA LYS A 1 -11.79 0.54 4.41
C LYS A 1 -10.74 0.65 5.55
N GLY A 2 -11.17 1.15 6.72
CA GLY A 2 -10.35 1.22 7.94
C GLY A 2 -9.82 2.63 8.28
N PRO A 3 -8.70 2.69 9.00
CA PRO A 3 -7.91 3.96 9.17
C PRO A 3 -7.55 4.67 7.82
N ASN A 4 -7.34 3.84 6.79
CA ASN A 4 -7.16 4.28 5.40
C ASN A 4 -8.15 5.34 4.91
N GLY A 5 -9.44 5.15 5.24
CA GLY A 5 -10.51 6.09 4.84
C GLY A 5 -10.38 7.46 5.50
N LEU A 6 -9.89 7.48 6.73
CA LEU A 6 -9.66 8.78 7.40
C LEU A 6 -8.54 9.53 6.74
N ILE A 7 -7.51 8.81 6.30
CA ILE A 7 -6.38 9.42 5.53
C ILE A 7 -6.92 10.00 4.20
N GLU A 8 -7.71 9.20 3.49
CA GLU A 8 -8.33 9.66 2.22
C GLU A 8 -9.14 10.96 2.37
N ARG A 9 -9.89 11.09 3.45
CA ARG A 9 -10.62 12.33 3.72
C ARG A 9 -9.73 13.55 3.94
N GLN A 10 -8.62 13.40 4.66
CA GLN A 10 -7.67 14.49 4.80
C GLN A 10 -6.95 14.85 3.50
N VAL A 11 -6.56 13.83 2.76
CA VAL A 11 -5.95 14.05 1.45
C VAL A 11 -6.91 14.85 0.54
N THR A 12 -8.17 14.44 0.50
CA THR A 12 -9.16 15.13 -0.33
C THR A 12 -9.28 16.60 0.06
N ARG A 13 -9.43 16.86 1.35
CA ARG A 13 -9.52 18.23 1.82
C ARG A 13 -8.33 19.09 1.40
N GLU A 14 -7.13 18.51 1.49
CA GLU A 14 -5.92 19.19 1.10
C GLU A 14 -5.90 19.50 -0.39
N LEU A 15 -6.34 18.54 -1.20
CA LEU A 15 -6.36 18.71 -2.69
C LEU A 15 -7.35 19.77 -3.09
N LEU A 16 -8.48 19.82 -2.40
CA LEU A 16 -9.47 20.84 -2.71
C LEU A 16 -8.90 22.23 -2.46
N GLU A 17 -8.17 22.37 -1.38
CA GLU A 17 -7.55 23.65 -1.13
C GLU A 17 -6.42 23.97 -2.09
N LEU A 18 -5.67 22.96 -2.50
CA LEU A 18 -4.50 23.17 -3.40
C LEU A 18 -4.98 23.64 -4.78
N PHE A 19 -6.03 23.02 -5.29
CA PHE A 19 -6.47 23.21 -6.67
C PHE A 19 -7.68 24.10 -6.83
N ASN A 20 -8.25 24.53 -5.71
CA ASN A 20 -9.45 25.37 -5.73
C ASN A 20 -10.51 24.73 -6.59
N ILE A 21 -10.86 23.49 -6.27
CA ILE A 21 -11.95 22.78 -6.99
C ILE A 21 -12.88 22.13 -6.01
N ASP A 22 -14.05 21.68 -6.47
CA ASP A 22 -14.92 20.94 -5.57
C ASP A 22 -14.65 19.43 -5.73
N GLU A 23 -15.21 18.63 -4.82
CA GLU A 23 -14.93 17.21 -4.80
C GLU A 23 -15.44 16.53 -6.04
N GLN A 24 -16.61 16.98 -6.54
CA GLN A 24 -17.21 16.42 -7.76
C GLN A 24 -16.24 16.50 -8.91
N THR A 25 -15.62 17.68 -9.06
CA THR A 25 -14.61 17.92 -10.07
C THR A 25 -13.37 17.09 -9.83
N LEU A 26 -12.81 17.15 -8.62
CA LEU A 26 -11.64 16.31 -8.26
C LEU A 26 -11.84 14.85 -8.64
N ASN A 27 -12.96 14.28 -8.20
CA ASN A 27 -13.19 12.83 -8.37
C ASN A 27 -13.45 12.34 -9.77
N THR A 28 -13.69 13.24 -10.72
CA THR A 28 -13.88 12.87 -12.10
C THR A 28 -12.63 13.12 -13.01
N GLN A 29 -11.53 13.60 -12.44
CA GLN A 29 -10.34 13.96 -13.25
C GLN A 29 -9.39 12.78 -13.49
N GLY A 30 -9.55 11.70 -12.72
CA GLY A 30 -8.68 10.54 -12.83
C GLY A 30 -7.23 10.73 -12.34
N LEU A 31 -7.05 11.51 -11.27
CA LEU A 31 -5.74 11.87 -10.77
C LEU A 31 -5.15 10.69 -10.02
N VAL A 32 -3.82 10.67 -9.95
CA VAL A 32 -3.13 9.72 -9.09
C VAL A 32 -2.35 10.51 -8.06
N VAL A 33 -2.75 10.32 -6.81
CA VAL A 33 -2.21 11.09 -5.67
C VAL A 33 -1.29 10.16 -4.86
N THR A 34 -0.06 10.60 -4.71
CA THR A 34 0.87 10.00 -3.80
C THR A 34 0.80 10.72 -2.46
N THR A 35 0.50 9.98 -1.39
CA THR A 35 0.49 10.58 -0.06
C THR A 35 1.90 10.60 0.55
N THR A 36 2.01 11.28 1.69
CA THR A 36 3.19 11.28 2.52
C THR A 36 3.35 10.06 3.47
N ILE A 37 2.31 9.22 3.55
CA ILE A 37 2.26 8.07 4.45
C ILE A 37 3.40 7.12 4.21
N ASP A 38 4.08 6.74 5.29
CA ASP A 38 5.09 5.68 5.19
C ASP A 38 4.39 4.40 5.63
N PRO A 39 4.26 3.40 4.70
CA PRO A 39 3.58 2.14 5.06
C PRO A 39 4.05 1.52 6.36
N GLN A 40 5.37 1.49 6.55
CA GLN A 40 5.91 0.84 7.71
C GLN A 40 5.47 1.56 9.02
N ALA A 41 5.51 2.89 9.03
CA ALA A 41 5.06 3.67 10.18
C ALA A 41 3.57 3.50 10.42
N GLN A 42 2.82 3.48 9.32
CA GLN A 42 1.37 3.41 9.42
C GLN A 42 0.95 2.07 10.04
N ARG A 43 1.59 1.02 9.60
CA ARG A 43 1.30 -0.28 10.14
C ARG A 43 1.71 -0.39 11.59
N ALA A 44 2.85 0.20 11.94
CA ALA A 44 3.31 0.20 13.32
C ALA A 44 2.33 0.92 14.27
N ALA A 45 1.84 2.08 13.83
CA ALA A 45 0.82 2.83 14.60
C ALA A 45 -0.45 1.97 14.79
N GLU A 46 -0.92 1.36 13.71
CA GLU A 46 -2.12 0.57 13.77
C GLU A 46 -2.00 -0.64 14.69
N LYS A 47 -0.87 -1.32 14.59
N LYS A 47 -0.88 -1.34 14.60
CA LYS A 47 -0.56 -2.46 15.43
CA LYS A 47 -0.62 -2.49 15.44
C LYS A 47 -0.49 -2.10 16.89
C LYS A 47 -0.47 -2.11 16.90
N ALA A 48 0.16 -0.96 17.18
CA ALA A 48 0.35 -0.49 18.57
C ALA A 48 -0.98 -0.19 19.19
N VAL A 49 -1.81 0.56 18.46
CA VAL A 49 -3.16 0.85 18.97
C VAL A 49 -3.92 -0.47 19.28
N ALA A 50 -3.92 -1.38 18.32
CA ALA A 50 -4.71 -2.63 18.50
C ALA A 50 -4.20 -3.42 19.68
N LYS A 51 -2.87 -3.44 19.85
CA LYS A 51 -2.23 -4.19 20.93
C LYS A 51 -2.62 -3.65 22.30
N TYR A 52 -2.55 -2.34 22.46
CA TYR A 52 -2.85 -1.72 23.76
C TYR A 52 -4.31 -1.44 24.07
N LEU A 53 -5.17 -1.38 23.06
CA LEU A 53 -6.56 -1.21 23.29
C LEU A 53 -7.28 -2.57 23.30
N ASP A 54 -6.64 -3.63 22.82
CA ASP A 54 -7.22 -4.99 22.81
C ASP A 54 -7.64 -5.39 24.25
N GLY A 55 -8.85 -5.88 24.37
CA GLY A 55 -9.35 -6.35 25.63
C GLY A 55 -9.81 -5.29 26.61
N GLN A 56 -9.61 -4.00 26.28
CA GLN A 56 -10.11 -2.92 27.11
C GLN A 56 -11.60 -2.67 26.81
N ASP A 57 -12.17 -1.82 27.63
CA ASP A 57 -13.48 -1.20 27.38
C ASP A 57 -13.62 -0.71 25.95
N PRO A 58 -14.69 -1.14 25.25
CA PRO A 58 -14.90 -0.74 23.87
C PRO A 58 -15.12 0.76 23.62
N ASP A 59 -15.39 1.54 24.65
CA ASP A 59 -15.48 3.00 24.51
C ASP A 59 -14.10 3.67 24.51
N MSE A 60 -13.05 2.91 24.73
CA MSE A 60 -11.68 3.50 24.75
C MSE A 60 -11.37 3.80 23.34
O MSE A 60 -11.77 3.06 22.42
CB MSE A 60 -10.69 2.59 25.47
CG MSE A 60 -9.40 3.39 25.70
SE MSE A 60 -8.15 2.28 26.73
CE MSE A 60 -9.12 2.02 28.38
N ARG A 61 -10.64 4.92 23.14
CA ARG A 61 -10.26 5.36 21.84
C ARG A 61 -8.83 5.89 21.88
N ALA A 62 -8.18 5.88 20.72
CA ALA A 62 -6.85 6.49 20.59
C ALA A 62 -6.63 7.18 19.26
N ALA A 63 -5.65 8.10 19.22
CA ALA A 63 -5.30 8.77 17.98
C ALA A 63 -3.78 8.94 17.98
N VAL A 64 -3.15 8.73 16.81
CA VAL A 64 -1.70 8.72 16.64
C VAL A 64 -1.41 9.49 15.36
N VAL A 65 -0.51 10.50 15.45
CA VAL A 65 -0.04 11.20 14.27
C VAL A 65 1.48 11.32 14.38
N SER A 66 2.17 10.99 13.28
CA SER A 66 3.64 11.04 13.17
C SER A 66 3.98 11.97 12.05
N ILE A 67 4.86 12.94 12.28
CA ILE A 67 5.26 13.88 11.27
C ILE A 67 6.81 13.87 11.16
N ASP A 68 7.28 13.93 9.91
CA ASP A 68 8.71 14.14 9.58
C ASP A 68 9.12 15.60 9.82
N PRO A 69 10.01 15.85 10.80
CA PRO A 69 10.38 17.22 11.11
C PRO A 69 11.17 17.89 10.00
N HIS A 70 11.75 17.10 9.09
CA HIS A 70 12.52 17.70 7.96
C HIS A 70 11.64 18.40 6.95
N ASN A 71 10.35 18.06 6.92
CA ASN A 71 9.50 18.60 5.88
C ASN A 71 8.04 18.75 6.16
N GLY A 72 7.59 18.31 7.33
CA GLY A 72 6.18 18.42 7.68
C GLY A 72 5.30 17.31 7.12
N ALA A 73 5.89 16.31 6.48
CA ALA A 73 5.12 15.23 5.90
C ALA A 73 4.49 14.36 7.00
N VAL A 74 3.23 14.01 6.83
CA VAL A 74 2.54 13.12 7.77
C VAL A 74 2.86 11.68 7.39
N ARG A 75 3.65 10.99 8.21
CA ARG A 75 4.12 9.63 7.96
C ARG A 75 3.22 8.55 8.48
N ALA A 76 2.44 8.86 9.52
CA ALA A 76 1.50 7.90 10.04
C ALA A 76 0.34 8.67 10.61
N TYR A 77 -0.84 8.10 10.47
CA TYR A 77 -2.06 8.81 10.83
C TYR A 77 -3.15 7.83 11.19
N TYR A 78 -3.49 7.79 12.48
CA TYR A 78 -4.51 6.89 13.00
C TYR A 78 -5.52 7.75 13.74
N GLY A 79 -6.71 7.92 13.15
CA GLY A 79 -7.81 8.60 13.83
C GLY A 79 -8.96 7.77 14.34
N GLY A 80 -8.90 6.46 14.11
CA GLY A 80 -10.00 5.53 14.43
C GLY A 80 -9.98 4.36 13.45
N ASP A 81 -10.90 3.42 13.68
CA ASP A 81 -11.03 2.15 12.97
C ASP A 81 -12.04 2.17 11.83
N ASN A 82 -12.91 3.19 11.78
CA ASN A 82 -14.03 3.25 10.82
C ASN A 82 -13.83 4.30 9.78
N ALA A 83 -13.77 3.87 8.53
CA ALA A 83 -13.50 4.76 7.38
C ALA A 83 -14.47 5.93 7.31
N ASN A 84 -15.74 5.70 7.63
CA ASN A 84 -16.75 6.76 7.53
C ASN A 84 -17.15 7.41 8.85
N GLY A 85 -16.49 7.01 9.95
CA GLY A 85 -16.73 7.56 11.27
C GLY A 85 -15.84 8.70 11.71
N PHE A 86 -15.66 8.83 13.01
CA PHE A 86 -15.06 10.02 13.53
C PHE A 86 -13.51 9.91 13.54
N ASP A 87 -12.88 11.05 13.24
CA ASP A 87 -11.39 11.19 13.24
C ASP A 87 -10.93 11.91 14.52
N PHE A 88 -10.49 11.12 15.50
CA PHE A 88 -10.01 11.64 16.77
C PHE A 88 -8.68 12.38 16.65
N ALA A 89 -7.96 12.24 15.55
CA ALA A 89 -6.76 13.00 15.29
C ALA A 89 -7.04 14.45 14.86
N GLN A 90 -8.30 14.79 14.55
CA GLN A 90 -8.73 16.17 14.28
C GLN A 90 -9.66 16.75 15.34
N ALA A 91 -10.02 15.97 16.36
CA ALA A 91 -10.91 16.43 17.42
C ALA A 91 -10.25 17.51 18.28
N GLY A 92 -11.03 18.45 18.78
CA GLY A 92 -10.46 19.40 19.74
C GLY A 92 -10.40 18.75 21.12
N LEU A 93 -9.19 18.53 21.62
CA LEU A 93 -9.00 17.80 22.88
C LEU A 93 -8.14 18.57 23.92
N GLN A 94 -8.42 18.41 25.22
CA GLN A 94 -7.62 19.04 26.24
C GLN A 94 -6.28 18.26 26.31
N THR A 95 -5.19 19.02 26.42
CA THR A 95 -3.82 18.46 26.44
C THR A 95 -3.22 18.29 27.80
N GLY A 96 -3.88 18.83 28.82
CA GLY A 96 -3.43 18.74 30.18
C GLY A 96 -1.96 19.04 30.39
N SER A 97 -1.28 18.20 31.15
CA SER A 97 0.10 18.46 31.50
C SER A 97 1.12 18.40 30.37
N SER A 98 0.73 18.01 29.14
CA SER A 98 1.66 18.10 28.01
C SER A 98 1.81 19.50 27.42
N PHE A 99 0.88 20.42 27.70
CA PHE A 99 0.93 21.72 27.04
C PHE A 99 2.04 22.62 27.58
N LYS A 100 2.52 22.35 28.79
CA LYS A 100 3.42 23.30 29.47
C LYS A 100 4.80 23.39 28.79
N VAL A 101 5.08 22.50 27.86
CA VAL A 101 6.25 22.62 26.98
C VAL A 101 6.26 24.03 26.31
N PHE A 102 5.08 24.56 25.97
CA PHE A 102 5.02 25.89 25.33
C PHE A 102 5.31 27.01 26.29
N ALA A 103 5.06 26.79 27.58
CA ALA A 103 5.44 27.77 28.57
C ALA A 103 6.97 27.77 28.75
N LEU A 104 7.58 26.61 28.65
CA LEU A 104 9.06 26.51 28.62
C LEU A 104 9.63 27.25 27.41
N VAL A 105 9.03 27.05 26.24
CA VAL A 105 9.46 27.81 25.05
C VAL A 105 9.35 29.30 25.35
N ALA A 106 8.17 29.70 25.85
CA ALA A 106 7.95 31.12 26.14
C ALA A 106 9.00 31.71 27.11
N ALA A 107 9.32 30.98 28.16
CA ALA A 107 10.28 31.39 29.18
C ALA A 107 11.71 31.49 28.62
N LEU A 108 12.15 30.47 27.89
CA LEU A 108 13.47 30.52 27.26
C LEU A 108 13.57 31.69 26.27
N GLU A 109 12.48 31.98 25.55
CA GLU A 109 12.46 33.12 24.64
C GLU A 109 12.62 34.46 25.35
N GLN A 110 12.25 34.53 26.62
CA GLN A 110 12.49 35.72 27.45
C GLN A 110 13.79 35.64 28.25
N GLY A 111 14.66 34.71 27.89
CA GLY A 111 16.01 34.64 28.48
C GLY A 111 16.08 33.97 29.83
N ILE A 112 15.04 33.21 30.20
CA ILE A 112 15.05 32.43 31.42
C ILE A 112 15.55 31.03 31.08
N GLY A 113 16.67 30.64 31.68
CA GLY A 113 17.29 29.34 31.37
C GLY A 113 16.83 28.12 32.17
N LEU A 114 17.31 26.96 31.78
CA LEU A 114 16.83 25.70 32.41
C LEU A 114 17.16 25.55 33.88
N GLY A 115 18.16 26.28 34.36
CA GLY A 115 18.50 26.27 35.76
C GLY A 115 17.70 27.18 36.68
N TYR A 116 16.77 27.97 36.13
CA TYR A 116 15.99 28.91 36.87
C TYR A 116 15.13 28.13 37.85
N GLN A 117 15.14 28.57 39.10
CA GLN A 117 14.46 27.82 40.19
C GLN A 117 13.09 28.39 40.51
N VAL A 118 12.13 27.50 40.67
CA VAL A 118 10.77 27.89 40.95
C VAL A 118 10.16 26.94 42.01
N ASP A 119 9.32 27.51 42.83
CA ASP A 119 8.56 26.75 43.83
C ASP A 119 7.54 25.86 43.13
N SER A 120 7.41 24.61 43.61
CA SER A 120 6.45 23.61 43.07
C SER A 120 5.26 23.30 43.99
N SER A 121 5.20 23.98 45.13
CA SER A 121 4.16 23.71 46.11
C SER A 121 2.79 24.07 45.55
N PRO A 122 1.69 23.62 46.25
CA PRO A 122 0.38 24.05 45.76
C PRO A 122 0.19 25.59 45.81
N LEU A 123 -0.72 26.07 44.98
CA LEU A 123 -0.90 27.50 44.69
C LEU A 123 -2.40 27.76 44.69
N THR A 124 -2.87 28.89 45.23
CA THR A 124 -4.26 29.33 44.97
C THR A 124 -4.28 30.70 44.28
N VAL A 125 -5.03 30.83 43.19
CA VAL A 125 -5.04 32.04 42.35
C VAL A 125 -6.47 32.28 41.90
N ASP A 126 -7.03 33.42 42.29
CA ASP A 126 -8.42 33.83 41.94
C ASP A 126 -9.50 32.79 42.39
N GLY A 127 -9.25 32.17 43.55
CA GLY A 127 -10.16 31.19 44.16
C GLY A 127 -10.01 29.76 43.70
N ILE A 128 -9.19 29.52 42.67
CA ILE A 128 -8.97 28.16 42.17
C ILE A 128 -7.67 27.63 42.79
N LYS A 129 -7.74 26.43 43.35
CA LYS A 129 -6.58 25.72 43.86
C LYS A 129 -5.95 24.97 42.70
N ILE A 130 -4.63 25.07 42.61
CA ILE A 130 -3.88 24.52 41.52
C ILE A 130 -3.00 23.45 42.14
N THR A 131 -3.15 22.21 41.70
CA THR A 131 -2.30 21.11 42.17
C THR A 131 -1.93 20.27 40.93
N ASN A 132 -0.95 19.40 41.13
CA ASN A 132 -0.34 18.60 40.07
C ASN A 132 -1.06 17.26 39.85
N VAL A 133 -1.61 17.04 38.65
CA VAL A 133 -2.43 15.84 38.36
C VAL A 133 -1.64 14.56 38.57
N GLU A 134 -0.37 14.62 38.17
CA GLU A 134 0.54 13.48 38.28
C GLU A 134 1.13 13.32 39.73
N GLY A 135 0.92 14.29 40.63
CA GLY A 135 1.08 14.10 42.07
C GLY A 135 2.50 14.22 42.61
N GLU A 136 3.38 14.93 41.88
CA GLU A 136 4.77 15.08 42.26
C GLU A 136 4.95 16.53 42.83
N GLY A 137 5.97 16.72 43.64
CA GLY A 137 6.42 18.07 44.08
C GLY A 137 7.90 17.95 44.35
N CYS A 138 8.64 19.06 44.33
CA CYS A 138 10.13 19.02 44.50
C CYS A 138 10.61 20.08 45.53
N GLY A 139 9.65 20.71 46.24
CA GLY A 139 9.91 21.98 46.90
C GLY A 139 10.22 23.03 45.83
N THR A 140 11.42 23.60 45.86
CA THR A 140 11.91 24.50 44.82
C THR A 140 12.92 23.73 43.98
N CYS A 141 12.79 23.75 42.67
CA CYS A 141 13.75 23.07 41.78
C CYS A 141 13.77 23.78 40.44
N ASN A 142 14.77 23.49 39.65
CA ASN A 142 14.83 24.10 38.31
C ASN A 142 13.71 23.68 37.34
N ILE A 143 13.50 24.52 36.32
CA ILE A 143 12.35 24.31 35.42
C ILE A 143 12.52 23.08 34.48
N ALA A 144 13.77 22.66 34.24
CA ALA A 144 13.97 21.41 33.56
C ALA A 144 13.46 20.20 34.41
N GLU A 145 13.79 20.19 35.70
CA GLU A 145 13.37 19.13 36.60
C GLU A 145 11.83 19.18 36.71
N ALA A 146 11.30 20.38 36.77
CA ALA A 146 9.84 20.58 36.84
C ALA A 146 9.15 20.04 35.62
N LEU A 147 9.78 20.19 34.44
CA LEU A 147 9.16 19.61 33.26
C LEU A 147 9.11 18.08 33.34
N LYS A 148 10.26 17.47 33.65
CA LYS A 148 10.34 16.02 33.78
C LYS A 148 9.31 15.45 34.79
N MSE A 149 9.17 16.11 35.93
CA MSE A 149 8.25 15.68 36.99
C MSE A 149 6.82 16.14 36.73
O MSE A 149 5.92 15.86 37.57
CB MSE A 149 8.79 16.21 38.35
CG MSE A 149 10.05 15.43 38.70
SE MSE A 149 10.71 16.15 40.44
CE MSE A 149 9.33 15.31 41.52
N SER A 150 6.58 16.85 35.65
CA SER A 150 5.25 17.32 35.25
C SER A 150 4.60 18.27 36.28
N LEU A 151 5.40 19.20 36.77
CA LEU A 151 4.94 20.07 37.85
C LEU A 151 4.16 21.26 37.26
N ASN A 152 2.83 21.06 37.18
CA ASN A 152 1.96 22.14 36.74
C ASN A 152 2.08 23.39 37.62
N THR A 153 2.19 23.22 38.92
CA THR A 153 2.32 24.35 39.86
C THR A 153 3.50 25.25 39.49
N SER A 154 4.65 24.63 39.29
CA SER A 154 5.90 25.36 38.91
C SER A 154 5.65 26.18 37.62
N TYR A 155 5.03 25.53 36.62
CA TYR A 155 4.87 26.18 35.33
C TYR A 155 3.80 27.27 35.37
N TYR A 156 2.87 27.15 36.30
CA TYR A 156 1.86 28.19 36.48
C TYR A 156 2.54 29.43 37.05
N ARG A 157 3.40 29.22 38.06
CA ARG A 157 4.21 30.34 38.58
C ARG A 157 5.11 30.89 37.51
N LEU A 158 5.79 30.00 36.76
CA LEU A 158 6.65 30.47 35.67
C LEU A 158 5.88 31.34 34.66
N MSE A 159 4.71 30.89 34.23
CA MSE A 159 3.87 31.69 33.27
C MSE A 159 3.61 33.12 33.80
O MSE A 159 3.79 34.10 33.06
CB MSE A 159 2.59 30.96 32.96
CG MSE A 159 1.52 31.83 32.27
SE MSE A 159 -0.20 30.89 32.28
CE MSE A 159 -0.59 30.94 34.20
N LEU A 160 3.25 33.24 35.07
CA LEU A 160 2.98 34.56 35.69
C LEU A 160 4.22 35.46 35.86
N LYS A 161 5.40 34.89 35.72
CA LYS A 161 6.61 35.70 35.61
C LYS A 161 6.87 36.30 34.27
N LEU A 162 6.22 35.78 33.24
CA LEU A 162 6.54 36.18 31.89
C LEU A 162 5.86 37.47 31.53
N ASN A 163 6.55 38.26 30.73
CA ASN A 163 5.93 39.37 30.01
C ASN A 163 4.78 38.83 29.15
N GLY A 164 3.56 39.28 29.43
CA GLY A 164 2.37 38.84 28.72
C GLY A 164 1.66 37.65 29.37
N GLY A 165 2.25 37.02 30.36
CA GLY A 165 1.65 35.88 31.06
C GLY A 165 1.07 34.78 30.18
N PRO A 166 -0.25 34.48 30.34
CA PRO A 166 -0.81 33.42 29.46
C PRO A 166 -0.74 33.74 27.99
N GLN A 167 -0.78 35.01 27.59
CA GLN A 167 -0.60 35.33 26.16
C GLN A 167 0.76 34.92 25.63
N ALA A 168 1.79 35.02 26.44
CA ALA A 168 3.13 34.51 26.06
C ALA A 168 3.11 33.01 25.78
N VAL A 169 2.29 32.29 26.53
CA VAL A 169 2.18 30.83 26.34
C VAL A 169 1.46 30.49 25.02
N ALA A 170 0.33 31.17 24.79
CA ALA A 170 -0.40 30.99 23.55
C ALA A 170 0.49 31.43 22.35
N ASP A 171 1.22 32.52 22.49
CA ASP A 171 2.06 33.00 21.37
C ASP A 171 3.14 31.98 21.02
N ALA A 172 3.76 31.39 22.04
CA ALA A 172 4.74 30.36 21.80
C ALA A 172 4.13 29.08 21.19
N ALA A 173 2.96 28.68 21.65
CA ALA A 173 2.31 27.50 21.11
C ALA A 173 1.94 27.72 19.61
N HIS A 174 1.30 28.85 19.32
CA HIS A 174 0.97 29.22 17.96
C HIS A 174 2.19 29.29 17.05
N GLN A 175 3.28 29.87 17.55
CA GLN A 175 4.51 29.96 16.80
C GLN A 175 5.11 28.60 16.50
N ALA A 176 4.98 27.65 17.46
CA ALA A 176 5.49 26.33 17.32
C ALA A 176 4.74 25.53 16.24
N GLY A 177 3.50 25.95 15.99
CA GLY A 177 2.66 25.28 15.01
C GLY A 177 1.32 24.77 15.50
N ILE A 178 0.96 25.12 16.73
CA ILE A 178 -0.38 24.86 17.16
C ILE A 178 -1.26 25.79 16.29
N ALA A 179 -2.13 25.22 15.46
CA ALA A 179 -2.91 26.03 14.51
C ALA A 179 -3.79 27.03 15.23
N SER A 180 -3.94 28.21 14.63
CA SER A 180 -4.77 29.30 15.18
C SER A 180 -6.24 29.06 15.06
N SER A 181 -6.60 28.15 14.18
CA SER A 181 -7.98 27.69 14.05
C SER A 181 -8.04 26.27 13.49
N PHE A 182 -9.15 25.61 13.77
CA PHE A 182 -9.51 24.38 13.09
C PHE A 182 -11.03 24.18 13.17
N PRO A 183 -11.56 23.19 12.43
CA PRO A 183 -13.03 22.99 12.41
C PRO A 183 -13.66 22.81 13.81
N GLY A 184 -14.61 23.69 14.13
CA GLY A 184 -15.20 23.82 15.46
C GLY A 184 -14.55 24.86 16.35
N VAL A 185 -13.35 25.34 16.00
CA VAL A 185 -12.66 26.34 16.84
C VAL A 185 -12.08 27.45 15.96
N ALA A 186 -12.74 28.59 15.93
CA ALA A 186 -12.36 29.69 15.05
C ALA A 186 -11.08 30.35 15.50
N HIS A 187 -10.92 30.43 16.82
CA HIS A 187 -9.77 31.06 17.43
C HIS A 187 -9.30 30.19 18.59
N THR A 188 -8.21 29.49 18.37
CA THR A 188 -7.71 28.63 19.41
C THR A 188 -6.96 29.43 20.47
N LEU A 189 -6.93 28.86 21.68
CA LEU A 189 -6.18 29.38 22.81
C LEU A 189 -6.64 30.83 23.14
N SER A 190 -7.96 31.00 23.09
CA SER A 190 -8.61 32.32 23.28
C SER A 190 -9.85 32.17 24.15
N GLU A 191 -9.92 32.88 25.28
CA GLU A 191 -10.96 32.62 26.26
C GLU A 191 -12.34 33.07 25.76
N ASP A 192 -12.38 34.19 25.10
CA ASP A 192 -13.65 34.67 24.55
C ASP A 192 -14.06 33.95 23.26
N GLY A 193 -13.11 33.29 22.59
CA GLY A 193 -13.38 32.58 21.34
C GLY A 193 -13.20 33.42 20.09
N LYS A 194 -12.83 34.70 20.27
CA LYS A 194 -12.80 35.67 19.19
C LYS A 194 -11.42 36.16 18.79
N GLY A 195 -10.37 35.67 19.45
CA GLY A 195 -9.01 36.19 19.26
C GLY A 195 -8.51 36.94 20.47
N GLY A 196 -9.36 37.13 21.47
CA GLY A 196 -8.94 37.59 22.78
C GLY A 196 -7.99 36.63 23.50
N PRO A 197 -7.44 37.08 24.64
CA PRO A 197 -6.37 36.30 25.26
C PRO A 197 -6.85 35.07 25.97
N PRO A 198 -5.96 34.09 26.17
CA PRO A 198 -6.32 32.96 27.01
C PRO A 198 -6.34 33.33 28.46
N ASN A 199 -7.02 32.56 29.28
CA ASN A 199 -6.82 32.67 30.71
C ASN A 199 -5.62 31.83 31.17
N ASN A 200 -5.33 31.89 32.45
CA ASN A 200 -4.23 31.16 33.07
C ASN A 200 -4.27 29.64 32.87
N GLY A 201 -5.47 29.06 32.64
CA GLY A 201 -5.60 27.61 32.43
C GLY A 201 -4.88 27.08 31.17
N ILE A 202 -4.49 27.96 30.25
CA ILE A 202 -3.67 27.50 29.10
C ILE A 202 -2.48 26.69 29.52
N VAL A 203 -1.79 27.07 30.58
CA VAL A 203 -0.58 26.33 31.02
C VAL A 203 -0.90 24.94 31.60
N LEU A 204 -2.15 24.77 31.99
CA LEU A 204 -2.72 23.51 32.43
C LEU A 204 -3.32 22.66 31.31
N GLY A 205 -3.16 23.05 30.04
CA GLY A 205 -3.64 22.30 28.91
C GLY A 205 -5.14 22.21 28.83
N GLN A 206 -5.82 23.30 29.26
CA GLN A 206 -7.32 23.27 29.29
C GLN A 206 -7.99 23.67 28.00
N TYR A 207 -7.30 24.37 27.10
CA TYR A 207 -7.84 24.64 25.78
C TYR A 207 -7.79 23.39 24.87
N GLN A 208 -8.70 23.35 23.92
CA GLN A 208 -8.72 22.31 22.89
C GLN A 208 -7.69 22.49 21.80
N THR A 209 -7.00 21.39 21.50
CA THR A 209 -5.92 21.26 20.52
C THR A 209 -6.04 19.88 19.87
N ARG A 210 -5.60 19.75 18.62
CA ARG A 210 -5.69 18.47 17.93
C ARG A 210 -4.42 17.69 18.12
N VAL A 211 -4.55 16.39 17.99
CA VAL A 211 -3.36 15.48 17.99
C VAL A 211 -2.41 15.88 16.88
N ILE A 212 -2.95 16.21 15.69
CA ILE A 212 -2.05 16.60 14.60
C ILE A 212 -1.28 17.90 14.93
N ASP A 213 -1.92 18.84 15.65
CA ASP A 213 -1.25 20.09 16.09
C ASP A 213 -0.06 19.77 17.00
N MSE A 214 -0.24 18.81 17.89
CA MSE A 214 0.82 18.48 18.88
C MSE A 214 1.98 17.81 18.18
O MSE A 214 3.12 18.17 18.43
CB MSE A 214 0.24 17.60 20.03
CG MSE A 214 -0.73 18.34 20.91
SE MSE A 214 0.12 19.78 22.00
CE MSE A 214 0.87 18.72 23.44
N ALA A 215 1.72 16.89 17.27
CA ALA A 215 2.77 16.24 16.51
C ALA A 215 3.56 17.28 15.71
N SER A 216 2.86 18.24 15.14
CA SER A 216 3.49 19.28 14.31
C SER A 216 4.33 20.25 15.10
N ALA A 217 3.78 20.73 16.21
CA ALA A 217 4.51 21.67 17.07
C ALA A 217 5.74 21.03 17.66
N TYR A 218 5.65 19.76 18.08
CA TYR A 218 6.84 19.07 18.58
C TYR A 218 7.87 18.77 17.44
N ALA A 219 7.35 18.62 16.22
CA ALA A 219 8.25 18.45 15.06
C ALA A 219 9.08 19.73 14.85
N THR A 220 8.46 20.88 15.08
CA THR A 220 9.23 22.15 15.02
C THR A 220 10.44 22.13 15.99
N LEU A 221 10.19 21.66 17.20
CA LEU A 221 11.23 21.50 18.22
C LEU A 221 12.28 20.52 17.76
N ALA A 222 11.83 19.39 17.19
CA ALA A 222 12.73 18.36 16.65
C ALA A 222 13.66 18.86 15.55
N ALA A 223 13.20 19.87 14.83
CA ALA A 223 13.93 20.50 13.70
C ALA A 223 14.65 21.78 14.16
N SER A 224 14.97 21.87 15.45
CA SER A 224 15.68 23.03 16.01
C SER A 224 14.97 24.36 15.72
N GLY A 225 13.64 24.34 15.74
CA GLY A 225 12.83 25.50 15.62
C GLY A 225 12.34 25.85 14.24
N ILE A 226 12.67 25.04 13.25
CA ILE A 226 12.17 25.23 11.89
C ILE A 226 10.83 24.53 11.75
N TYR A 227 9.83 25.31 11.33
CA TYR A 227 8.48 24.85 11.11
C TYR A 227 8.21 24.52 9.63
N HIS A 228 7.47 23.41 9.39
CA HIS A 228 6.94 23.07 8.04
C HIS A 228 5.46 22.76 8.20
N PRO A 229 4.57 23.40 7.42
CA PRO A 229 3.17 23.04 7.57
C PRO A 229 2.92 21.55 7.32
N PRO A 230 2.15 20.94 8.20
CA PRO A 230 1.86 19.53 8.02
C PRO A 230 1.07 19.27 6.77
N HIS A 231 1.40 18.23 6.04
CA HIS A 231 0.68 17.92 4.83
C HIS A 231 0.67 16.44 4.54
N PHE A 232 -0.35 16.02 3.80
CA PHE A 232 -0.55 14.63 3.45
C PHE A 232 -0.21 14.28 1.99
N VAL A 233 -0.13 15.30 1.13
CA VAL A 233 0.07 15.06 -0.32
C VAL A 233 1.53 15.32 -0.69
N GLN A 234 2.17 14.29 -1.24
CA GLN A 234 3.50 14.33 -1.73
C GLN A 234 3.53 14.68 -3.19
N LYS A 235 2.65 14.08 -3.97
CA LYS A 235 2.68 14.31 -5.42
C LYS A 235 1.31 14.03 -6.03
N VAL A 236 1.02 14.79 -7.07
CA VAL A 236 -0.21 14.61 -7.83
C VAL A 236 0.12 14.58 -9.32
N VAL A 237 -0.32 13.53 -10.00
CA VAL A 237 -0.14 13.47 -11.46
C VAL A 237 -1.50 13.30 -12.13
N SER A 238 -1.58 13.81 -13.36
CA SER A 238 -2.79 13.74 -14.15
C SER A 238 -3.01 12.28 -14.68
N ALA A 239 -4.17 12.03 -15.25
CA ALA A 239 -4.53 10.74 -15.86
C ALA A 239 -3.40 10.21 -16.80
N ASN A 240 -2.90 11.11 -17.62
CA ASN A 240 -1.74 10.79 -18.51
C ASN A 240 -0.31 11.27 -18.08
N GLY A 241 -0.08 11.38 -16.78
CA GLY A 241 1.26 11.42 -16.21
C GLY A 241 1.91 12.76 -16.03
N GLN A 242 1.17 13.84 -16.26
CA GLN A 242 1.71 15.18 -16.02
C GLN A 242 1.72 15.52 -14.54
N VAL A 243 2.89 15.95 -14.02
CA VAL A 243 3.02 16.29 -12.64
C VAL A 243 2.29 17.61 -12.46
N LEU A 244 1.31 17.61 -11.55
CA LEU A 244 0.50 18.82 -11.23
C LEU A 244 0.89 19.45 -9.93
N PHE A 245 1.49 18.67 -9.03
CA PHE A 245 2.02 19.12 -7.77
C PHE A 245 3.09 18.11 -7.32
N ASP A 246 4.16 18.63 -6.74
CA ASP A 246 5.24 17.77 -6.22
C ASP A 246 5.88 18.50 -5.05
N ALA A 247 5.64 18.03 -3.83
CA ALA A 247 6.27 18.64 -2.64
C ALA A 247 7.81 18.59 -2.74
N SER A 248 8.33 17.62 -3.49
CA SER A 248 9.80 17.48 -3.64
C SER A 248 10.40 18.67 -4.38
N THR A 249 9.70 19.22 -5.36
CA THR A 249 10.25 20.31 -6.16
C THR A 249 10.14 21.71 -5.54
N ALA A 250 9.31 21.89 -4.50
CA ALA A 250 9.01 23.23 -3.93
C ALA A 250 10.12 23.80 -3.03
N ASP A 251 9.91 25.04 -2.54
CA ASP A 251 10.84 25.76 -1.62
C ASP A 251 10.76 25.21 -0.19
N ASN A 252 11.60 24.22 0.08
CA ASN A 252 11.47 23.40 1.28
C ASN A 252 12.40 23.86 2.43
N THR A 253 12.90 25.10 2.37
CA THR A 253 13.28 25.77 3.61
C THR A 253 11.95 25.92 4.35
N GLY A 254 12.00 25.93 5.67
CA GLY A 254 10.79 26.13 6.46
C GLY A 254 10.70 27.58 6.83
N ASP A 255 10.09 27.83 7.99
CA ASP A 255 10.18 29.14 8.64
C ASP A 255 10.79 28.95 10.01
N GLN A 256 11.79 29.77 10.35
CA GLN A 256 12.36 29.71 11.68
C GLN A 256 11.33 30.34 12.63
N ARG A 257 10.55 29.51 13.32
CA ARG A 257 9.50 29.96 14.20
C ARG A 257 10.00 30.15 15.65
N ILE A 258 10.89 29.28 16.08
CA ILE A 258 11.46 29.31 17.41
C ILE A 258 12.98 29.38 17.23
N PRO A 259 13.69 30.25 17.99
CA PRO A 259 15.14 30.29 17.83
C PRO A 259 15.83 28.97 18.15
N LYS A 260 16.87 28.66 17.41
CA LYS A 260 17.51 27.35 17.56
C LYS A 260 17.96 27.03 19.01
N ALA A 261 18.60 27.99 19.67
CA ALA A 261 19.06 27.76 21.06
C ALA A 261 17.88 27.41 22.00
N VAL A 262 16.74 28.03 21.76
CA VAL A 262 15.54 27.79 22.57
C VAL A 262 15.09 26.37 22.31
N ALA A 263 14.94 26.00 21.04
CA ALA A 263 14.41 24.67 20.70
C ALA A 263 15.31 23.56 21.22
N ASP A 264 16.64 23.75 21.07
CA ASP A 264 17.58 22.76 21.53
C ASP A 264 17.62 22.62 23.08
N ASN A 265 17.32 23.69 23.82
CA ASN A 265 17.27 23.54 25.25
C ASN A 265 15.95 22.87 25.67
N VAL A 266 14.86 23.12 24.94
CA VAL A 266 13.64 22.35 25.21
C VAL A 266 13.90 20.86 25.04
N THR A 267 14.51 20.51 23.93
CA THR A 267 14.89 19.11 23.65
C THR A 267 15.75 18.50 24.79
N ALA A 268 16.72 19.27 25.29
CA ALA A 268 17.59 18.80 26.37
C ALA A 268 16.76 18.48 27.63
N ALA A 269 15.79 19.33 27.94
CA ALA A 269 14.93 19.11 29.13
C ALA A 269 14.05 17.87 28.95
N MSE A 270 13.65 17.62 27.72
CA MSE A 270 12.75 16.49 27.38
C MSE A 270 13.48 15.15 27.18
O MSE A 270 12.84 14.07 27.23
CB MSE A 270 11.91 16.85 26.15
CG MSE A 270 10.85 17.90 26.44
SE MSE A 270 9.96 18.48 24.77
CE MSE A 270 9.21 16.77 24.23
N GLU A 271 14.79 15.19 26.93
CA GLU A 271 15.50 13.94 26.66
C GLU A 271 15.32 12.80 27.72
N PRO A 272 15.38 13.13 29.02
CA PRO A 272 15.21 12.08 30.06
C PRO A 272 13.80 11.57 30.25
N ILE A 273 12.83 12.23 29.62
CA ILE A 273 11.44 12.00 30.07
C ILE A 273 10.88 10.65 29.65
N ALA A 274 11.17 10.17 28.44
CA ALA A 274 10.72 8.81 28.10
C ALA A 274 11.13 7.73 29.11
N GLY A 275 12.37 7.74 29.56
CA GLY A 275 12.83 6.75 30.50
C GLY A 275 12.29 7.02 31.87
N TYR A 276 12.14 8.28 32.24
CA TYR A 276 11.65 8.60 33.55
C TYR A 276 10.18 8.10 33.64
N SER A 277 9.46 8.14 32.52
CA SER A 277 8.03 7.94 32.46
C SER A 277 7.76 6.43 32.32
N ARG A 278 8.03 5.72 33.40
N ARG A 278 7.95 5.67 33.38
CA ARG A 278 7.87 4.28 33.51
CA ARG A 278 7.71 4.24 33.33
C ARG A 278 8.64 3.41 32.50
C ARG A 278 8.57 3.48 32.33
N GLY A 279 9.84 3.86 32.17
CA GLY A 279 10.76 3.06 31.35
C GLY A 279 10.37 2.90 29.88
N HIS A 280 9.93 3.98 29.27
CA HIS A 280 9.55 3.99 27.85
C HIS A 280 10.60 4.59 26.92
N ASN A 281 11.87 4.43 27.26
CA ASN A 281 12.93 4.68 26.27
C ASN A 281 12.74 3.83 25.05
N LEU A 282 13.07 4.42 23.90
CA LEU A 282 13.01 3.71 22.61
C LEU A 282 14.02 2.57 22.54
N ALA A 283 13.65 1.51 21.83
CA ALA A 283 14.44 0.32 21.72
C ALA A 283 15.83 0.59 21.16
N GLY A 284 16.78 -0.23 21.57
CA GLY A 284 18.08 -0.25 20.93
C GLY A 284 18.90 0.96 21.30
N GLY A 285 18.64 1.56 22.46
CA GLY A 285 19.31 2.76 22.97
C GLY A 285 19.14 4.03 22.17
N ARG A 286 18.05 4.11 21.42
CA ARG A 286 17.79 5.26 20.60
C ARG A 286 17.31 6.40 21.50
N ASP A 287 17.96 7.55 21.40
CA ASP A 287 17.57 8.74 22.18
C ASP A 287 16.22 9.26 21.70
N SER A 288 15.53 9.93 22.61
CA SER A 288 14.30 10.61 22.30
C SER A 288 14.08 11.81 23.20
N ALA A 289 13.09 12.63 22.84
CA ALA A 289 12.67 13.77 23.65
C ALA A 289 11.17 13.69 23.72
N ALA A 290 10.61 13.62 24.93
CA ALA A 290 9.21 13.33 25.06
C ALA A 290 8.57 14.09 26.21
N LYS A 291 7.26 14.09 26.20
CA LYS A 291 6.48 14.71 27.24
C LYS A 291 5.14 13.98 27.38
N THR A 292 4.84 13.58 28.61
CA THR A 292 3.54 12.95 28.94
C THR A 292 2.52 14.03 29.26
N GLY A 293 1.24 13.66 29.11
CA GLY A 293 0.16 14.52 29.59
C GLY A 293 -0.98 13.73 30.15
N THR A 294 -1.63 14.33 31.15
CA THR A 294 -2.90 13.82 31.72
C THR A 294 -3.77 15.00 32.01
N THR A 295 -5.07 14.83 31.74
CA THR A 295 -6.07 15.82 32.14
C THR A 295 -6.88 15.24 33.30
N GLN A 296 -7.38 16.14 34.15
CA GLN A 296 -8.18 15.73 35.29
C GLN A 296 -9.65 15.66 34.87
N PHE A 297 -10.38 14.73 35.45
CA PHE A 297 -11.81 14.62 35.18
C PHE A 297 -12.52 15.47 36.22
N GLY A 298 -13.25 16.49 35.75
CA GLY A 298 -14.02 17.39 36.62
C GLY A 298 -13.08 18.05 37.59
N ASP A 299 -13.41 18.08 38.88
CA ASP A 299 -12.40 18.38 39.91
C ASP A 299 -12.29 17.16 40.90
N THR A 300 -12.21 15.97 40.30
CA THR A 300 -12.03 14.73 41.03
C THR A 300 -10.58 14.32 40.95
N THR A 301 -10.27 13.19 41.57
CA THR A 301 -8.93 12.61 41.45
C THR A 301 -8.83 11.67 40.23
N ALA A 302 -9.89 11.53 39.41
CA ALA A 302 -9.87 10.75 38.17
C ALA A 302 -9.32 11.56 37.00
N ASN A 303 -8.94 10.84 35.94
CA ASN A 303 -8.37 11.45 34.73
C ASN A 303 -9.35 11.32 33.57
N LYS A 304 -9.19 12.17 32.56
CA LYS A 304 -10.07 12.19 31.38
C LYS A 304 -9.35 11.84 30.06
N ASP A 305 -8.18 12.40 29.86
CA ASP A 305 -7.43 12.27 28.61
C ASP A 305 -6.02 11.91 29.01
N ALA A 306 -5.29 11.20 28.18
CA ALA A 306 -3.86 10.93 28.55
C ALA A 306 -3.07 11.00 27.25
N TRP A 307 -1.86 11.54 27.32
CA TRP A 307 -1.07 11.82 26.14
C TRP A 307 0.39 11.39 26.30
N MSE A 308 1.01 11.06 25.18
CA MSE A 308 2.51 11.04 25.07
C MSE A 308 2.85 11.60 23.73
O MSE A 308 2.33 11.17 22.70
CB MSE A 308 3.05 9.63 25.22
CG MSE A 308 4.60 9.52 25.01
SE MSE A 308 5.50 10.62 26.32
CE MSE A 308 6.90 9.36 26.97
N VAL A 309 3.71 12.65 23.75
CA VAL A 309 4.14 13.29 22.53
C VAL A 309 5.65 13.34 22.56
N GLY A 310 6.30 12.81 21.55
CA GLY A 310 7.73 12.81 21.60
C GLY A 310 8.37 12.56 20.25
N TYR A 311 9.67 12.85 20.18
CA TYR A 311 10.37 12.88 18.90
C TYR A 311 11.82 12.44 18.90
N THR A 312 12.26 12.08 17.70
CA THR A 312 13.71 12.07 17.34
C THR A 312 13.87 13.17 16.31
N PRO A 313 15.12 13.40 15.83
CA PRO A 313 15.28 14.41 14.79
C PRO A 313 14.49 14.08 13.52
N SER A 314 14.10 12.81 13.33
CA SER A 314 13.50 12.35 12.09
C SER A 314 12.02 11.97 12.12
N LEU A 315 11.43 11.92 13.33
CA LEU A 315 9.97 11.64 13.44
C LEU A 315 9.47 12.21 14.77
N SER A 316 8.32 12.86 14.71
CA SER A 316 7.60 13.40 15.89
C SER A 316 6.22 12.74 15.96
N THR A 317 5.91 12.01 17.03
CA THR A 317 4.65 11.28 17.15
C THR A 317 3.87 11.77 18.41
N ALA A 318 2.61 12.14 18.19
CA ALA A 318 1.70 12.46 19.29
C ALA A 318 0.68 11.34 19.42
N VAL A 319 0.39 10.91 20.66
CA VAL A 319 -0.57 9.88 20.97
C VAL A 319 -1.53 10.44 22.06
N TRP A 320 -2.82 10.32 21.77
CA TRP A 320 -3.92 10.52 22.76
C TRP A 320 -4.67 9.23 22.99
N VAL A 321 -5.09 9.04 24.25
CA VAL A 321 -6.05 8.02 24.64
C VAL A 321 -7.13 8.71 25.46
N GLY A 322 -8.41 8.40 25.13
CA GLY A 322 -9.53 8.88 25.93
C GLY A 322 -10.69 7.93 25.69
N THR A 323 -11.91 8.42 25.89
CA THR A 323 -13.09 7.61 25.66
C THR A 323 -13.95 8.29 24.63
N VAL A 324 -14.82 7.49 24.00
CA VAL A 324 -15.62 8.00 22.89
C VAL A 324 -16.63 9.04 23.36
N LYS A 325 -17.24 8.80 24.53
CA LYS A 325 -18.13 9.78 25.12
C LYS A 325 -17.40 11.03 25.62
N GLY A 326 -16.16 10.91 26.06
CA GLY A 326 -15.45 12.03 26.65
C GLY A 326 -15.94 12.58 27.98
N ASP A 327 -16.84 11.85 28.66
CA ASP A 327 -17.55 12.36 29.82
C ASP A 327 -17.36 11.47 31.06
N GLU A 328 -16.27 10.71 31.14
CA GLU A 328 -16.16 9.72 32.22
C GLU A 328 -14.70 9.41 32.60
N PRO A 329 -14.48 8.89 33.82
CA PRO A 329 -13.10 8.58 34.24
C PRO A 329 -12.40 7.65 33.24
N LEU A 330 -11.16 8.00 32.93
CA LEU A 330 -10.30 7.19 32.09
C LEU A 330 -9.54 6.14 32.91
N VAL A 331 -9.96 4.88 32.83
CA VAL A 331 -9.35 3.79 33.61
C VAL A 331 -9.06 2.59 32.72
N THR A 332 -8.05 1.80 33.08
CA THR A 332 -7.83 0.52 32.45
C THR A 332 -8.81 -0.51 33.09
N ALA A 333 -8.82 -1.68 32.48
CA ALA A 333 -9.54 -2.87 32.95
C ALA A 333 -9.19 -3.29 34.40
N SER A 334 -7.96 -2.98 34.83
CA SER A 334 -7.52 -3.21 36.22
C SER A 334 -8.21 -2.30 37.26
N GLY A 335 -8.86 -1.24 36.80
CA GLY A 335 -9.53 -0.23 37.64
C GLY A 335 -8.75 1.07 37.79
N ALA A 336 -7.46 1.01 37.47
CA ALA A 336 -6.52 2.09 37.73
C ALA A 336 -6.66 3.20 36.73
N ALA A 337 -6.35 4.42 37.14
CA ALA A 337 -6.43 5.55 36.22
C ALA A 337 -5.33 5.44 35.16
N ILE A 338 -5.64 5.93 33.97
CA ILE A 338 -4.68 6.03 32.87
C ILE A 338 -4.04 7.40 32.91
N TYR A 339 -2.70 7.41 33.05
CA TYR A 339 -1.90 8.63 32.94
C TYR A 339 -1.13 8.59 31.61
N GLY A 340 -0.50 9.71 31.25
CA GLY A 340 0.23 9.75 30.02
C GLY A 340 1.37 8.76 29.96
N SER A 341 1.96 8.47 31.12
CA SER A 341 3.08 7.52 31.28
C SER A 341 2.65 6.04 31.10
N GLY A 342 1.36 5.74 30.98
CA GLY A 342 0.84 4.38 30.80
C GLY A 342 0.52 4.09 29.33
N LEU A 343 -0.75 3.78 29.04
CA LEU A 343 -1.15 3.33 27.69
C LEU A 343 -0.67 4.27 26.53
N PRO A 344 -0.82 5.60 26.66
CA PRO A 344 -0.40 6.47 25.54
C PRO A 344 1.13 6.31 25.31
N SER A 345 1.89 6.15 26.36
CA SER A 345 3.34 5.89 26.27
C SER A 345 3.67 4.50 25.70
N ASP A 346 2.88 3.48 26.06
CA ASP A 346 2.99 2.19 25.40
C ASP A 346 2.79 2.31 23.89
N ILE A 347 1.70 2.97 23.48
CA ILE A 347 1.46 3.17 22.06
C ILE A 347 2.55 4.02 21.37
N TRP A 348 3.00 5.12 22.00
CA TRP A 348 4.04 5.98 21.40
C TRP A 348 5.34 5.21 21.15
N LYS A 349 5.76 4.44 22.17
CA LYS A 349 6.99 3.70 22.08
C LYS A 349 6.92 2.65 20.95
N ALA A 350 5.84 1.89 20.92
CA ALA A 350 5.65 0.84 19.91
C ALA A 350 5.59 1.42 18.51
N THR A 351 4.89 2.53 18.36
CA THR A 351 4.79 3.24 17.09
C THR A 351 6.16 3.71 16.60
N MSE A 352 6.87 4.37 17.49
CA MSE A 352 8.17 4.92 17.13
C MSE A 352 9.17 3.83 16.86
O MSE A 352 9.95 3.94 15.87
CB MSE A 352 8.68 5.79 18.24
CG MSE A 352 7.90 7.09 18.36
SE MSE A 352 8.48 8.35 16.96
CE MSE A 352 9.81 9.32 17.92
N ASP A 353 9.21 2.79 17.71
CA ASP A 353 10.15 1.69 17.50
C ASP A 353 9.89 1.04 16.16
N GLY A 354 8.62 0.80 15.82
CA GLY A 354 8.30 0.18 14.54
C GLY A 354 8.50 1.06 13.34
N ALA A 355 8.21 2.33 13.49
CA ALA A 355 8.43 3.31 12.39
C ALA A 355 9.93 3.52 12.11
N LEU A 356 10.76 3.54 13.14
CA LEU A 356 12.19 3.85 12.94
C LEU A 356 13.08 2.62 12.78
N LYS A 357 12.50 1.43 12.87
CA LYS A 357 13.21 0.21 12.56
C LYS A 357 13.77 0.30 11.15
N GLY A 358 15.03 -0.10 10.99
CA GLY A 358 15.68 0.06 9.72
C GLY A 358 16.39 1.38 9.55
N THR A 359 16.54 2.15 10.64
CA THR A 359 17.32 3.38 10.64
C THR A 359 18.29 3.38 11.81
N SER A 360 19.42 4.04 11.63
CA SER A 360 20.42 4.14 12.70
C SER A 360 19.96 5.17 13.77
N ASN A 361 20.52 5.06 14.96
CA ASN A 361 20.14 5.93 16.09
C ASN A 361 20.75 7.29 15.90
N GLU A 362 19.94 8.32 15.95
CA GLU A 362 20.44 9.67 15.84
C GLU A 362 20.59 10.25 17.24
N THR A 363 21.39 11.31 17.31
CA THR A 363 21.52 12.11 18.54
C THR A 363 21.14 13.58 18.34
N PHE A 364 20.82 14.25 19.42
CA PHE A 364 20.33 15.62 19.41
C PHE A 364 21.46 16.62 19.43
N PRO A 365 21.26 17.81 18.83
CA PRO A 365 22.33 18.80 18.88
C PRO A 365 22.62 19.23 20.29
N LYS A 366 23.89 19.54 20.52
CA LYS A 366 24.36 19.99 21.83
C LYS A 366 23.77 21.37 21.98
N PRO A 367 23.07 21.64 23.10
CA PRO A 367 22.47 22.96 23.17
C PRO A 367 23.49 24.04 23.52
N THR A 368 23.32 25.25 22.99
CA THR A 368 24.05 26.41 23.48
C THR A 368 23.28 27.13 24.62
N GLU A 369 23.96 28.07 25.25
CA GLU A 369 23.46 28.69 26.46
C GLU A 369 22.21 29.55 26.21
N VAL A 370 21.25 29.50 27.15
CA VAL A 370 20.12 30.45 27.24
C VAL A 370 20.04 30.81 28.71
N GLY A 371 20.02 32.12 28.98
CA GLY A 371 19.96 32.60 30.37
C GLY A 371 21.04 32.05 31.31
N GLY A 372 22.26 31.86 30.78
CA GLY A 372 23.38 31.33 31.54
C GLY A 372 23.49 29.82 31.71
N TYR A 373 22.56 29.06 31.15
CA TYR A 373 22.55 27.62 31.24
C TYR A 373 22.45 26.99 29.86
N ALA A 374 23.35 26.05 29.60
CA ALA A 374 23.34 25.30 28.32
C ALA A 374 22.92 23.90 28.66
N GLY A 375 21.66 23.57 28.43
CA GLY A 375 21.16 22.26 28.76
C GLY A 375 20.84 22.07 30.24
N VAL A 376 20.61 20.83 30.64
CA VAL A 376 20.09 20.52 31.98
C VAL A 376 21.24 20.60 32.96
N PRO A 377 21.08 21.34 34.06
CA PRO A 377 22.12 21.26 35.09
C PRO A 377 22.37 19.83 35.58
N PRO A 378 23.64 19.38 35.58
CA PRO A 378 23.94 18.04 36.06
C PRO A 378 23.72 17.80 37.58
N PRO A 379 23.64 16.52 38.00
CA PRO A 379 23.39 16.19 39.40
C PRO A 379 24.67 16.22 40.22
N GLU A 389 41.18 12.80 57.32
CA GLU A 389 41.38 13.30 58.70
C GLU A 389 41.91 12.23 59.64
N THR A 390 42.86 12.62 60.49
CA THR A 390 43.42 11.76 61.53
C THR A 390 42.47 11.65 62.72
N VAL A 391 42.17 10.43 63.12
CA VAL A 391 41.14 10.13 64.10
C VAL A 391 41.77 9.67 65.46
N ILE A 392 41.53 10.45 66.54
CA ILE A 392 42.24 10.28 67.83
C ILE A 392 41.23 10.11 68.95
N GLN A 393 41.16 8.93 69.56
CA GLN A 393 40.21 8.68 70.67
C GLN A 393 40.67 7.54 71.62
N PRO A 394 40.13 7.49 72.85
CA PRO A 394 39.32 8.56 73.46
C PRO A 394 40.10 9.83 73.85
N THR A 395 39.40 10.96 73.85
CA THR A 395 39.87 12.17 74.51
C THR A 395 38.71 12.71 75.37
N GLY B 5 -0.18 -13.47 1.65
CA GLY B 5 0.56 -14.70 2.08
C GLY B 5 1.42 -15.24 0.94
N LEU B 6 0.84 -15.31 -0.26
CA LEU B 6 1.58 -15.85 -1.42
C LEU B 6 2.73 -14.93 -1.84
N ILE B 7 2.54 -13.61 -1.75
CA ILE B 7 3.66 -12.69 -2.02
C ILE B 7 4.78 -12.89 -0.99
N GLU B 8 4.39 -12.90 0.29
CA GLU B 8 5.38 -13.16 1.34
C GLU B 8 6.20 -14.43 1.13
N ARG B 9 5.56 -15.50 0.66
CA ARG B 9 6.24 -16.78 0.42
C ARG B 9 7.31 -16.62 -0.67
N GLN B 10 6.97 -15.94 -1.76
CA GLN B 10 7.98 -15.70 -2.82
C GLN B 10 9.09 -14.79 -2.35
N VAL B 11 8.76 -13.78 -1.56
CA VAL B 11 9.79 -12.87 -1.04
C VAL B 11 10.78 -13.62 -0.15
N THR B 12 10.23 -14.44 0.74
CA THR B 12 11.04 -15.24 1.68
C THR B 12 12.04 -16.13 0.91
N ARG B 13 11.53 -16.89 -0.04
CA ARG B 13 12.33 -17.75 -0.93
C ARG B 13 13.48 -16.99 -1.52
N GLU B 14 13.19 -15.82 -2.06
CA GLU B 14 14.22 -14.97 -2.63
C GLU B 14 15.26 -14.46 -1.62
N LEU B 15 14.80 -14.12 -0.42
CA LEU B 15 15.71 -13.65 0.64
C LEU B 15 16.68 -14.74 1.06
N LEU B 16 16.20 -15.97 1.11
CA LEU B 16 17.02 -17.11 1.51
C LEU B 16 18.16 -17.34 0.54
N GLU B 17 17.87 -17.18 -0.76
CA GLU B 17 18.90 -17.28 -1.81
C GLU B 17 19.91 -16.15 -1.69
N LEU B 18 19.41 -14.94 -1.53
CA LEU B 18 20.24 -13.76 -1.44
C LEU B 18 21.30 -13.81 -0.34
N PHE B 19 20.91 -14.28 0.84
CA PHE B 19 21.74 -14.20 2.01
C PHE B 19 22.27 -15.57 2.43
N ASN B 20 21.84 -16.61 1.72
CA ASN B 20 22.30 -17.96 1.94
C ASN B 20 22.11 -18.38 3.41
N ILE B 21 20.86 -18.22 3.86
CA ILE B 21 20.46 -18.51 5.24
C ILE B 21 19.12 -19.24 5.21
N ASP B 22 18.75 -19.86 6.33
CA ASP B 22 17.40 -20.44 6.48
C ASP B 22 16.40 -19.42 7.05
N GLU B 23 15.14 -19.81 7.05
CA GLU B 23 14.08 -18.91 7.47
C GLU B 23 14.14 -18.53 8.95
N GLN B 24 14.44 -19.47 9.83
CA GLN B 24 14.55 -19.11 11.24
C GLN B 24 15.67 -18.09 11.50
N THR B 25 16.80 -18.26 10.81
CA THR B 25 17.92 -17.34 10.94
C THR B 25 17.49 -15.97 10.36
N LEU B 26 16.79 -15.99 9.23
CA LEU B 26 16.13 -14.76 8.68
C LEU B 26 15.21 -14.01 9.68
N ASN B 27 14.39 -14.74 10.42
CA ASN B 27 13.46 -14.10 11.38
C ASN B 27 14.09 -13.48 12.63
N THR B 28 15.26 -13.96 13.02
CA THR B 28 15.97 -13.41 14.17
C THR B 28 16.74 -12.14 13.79
N GLN B 29 16.90 -11.88 12.49
CA GLN B 29 17.72 -10.72 12.09
C GLN B 29 16.98 -9.37 12.21
N GLY B 30 15.65 -9.39 12.34
CA GLY B 30 14.85 -8.16 12.34
C GLY B 30 15.03 -7.20 11.15
N LEU B 31 15.03 -7.74 9.94
CA LEU B 31 15.27 -6.97 8.75
C LEU B 31 14.00 -6.23 8.32
N VAL B 32 14.19 -5.18 7.58
CA VAL B 32 13.09 -4.42 6.95
C VAL B 32 13.25 -4.67 5.46
N VAL B 33 12.28 -5.39 4.89
CA VAL B 33 12.28 -5.72 3.47
C VAL B 33 11.22 -4.92 2.69
N THR B 34 11.68 -4.21 1.68
CA THR B 34 10.81 -3.56 0.72
C THR B 34 10.68 -4.46 -0.52
N THR B 35 9.45 -4.76 -0.92
CA THR B 35 9.23 -5.62 -2.09
C THR B 35 9.17 -4.72 -3.33
N THR B 36 9.05 -5.35 -4.48
CA THR B 36 8.84 -4.69 -5.77
C THR B 36 7.39 -4.39 -6.03
N ILE B 37 6.48 -4.93 -5.23
CA ILE B 37 5.05 -4.73 -5.47
C ILE B 37 4.65 -3.27 -5.53
N ASP B 38 3.85 -2.90 -6.52
CA ASP B 38 3.27 -1.57 -6.58
C ASP B 38 1.83 -1.64 -6.06
N PRO B 39 1.55 -0.96 -4.95
CA PRO B 39 0.22 -1.03 -4.38
C PRO B 39 -0.89 -0.70 -5.36
N GLN B 40 -0.70 0.30 -6.22
CA GLN B 40 -1.70 0.61 -7.22
C GLN B 40 -2.01 -0.55 -8.19
N ALA B 41 -0.95 -1.16 -8.72
CA ALA B 41 -1.08 -2.34 -9.61
C ALA B 41 -1.70 -3.53 -8.88
N GLN B 42 -1.22 -3.82 -7.67
CA GLN B 42 -1.75 -4.96 -6.89
C GLN B 42 -3.25 -4.82 -6.59
N ARG B 43 -3.64 -3.62 -6.15
CA ARG B 43 -5.06 -3.38 -5.90
C ARG B 43 -5.89 -3.54 -7.17
N ALA B 44 -5.36 -3.06 -8.31
CA ALA B 44 -6.06 -3.21 -9.57
C ALA B 44 -6.25 -4.66 -9.98
N ALA B 45 -5.21 -5.47 -9.85
CA ALA B 45 -5.32 -6.90 -10.10
C ALA B 45 -6.29 -7.62 -9.20
N GLU B 46 -6.22 -7.32 -7.89
CA GLU B 46 -7.15 -7.95 -6.93
C GLU B 46 -8.61 -7.57 -7.20
N LYS B 47 -8.85 -6.29 -7.47
CA LYS B 47 -10.19 -5.84 -7.80
C LYS B 47 -10.73 -6.46 -9.10
N ALA B 48 -9.85 -6.63 -10.09
CA ALA B 48 -10.27 -7.17 -11.38
C ALA B 48 -10.67 -8.62 -11.20
N VAL B 49 -9.87 -9.39 -10.50
CA VAL B 49 -10.22 -10.80 -10.27
C VAL B 49 -11.54 -10.93 -9.53
N ALA B 50 -11.67 -10.19 -8.43
CA ALA B 50 -12.93 -10.16 -7.68
C ALA B 50 -14.14 -9.80 -8.56
N LYS B 51 -14.02 -8.77 -9.39
CA LYS B 51 -15.13 -8.37 -10.26
C LYS B 51 -15.55 -9.45 -11.25
N TYR B 52 -14.57 -10.06 -11.89
CA TYR B 52 -14.85 -10.94 -13.03
C TYR B 52 -15.11 -12.40 -12.68
N LEU B 53 -14.70 -12.83 -11.50
CA LEU B 53 -15.06 -14.14 -11.01
C LEU B 53 -16.38 -14.13 -10.25
N ASP B 54 -16.92 -12.96 -9.96
CA ASP B 54 -18.23 -12.81 -9.29
C ASP B 54 -19.33 -13.39 -10.17
N GLY B 55 -20.15 -14.25 -9.56
CA GLY B 55 -21.26 -14.92 -10.23
C GLY B 55 -20.88 -16.09 -11.12
N GLN B 56 -19.60 -16.48 -11.08
CA GLN B 56 -19.11 -17.62 -11.82
C GLN B 56 -19.01 -18.84 -10.90
N ASP B 57 -18.66 -19.99 -11.48
CA ASP B 57 -18.54 -21.22 -10.70
C ASP B 57 -17.53 -20.99 -9.53
N PRO B 58 -17.88 -21.40 -8.28
CA PRO B 58 -16.92 -21.25 -7.15
C PRO B 58 -15.59 -22.03 -7.27
N ASP B 59 -15.51 -23.00 -8.18
CA ASP B 59 -14.24 -23.70 -8.41
C ASP B 59 -13.36 -22.97 -9.41
N MSE B 60 -13.87 -21.87 -9.97
CA MSE B 60 -13.10 -21.08 -10.91
C MSE B 60 -11.94 -20.47 -10.16
O MSE B 60 -12.05 -20.11 -8.99
CB MSE B 60 -13.96 -20.04 -11.59
CG MSE B 60 -13.19 -19.44 -12.78
SE MSE B 60 -14.31 -18.33 -13.95
CE MSE B 60 -15.44 -19.73 -14.66
N ARG B 61 -10.80 -20.35 -10.81
CA ARG B 61 -9.58 -19.75 -10.22
C ARG B 61 -8.91 -18.85 -11.25
N ALA B 62 -8.21 -17.86 -10.75
CA ALA B 62 -7.39 -16.97 -11.62
C ALA B 62 -6.02 -16.69 -11.02
N ALA B 63 -5.08 -16.29 -11.90
CA ALA B 63 -3.76 -15.84 -11.49
C ALA B 63 -3.37 -14.68 -12.39
N VAL B 64 -2.68 -13.72 -11.84
CA VAL B 64 -2.28 -12.48 -12.55
C VAL B 64 -0.84 -12.17 -12.08
N VAL B 65 0.07 -11.98 -13.04
CA VAL B 65 1.42 -11.53 -12.74
C VAL B 65 1.79 -10.36 -13.64
N SER B 66 2.28 -9.27 -13.07
CA SER B 66 2.68 -8.09 -13.82
C SER B 66 4.13 -7.78 -13.51
N ILE B 67 4.93 -7.63 -14.57
CA ILE B 67 6.38 -7.43 -14.48
C ILE B 67 6.79 -6.12 -15.19
N ASP B 68 7.68 -5.36 -14.57
CA ASP B 68 8.22 -4.15 -15.15
C ASP B 68 9.32 -4.58 -16.16
N PRO B 69 9.11 -4.36 -17.47
CA PRO B 69 10.14 -4.76 -18.48
C PRO B 69 11.49 -4.07 -18.35
N HIS B 70 11.54 -2.93 -17.67
CA HIS B 70 12.81 -2.21 -17.48
C HIS B 70 13.77 -2.90 -16.54
N ASN B 71 13.27 -3.73 -15.67
CA ASN B 71 14.10 -4.36 -14.64
C ASN B 71 13.70 -5.75 -14.07
N GLY B 72 12.60 -6.33 -14.52
CA GLY B 72 12.19 -7.65 -14.04
C GLY B 72 11.45 -7.63 -12.69
N ALA B 73 11.12 -6.45 -12.21
CA ALA B 73 10.49 -6.31 -10.89
C ALA B 73 9.07 -6.78 -11.00
N VAL B 74 8.62 -7.58 -10.04
CA VAL B 74 7.22 -8.00 -10.00
C VAL B 74 6.35 -6.94 -9.36
N ARG B 75 5.45 -6.32 -10.14
CA ARG B 75 4.67 -5.18 -9.69
C ARG B 75 3.30 -5.56 -9.16
N ALA B 76 2.76 -6.67 -9.66
CA ALA B 76 1.52 -7.22 -9.08
C ALA B 76 1.65 -8.71 -9.17
N TYR B 77 0.99 -9.40 -8.22
CA TYR B 77 1.05 -10.87 -8.07
C TYR B 77 -0.14 -11.40 -7.33
N TYR B 78 -0.96 -12.14 -8.03
CA TYR B 78 -2.11 -12.76 -7.46
C TYR B 78 -2.07 -14.19 -7.85
N GLY B 79 -1.87 -15.06 -6.88
CA GLY B 79 -1.93 -16.48 -7.15
C GLY B 79 -3.11 -17.19 -6.55
N GLY B 80 -4.08 -16.44 -6.03
CA GLY B 80 -5.23 -16.99 -5.30
C GLY B 80 -5.52 -16.34 -3.96
N ASP B 81 -6.59 -16.82 -3.32
CA ASP B 81 -7.11 -16.27 -2.04
C ASP B 81 -6.40 -16.77 -0.80
N ASN B 82 -6.20 -18.07 -0.74
CA ASN B 82 -5.67 -18.73 0.44
C ASN B 82 -4.14 -18.55 0.44
N ALA B 83 -3.66 -17.77 1.41
CA ALA B 83 -2.22 -17.69 1.79
C ALA B 83 -1.65 -19.07 2.16
N ASN B 84 -2.39 -19.77 3.02
CA ASN B 84 -2.16 -21.18 3.39
C ASN B 84 -2.15 -22.18 2.19
N GLY B 85 -2.95 -21.91 1.15
CA GLY B 85 -3.14 -22.80 0.03
C GLY B 85 -2.24 -22.57 -1.20
N PHE B 86 -2.81 -22.92 -2.32
CA PHE B 86 -2.06 -23.20 -3.53
C PHE B 86 -1.74 -21.91 -4.26
N ASP B 87 -0.55 -21.80 -4.87
CA ASP B 87 -0.21 -20.61 -5.65
C ASP B 87 -0.38 -20.93 -7.16
N PHE B 88 -1.48 -20.48 -7.75
CA PHE B 88 -1.74 -20.73 -9.17
C PHE B 88 -0.85 -19.98 -10.16
N ALA B 89 -0.19 -18.90 -9.71
CA ALA B 89 0.84 -18.22 -10.52
C ALA B 89 2.17 -18.99 -10.68
N GLN B 90 2.34 -20.06 -9.89
CA GLN B 90 3.52 -20.96 -9.91
C GLN B 90 3.24 -22.35 -10.50
N ALA B 91 1.97 -22.65 -10.73
CA ALA B 91 1.56 -23.98 -11.22
C ALA B 91 1.99 -24.15 -12.66
N GLY B 92 2.39 -25.36 -13.02
CA GLY B 92 2.65 -25.66 -14.46
C GLY B 92 1.31 -25.83 -15.21
N LEU B 93 1.06 -24.95 -16.18
CA LEU B 93 -0.21 -24.88 -16.88
C LEU B 93 -0.03 -24.85 -18.38
N GLN B 94 -0.97 -25.43 -19.12
CA GLN B 94 -0.96 -25.31 -20.61
C GLN B 94 -1.38 -23.91 -21.01
N THR B 95 -0.77 -23.42 -22.09
CA THR B 95 -0.90 -22.04 -22.56
C THR B 95 -1.69 -21.81 -23.82
N GLY B 96 -1.99 -22.88 -24.58
CA GLY B 96 -2.74 -22.70 -25.82
C GLY B 96 -2.02 -21.79 -26.80
N SER B 97 -2.79 -21.01 -27.59
CA SER B 97 -2.25 -20.07 -28.54
C SER B 97 -1.42 -18.92 -28.03
N SER B 98 -1.43 -18.64 -26.73
CA SER B 98 -0.60 -17.59 -26.22
C SER B 98 0.88 -17.98 -26.48
N PHE B 99 1.15 -19.28 -26.70
CA PHE B 99 2.52 -19.72 -27.00
C PHE B 99 2.98 -19.47 -28.43
N LYS B 100 2.05 -19.13 -29.34
CA LYS B 100 2.39 -18.87 -30.77
C LYS B 100 3.39 -17.76 -30.99
N VAL B 101 3.45 -16.82 -30.06
CA VAL B 101 4.36 -15.74 -30.11
C VAL B 101 5.81 -16.23 -30.24
N PHE B 102 6.14 -17.34 -29.57
CA PHE B 102 7.53 -17.83 -29.59
C PHE B 102 7.87 -18.49 -30.92
N ALA B 103 6.87 -19.07 -31.61
CA ALA B 103 7.10 -19.55 -32.98
C ALA B 103 7.34 -18.35 -33.90
N LEU B 104 6.66 -17.24 -33.64
CA LEU B 104 6.91 -16.02 -34.44
C LEU B 104 8.32 -15.46 -34.18
N VAL B 105 8.74 -15.42 -32.91
CA VAL B 105 10.11 -15.05 -32.59
C VAL B 105 11.08 -15.93 -33.38
N ALA B 106 10.86 -17.25 -33.29
CA ALA B 106 11.70 -18.20 -34.00
C ALA B 106 11.81 -17.94 -35.51
N ALA B 107 10.66 -17.66 -36.13
CA ALA B 107 10.55 -17.39 -37.58
C ALA B 107 11.34 -16.13 -37.94
N LEU B 108 11.13 -15.06 -37.21
CA LEU B 108 11.84 -13.80 -37.44
C LEU B 108 13.34 -13.94 -37.28
N GLU B 109 13.79 -14.75 -36.31
CA GLU B 109 15.20 -14.98 -36.12
C GLU B 109 15.81 -15.75 -37.29
N GLN B 110 14.99 -16.45 -38.05
CA GLN B 110 15.43 -17.12 -39.28
C GLN B 110 15.12 -16.31 -40.54
N GLY B 111 14.88 -15.03 -40.42
CA GLY B 111 14.74 -14.15 -41.55
C GLY B 111 13.41 -14.24 -42.27
N ILE B 112 12.40 -14.79 -41.63
CA ILE B 112 11.06 -14.82 -42.15
C ILE B 112 10.33 -13.63 -41.56
N GLY B 113 9.90 -12.70 -42.41
CA GLY B 113 9.24 -11.50 -41.94
C GLY B 113 7.73 -11.61 -41.80
N LEU B 114 7.12 -10.55 -41.30
CA LEU B 114 5.67 -10.59 -41.00
C LEU B 114 4.79 -10.70 -42.23
N GLY B 115 5.31 -10.32 -43.41
CA GLY B 115 4.57 -10.47 -44.67
C GLY B 115 4.60 -11.83 -45.32
N TYR B 116 5.30 -12.78 -44.71
CA TYR B 116 5.35 -14.13 -45.24
C TYR B 116 3.94 -14.73 -45.18
N GLN B 117 3.49 -15.29 -46.33
CA GLN B 117 2.13 -15.83 -46.46
C GLN B 117 2.01 -17.37 -46.39
N VAL B 118 1.24 -17.90 -45.44
CA VAL B 118 1.08 -19.35 -45.20
C VAL B 118 -0.35 -19.83 -45.42
N ASP B 119 -0.49 -21.08 -45.88
CA ASP B 119 -1.82 -21.69 -46.07
C ASP B 119 -2.48 -21.96 -44.71
N SER B 120 -3.75 -21.58 -44.57
CA SER B 120 -4.54 -21.83 -43.36
C SER B 120 -5.48 -23.05 -43.42
N SER B 121 -5.42 -23.82 -44.50
CA SER B 121 -6.31 -24.98 -44.63
C SER B 121 -5.85 -26.06 -43.67
N PRO B 122 -6.73 -27.04 -43.36
CA PRO B 122 -6.32 -28.19 -42.56
C PRO B 122 -5.04 -28.85 -43.10
N LEU B 123 -4.22 -29.41 -42.19
CA LEU B 123 -2.88 -29.91 -42.53
C LEU B 123 -2.72 -31.35 -42.02
N THR B 124 -2.11 -32.24 -42.81
CA THR B 124 -1.88 -33.62 -42.37
C THR B 124 -0.49 -33.83 -41.82
N VAL B 125 -0.40 -34.28 -40.58
CA VAL B 125 0.87 -34.65 -39.95
C VAL B 125 0.70 -36.02 -39.32
N ASP B 126 1.58 -36.95 -39.65
CA ASP B 126 1.55 -38.30 -39.09
C ASP B 126 0.17 -39.01 -39.16
N GLY B 127 -0.52 -38.87 -40.30
CA GLY B 127 -1.84 -39.48 -40.50
C GLY B 127 -3.00 -38.79 -39.77
N ILE B 128 -2.76 -37.59 -39.25
CA ILE B 128 -3.71 -36.82 -38.42
C ILE B 128 -3.88 -35.46 -39.07
N LYS B 129 -5.12 -34.99 -39.13
CA LYS B 129 -5.34 -33.62 -39.61
C LYS B 129 -5.20 -32.60 -38.48
N ILE B 130 -4.45 -31.52 -38.72
CA ILE B 130 -4.40 -30.37 -37.82
C ILE B 130 -5.44 -29.37 -38.29
N THR B 131 -6.32 -28.95 -37.41
CA THR B 131 -7.41 -28.05 -37.78
C THR B 131 -7.45 -26.83 -36.86
N ASN B 132 -8.27 -25.86 -37.26
CA ASN B 132 -8.54 -24.64 -36.49
C ASN B 132 -9.90 -24.71 -35.79
N VAL B 133 -10.11 -23.86 -34.78
CA VAL B 133 -11.42 -23.73 -34.12
C VAL B 133 -12.50 -23.32 -35.13
N GLU B 134 -13.47 -24.20 -35.38
CA GLU B 134 -14.62 -23.97 -36.28
C GLU B 134 -14.25 -23.84 -37.76
N GLU B 136 -11.76 -22.04 -38.29
CA GLU B 136 -11.86 -21.04 -39.34
C GLU B 136 -10.62 -21.07 -40.24
N GLY B 137 -10.53 -20.13 -41.18
CA GLY B 137 -9.34 -20.01 -42.04
C GLY B 137 -9.29 -18.63 -42.65
N CYS B 138 -8.24 -18.35 -43.42
CA CYS B 138 -8.05 -17.03 -44.03
C CYS B 138 -7.64 -17.12 -45.51
N GLY B 139 -7.77 -18.30 -46.11
CA GLY B 139 -7.13 -18.57 -47.37
C GLY B 139 -5.64 -18.61 -47.11
N THR B 140 -4.92 -17.67 -47.73
CA THR B 140 -3.48 -17.55 -47.58
C THR B 140 -3.12 -16.10 -47.16
N CYS B 141 -3.13 -15.88 -45.83
CA CYS B 141 -2.84 -14.56 -45.21
C CYS B 141 -1.46 -14.60 -44.56
N ASN B 142 -0.94 -13.44 -44.19
CA ASN B 142 0.42 -13.42 -43.62
C ASN B 142 0.49 -13.87 -42.14
N ILE B 143 1.71 -14.11 -41.67
CA ILE B 143 1.91 -14.66 -40.35
C ILE B 143 1.56 -13.68 -39.24
N ALA B 144 1.53 -12.39 -39.50
CA ALA B 144 1.03 -11.44 -38.48
C ALA B 144 -0.49 -11.58 -38.37
N GLU B 145 -1.15 -11.68 -39.51
CA GLU B 145 -2.59 -11.87 -39.53
C GLU B 145 -2.96 -13.23 -38.93
N ALA B 146 -2.18 -14.26 -39.22
CA ALA B 146 -2.47 -15.58 -38.65
C ALA B 146 -2.29 -15.60 -37.14
N LEU B 147 -1.38 -14.77 -36.60
CA LEU B 147 -1.22 -14.66 -35.15
C LEU B 147 -2.45 -14.04 -34.55
N LYS B 148 -2.88 -12.92 -35.11
CA LYS B 148 -4.10 -12.26 -34.64
C LYS B 148 -5.28 -13.21 -34.60
N MSE B 149 -5.49 -13.93 -35.70
CA MSE B 149 -6.63 -14.83 -35.81
C MSE B 149 -6.38 -16.16 -35.14
O MSE B 149 -7.29 -17.00 -35.05
CB MSE B 149 -6.98 -14.98 -37.29
CG MSE B 149 -7.55 -13.65 -37.83
SE MSE B 149 -7.81 -14.18 -39.64
CE MSE B 149 -6.02 -13.80 -40.33
N SER B 150 -5.13 -16.38 -34.71
CA SER B 150 -4.79 -17.53 -33.89
C SER B 150 -5.04 -18.87 -34.61
N LEU B 151 -4.55 -18.94 -35.83
CA LEU B 151 -4.76 -20.08 -36.71
C LEU B 151 -3.73 -21.16 -36.40
N ASN B 152 -4.22 -22.30 -35.89
CA ASN B 152 -3.37 -23.44 -35.58
C ASN B 152 -2.68 -23.97 -36.82
N THR B 153 -3.42 -24.06 -37.92
CA THR B 153 -2.89 -24.60 -39.15
C THR B 153 -1.72 -23.81 -39.69
N SER B 154 -1.88 -22.49 -39.78
CA SER B 154 -0.80 -21.60 -40.25
C SER B 154 0.47 -21.73 -39.41
N TYR B 155 0.29 -21.73 -38.09
CA TYR B 155 1.43 -21.76 -37.16
C TYR B 155 2.16 -23.11 -37.12
N TYR B 156 1.40 -24.18 -37.32
CA TYR B 156 1.95 -25.51 -37.56
C TYR B 156 2.83 -25.54 -38.78
N ARG B 157 2.32 -25.05 -39.90
CA ARG B 157 3.11 -25.01 -41.15
C ARG B 157 4.37 -24.17 -40.98
N LEU B 158 4.22 -23.01 -40.32
CA LEU B 158 5.36 -22.12 -40.05
C LEU B 158 6.46 -22.82 -39.27
N MSE B 159 6.07 -23.49 -38.18
CA MSE B 159 7.01 -24.19 -37.31
C MSE B 159 7.76 -25.26 -38.10
O MSE B 159 8.96 -25.38 -37.98
CB MSE B 159 6.23 -24.77 -36.13
CG MSE B 159 7.10 -25.73 -35.29
SE MSE B 159 5.98 -26.66 -33.96
CE MSE B 159 4.86 -27.65 -35.27
N LEU B 160 7.04 -26.01 -38.92
CA LEU B 160 7.66 -27.06 -39.72
C LEU B 160 8.61 -26.56 -40.82
N LYS B 161 8.46 -25.30 -41.23
CA LYS B 161 9.41 -24.64 -42.12
C LYS B 161 10.70 -24.20 -41.40
N LEU B 162 10.73 -24.17 -40.06
CA LEU B 162 11.90 -23.67 -39.34
C LEU B 162 13.02 -24.70 -39.25
N ASN B 163 14.27 -24.24 -39.35
CA ASN B 163 15.42 -25.08 -39.03
C ASN B 163 15.29 -25.48 -37.59
N GLY B 164 15.20 -26.77 -37.32
CA GLY B 164 14.96 -27.30 -35.97
C GLY B 164 13.49 -27.61 -35.66
N GLY B 165 12.55 -27.12 -36.46
CA GLY B 165 11.11 -27.36 -36.24
C GLY B 165 10.61 -26.93 -34.84
N PRO B 166 9.94 -27.86 -34.12
CA PRO B 166 9.52 -27.59 -32.73
C PRO B 166 10.65 -27.18 -31.82
N GLN B 167 11.85 -27.72 -32.02
CA GLN B 167 12.99 -27.30 -31.20
C GLN B 167 13.25 -25.80 -31.26
N ALA B 168 13.07 -25.23 -32.44
CA ALA B 168 13.27 -23.78 -32.63
C ALA B 168 12.28 -22.96 -31.82
N VAL B 169 11.07 -23.47 -31.67
CA VAL B 169 10.06 -22.76 -30.89
C VAL B 169 10.47 -22.79 -29.41
N ALA B 170 10.89 -23.95 -28.94
CA ALA B 170 11.34 -24.14 -27.56
C ALA B 170 12.54 -23.27 -27.28
N ASP B 171 13.49 -23.24 -28.23
CA ASP B 171 14.68 -22.41 -28.05
C ASP B 171 14.30 -20.92 -27.92
N ALA B 172 13.37 -20.45 -28.75
CA ALA B 172 12.92 -19.05 -28.71
C ALA B 172 12.24 -18.72 -27.40
N ALA B 173 11.41 -19.66 -26.93
CA ALA B 173 10.69 -19.44 -25.66
C ALA B 173 11.68 -19.35 -24.48
N HIS B 174 12.61 -20.28 -24.43
CA HIS B 174 13.62 -20.29 -23.37
C HIS B 174 14.49 -19.04 -23.41
N GLN B 175 14.83 -18.59 -24.62
CA GLN B 175 15.61 -17.36 -24.78
C GLN B 175 14.83 -16.15 -24.26
N ALA B 176 13.54 -16.12 -24.52
CA ALA B 176 12.71 -15.01 -24.08
C ALA B 176 12.55 -14.94 -22.55
N GLY B 177 12.79 -16.03 -21.83
CA GLY B 177 12.61 -16.09 -20.40
C GLY B 177 11.66 -17.11 -19.88
N ILE B 178 11.13 -17.96 -20.73
CA ILE B 178 10.41 -19.14 -20.20
C ILE B 178 11.45 -19.99 -19.45
N ALA B 179 11.24 -20.24 -18.16
CA ALA B 179 12.28 -20.90 -17.34
C ALA B 179 12.49 -22.31 -17.87
N SER B 180 13.75 -22.74 -17.87
CA SER B 180 14.15 -24.06 -18.29
C SER B 180 13.77 -25.17 -17.33
N SER B 181 13.43 -24.81 -16.11
CA SER B 181 13.07 -25.76 -15.07
C SER B 181 12.19 -25.07 -14.07
N PHE B 182 11.25 -25.76 -13.41
CA PHE B 182 10.63 -25.24 -12.18
C PHE B 182 10.29 -26.48 -11.35
N PRO B 183 9.83 -26.34 -10.10
N PRO B 183 9.92 -26.32 -10.08
CA PRO B 183 9.96 -27.48 -9.12
CA PRO B 183 9.79 -27.53 -9.27
C PRO B 183 9.66 -28.93 -9.55
C PRO B 183 8.90 -28.60 -9.87
N GLY B 184 8.63 -29.22 -10.31
N GLY B 184 9.53 -29.77 -10.08
CA GLY B 184 8.47 -30.63 -10.72
CA GLY B 184 8.89 -30.93 -10.61
C GLY B 184 9.05 -31.02 -12.07
C GLY B 184 9.15 -31.11 -12.09
N VAL B 185 9.73 -30.10 -12.76
CA VAL B 185 10.07 -30.25 -14.16
C VAL B 185 11.54 -29.81 -14.36
N ALA B 186 12.40 -30.77 -14.69
CA ALA B 186 13.81 -30.48 -14.85
C ALA B 186 14.15 -29.80 -16.17
N HIS B 187 13.40 -30.11 -17.21
CA HIS B 187 13.61 -29.57 -18.57
C HIS B 187 12.21 -29.29 -19.15
N THR B 188 11.87 -28.02 -19.23
CA THR B 188 10.57 -27.56 -19.79
C THR B 188 10.60 -27.61 -21.30
N LEU B 189 9.43 -27.70 -21.90
CA LEU B 189 9.28 -27.68 -23.36
C LEU B 189 10.06 -28.83 -23.99
N SER B 190 10.02 -29.99 -23.32
CA SER B 190 10.75 -31.17 -23.74
C SER B 190 9.86 -32.39 -23.56
N GLU B 191 9.58 -33.08 -24.64
CA GLU B 191 8.61 -34.19 -24.55
C GLU B 191 9.04 -35.29 -23.64
N ASP B 192 10.31 -35.69 -23.70
CA ASP B 192 10.84 -36.71 -22.79
C ASP B 192 11.13 -36.19 -21.35
N GLY B 193 11.17 -34.87 -21.19
CA GLY B 193 11.51 -34.20 -19.92
C GLY B 193 13.01 -34.24 -19.56
N LYS B 194 13.84 -34.67 -20.52
CA LYS B 194 15.30 -34.82 -20.30
C LYS B 194 16.14 -33.81 -21.05
N GLY B 195 15.49 -33.01 -21.88
CA GLY B 195 16.20 -32.12 -22.77
C GLY B 195 15.96 -32.46 -24.22
N GLY B 196 15.28 -33.57 -24.52
CA GLY B 196 14.89 -33.85 -25.90
C GLY B 196 13.86 -32.87 -26.45
N PRO B 197 13.66 -32.89 -27.77
CA PRO B 197 12.82 -31.88 -28.40
C PRO B 197 11.36 -31.94 -27.93
N PRO B 198 10.67 -30.80 -28.01
CA PRO B 198 9.22 -30.86 -27.87
C PRO B 198 8.56 -31.58 -29.07
N ASN B 199 7.35 -32.09 -28.88
CA ASN B 199 6.50 -32.48 -30.01
C ASN B 199 5.98 -31.24 -30.73
N ASN B 200 5.31 -31.46 -31.86
CA ASN B 200 4.68 -30.37 -32.60
C ASN B 200 3.69 -29.56 -31.75
N GLY B 201 3.13 -30.18 -30.71
CA GLY B 201 2.08 -29.51 -29.90
C GLY B 201 2.59 -28.30 -29.12
N ILE B 202 3.92 -28.10 -29.10
CA ILE B 202 4.49 -26.87 -28.51
C ILE B 202 3.83 -25.60 -29.03
N VAL B 203 3.52 -25.57 -30.33
CA VAL B 203 2.96 -24.36 -30.95
C VAL B 203 1.49 -24.20 -30.60
N LEU B 204 0.85 -25.26 -30.12
CA LEU B 204 -0.49 -25.13 -29.55
C LEU B 204 -0.44 -24.96 -28.03
N GLY B 205 0.74 -24.66 -27.44
CA GLY B 205 0.88 -24.44 -26.00
C GLY B 205 0.53 -25.61 -25.10
N GLN B 206 0.88 -26.82 -25.55
CA GLN B 206 0.52 -28.01 -24.83
C GLN B 206 1.47 -28.33 -23.68
N TYR B 207 2.66 -27.72 -23.64
CA TYR B 207 3.58 -27.93 -22.51
C TYR B 207 3.19 -27.06 -21.29
N GLN B 208 3.63 -27.49 -20.12
CA GLN B 208 3.35 -26.73 -18.89
C GLN B 208 4.32 -25.54 -18.76
N THR B 209 3.75 -24.36 -18.51
CA THR B 209 4.49 -23.09 -18.26
C THR B 209 3.77 -22.36 -17.10
N ARG B 210 4.48 -21.56 -16.32
CA ARG B 210 3.85 -20.80 -15.21
C ARG B 210 3.38 -19.46 -15.67
N VAL B 211 2.39 -18.93 -14.97
CA VAL B 211 1.96 -17.56 -15.26
C VAL B 211 3.11 -16.55 -15.16
N ILE B 212 3.94 -16.68 -14.13
CA ILE B 212 5.09 -15.79 -13.93
C ILE B 212 6.03 -15.89 -15.16
N ASP B 213 6.21 -17.08 -15.70
CA ASP B 213 7.08 -17.30 -16.90
C ASP B 213 6.57 -16.49 -18.11
N MSE B 214 5.26 -16.57 -18.36
CA MSE B 214 4.66 -15.87 -19.48
C MSE B 214 4.77 -14.35 -19.28
O MSE B 214 5.13 -13.63 -20.23
CB MSE B 214 3.21 -16.30 -19.66
CG MSE B 214 2.96 -17.77 -20.04
SE MSE B 214 3.71 -18.09 -21.84
CE MSE B 214 2.25 -17.35 -22.89
N ALA B 215 4.52 -13.84 -18.08
CA ALA B 215 4.68 -12.43 -17.89
C ALA B 215 6.12 -11.98 -18.17
N SER B 216 7.09 -12.79 -17.68
CA SER B 216 8.50 -12.46 -17.83
C SER B 216 8.95 -12.52 -19.29
N ALA B 217 8.57 -13.57 -20.00
CA ALA B 217 9.00 -13.70 -21.42
C ALA B 217 8.39 -12.60 -22.29
N TYR B 218 7.14 -12.23 -22.03
CA TYR B 218 6.53 -11.11 -22.76
C TYR B 218 7.17 -9.77 -22.34
N ALA B 219 7.61 -9.66 -21.10
CA ALA B 219 8.45 -8.47 -20.70
C ALA B 219 9.72 -8.32 -21.53
N THR B 220 10.36 -9.43 -21.83
CA THR B 220 11.53 -9.41 -22.68
C THR B 220 11.19 -8.82 -24.04
N LEU B 221 10.06 -9.23 -24.62
CA LEU B 221 9.57 -8.65 -25.85
C LEU B 221 9.32 -7.15 -25.74
N ALA B 222 8.64 -6.76 -24.65
CA ALA B 222 8.35 -5.37 -24.34
C ALA B 222 9.60 -4.49 -24.20
N ALA B 223 10.70 -5.10 -23.77
CA ALA B 223 11.98 -4.45 -23.58
C ALA B 223 12.86 -4.58 -24.84
N SER B 224 12.26 -4.83 -26.01
CA SER B 224 13.03 -4.96 -27.26
C SER B 224 14.10 -6.04 -27.21
N GLY B 225 13.76 -7.14 -26.54
CA GLY B 225 14.62 -8.30 -26.45
C GLY B 225 15.59 -8.42 -25.30
N ILE B 226 15.55 -7.46 -24.38
CA ILE B 226 16.37 -7.50 -23.17
C ILE B 226 15.60 -8.20 -22.07
N TYR B 227 16.21 -9.25 -21.56
CA TYR B 227 15.69 -10.01 -20.45
C TYR B 227 16.26 -9.56 -19.09
N HIS B 228 15.42 -9.54 -18.05
CA HIS B 228 15.87 -9.27 -16.67
C HIS B 228 15.22 -10.36 -15.80
N PRO B 229 15.99 -11.10 -14.98
CA PRO B 229 15.33 -12.11 -14.13
C PRO B 229 14.21 -11.51 -13.25
N PRO B 230 13.04 -12.17 -13.21
CA PRO B 230 11.95 -11.64 -12.39
C PRO B 230 12.35 -11.68 -10.90
N HIS B 231 12.04 -10.65 -10.12
CA HIS B 231 12.43 -10.65 -8.71
C HIS B 231 11.40 -9.88 -7.91
N PHE B 232 11.29 -10.22 -6.62
CA PHE B 232 10.36 -9.64 -5.69
C PHE B 232 10.96 -8.71 -4.65
N VAL B 233 12.28 -8.72 -4.49
CA VAL B 233 12.93 -7.90 -3.46
C VAL B 233 13.53 -6.67 -4.06
N GLN B 234 13.17 -5.52 -3.51
CA GLN B 234 13.71 -4.25 -3.94
C GLN B 234 14.83 -3.69 -3.05
N LYS B 235 14.67 -3.81 -1.74
CA LYS B 235 15.64 -3.28 -0.77
C LYS B 235 15.56 -4.07 0.51
N VAL B 236 16.70 -4.27 1.16
CA VAL B 236 16.74 -4.88 2.48
C VAL B 236 17.67 -4.07 3.38
N VAL B 237 17.16 -3.75 4.57
CA VAL B 237 17.89 -2.95 5.54
C VAL B 237 17.91 -3.68 6.88
N SER B 238 19.04 -3.63 7.59
CA SER B 238 19.11 -4.21 8.93
C SER B 238 18.30 -3.33 9.91
N ALA B 239 18.01 -3.84 11.10
CA ALA B 239 17.14 -3.13 12.08
C ALA B 239 17.77 -1.81 12.45
N ASN B 240 19.10 -1.73 12.44
CA ASN B 240 19.81 -0.48 12.74
C ASN B 240 20.36 0.31 11.54
N GLY B 241 19.86 0.02 10.35
CA GLY B 241 19.97 0.92 9.21
C GLY B 241 21.05 0.67 8.18
N GLN B 242 21.70 -0.48 8.25
CA GLN B 242 22.60 -0.92 7.15
C GLN B 242 21.85 -1.42 5.94
N VAL B 243 22.11 -0.84 4.76
CA VAL B 243 21.49 -1.26 3.51
C VAL B 243 22.17 -2.52 3.02
N LEU B 244 21.59 -3.66 3.39
CA LEU B 244 22.19 -4.94 3.04
C LEU B 244 22.08 -5.27 1.53
N PHE B 245 21.00 -4.81 0.89
CA PHE B 245 20.71 -5.06 -0.54
C PHE B 245 19.81 -3.92 -1.07
N ASP B 246 20.15 -3.41 -2.26
CA ASP B 246 19.36 -2.40 -2.90
C ASP B 246 19.37 -2.72 -4.38
N ALA B 247 18.22 -3.11 -4.92
CA ALA B 247 18.12 -3.44 -6.35
C ALA B 247 18.45 -2.21 -7.20
N SER B 248 18.14 -1.01 -6.71
CA SER B 248 18.50 0.24 -7.39
C SER B 248 20.02 0.47 -7.54
N THR B 249 20.83 -0.05 -6.62
CA THR B 249 22.28 0.10 -6.68
C THR B 249 23.01 -1.08 -7.34
N ALA B 250 22.30 -2.16 -7.66
CA ALA B 250 22.95 -3.38 -8.18
C ALA B 250 22.77 -3.49 -9.70
N ASP B 251 23.43 -4.47 -10.33
CA ASP B 251 23.37 -4.68 -11.80
C ASP B 251 21.94 -4.91 -12.33
N ASN B 252 21.40 -3.87 -12.94
CA ASN B 252 20.08 -3.88 -13.62
C ASN B 252 20.18 -3.91 -15.17
N THR B 253 21.38 -4.11 -15.70
CA THR B 253 21.51 -4.28 -17.14
C THR B 253 20.98 -5.68 -17.41
N GLY B 254 20.32 -5.86 -18.51
CA GLY B 254 19.66 -7.14 -18.73
C GLY B 254 20.63 -7.94 -19.57
N ASP B 255 20.07 -8.89 -20.31
CA ASP B 255 20.81 -9.71 -21.25
C ASP B 255 20.06 -9.55 -22.56
N GLN B 256 20.74 -9.15 -23.63
CA GLN B 256 20.03 -9.03 -24.90
C GLN B 256 19.80 -10.44 -25.51
N ARG B 257 18.72 -11.07 -25.12
CA ARG B 257 18.42 -12.44 -25.48
C ARG B 257 17.81 -12.67 -26.86
N ILE B 258 16.98 -11.72 -27.30
CA ILE B 258 16.26 -11.73 -28.59
C ILE B 258 16.71 -10.43 -29.32
N PRO B 259 17.09 -10.53 -30.61
CA PRO B 259 17.54 -9.29 -31.28
C PRO B 259 16.42 -8.26 -31.28
N LYS B 260 16.77 -6.99 -31.13
CA LYS B 260 15.80 -5.90 -31.14
C LYS B 260 14.86 -5.91 -32.36
N ALA B 261 15.41 -6.17 -33.56
CA ALA B 261 14.58 -6.14 -34.77
C ALA B 261 13.47 -7.23 -34.73
N VAL B 262 13.83 -8.37 -34.11
CA VAL B 262 12.93 -9.50 -33.96
C VAL B 262 11.84 -9.12 -32.97
N ALA B 263 12.26 -8.68 -31.81
CA ALA B 263 11.32 -8.33 -30.73
C ALA B 263 10.29 -7.27 -31.14
N ASP B 264 10.77 -6.21 -31.79
CA ASP B 264 9.93 -5.12 -32.22
C ASP B 264 8.98 -5.50 -33.35
N ASN B 265 9.37 -6.47 -34.20
CA ASN B 265 8.43 -6.98 -35.20
C ASN B 265 7.36 -7.84 -34.55
N VAL B 266 7.71 -8.62 -33.53
CA VAL B 266 6.68 -9.40 -32.83
C VAL B 266 5.65 -8.44 -32.17
N THR B 267 6.15 -7.42 -31.49
CA THR B 267 5.31 -6.37 -30.95
C THR B 267 4.35 -5.78 -32.00
N ALA B 268 4.89 -5.45 -33.18
CA ALA B 268 4.05 -4.94 -34.29
C ALA B 268 2.87 -5.85 -34.66
N ALA B 269 3.12 -7.15 -34.70
CA ALA B 269 2.10 -8.12 -35.03
C ALA B 269 1.09 -8.21 -33.95
N MSE B 270 1.52 -8.05 -32.69
CA MSE B 270 0.59 -8.13 -31.57
C MSE B 270 -0.23 -6.85 -31.33
O MSE B 270 -1.27 -6.90 -30.64
CB MSE B 270 1.33 -8.56 -30.33
CG MSE B 270 1.97 -9.93 -30.47
SE MSE B 270 3.21 -10.21 -28.95
CE MSE B 270 1.92 -10.09 -27.49
N GLU B 271 0.20 -5.74 -31.89
CA GLU B 271 -0.50 -4.47 -31.61
C GLU B 271 -2.03 -4.45 -31.83
N PRO B 272 -2.57 -5.04 -32.93
CA PRO B 272 -4.06 -5.02 -33.12
C PRO B 272 -4.84 -6.05 -32.28
N ILE B 273 -4.15 -6.90 -31.49
CA ILE B 273 -4.79 -8.09 -30.93
C ILE B 273 -5.75 -7.78 -29.78
N ALA B 274 -5.41 -6.85 -28.89
CA ALA B 274 -6.32 -6.46 -27.83
C ALA B 274 -7.70 -6.01 -28.34
N GLY B 275 -7.71 -5.17 -29.37
CA GLY B 275 -8.94 -4.72 -29.98
C GLY B 275 -9.69 -5.83 -30.68
N TYR B 276 -8.97 -6.62 -31.47
CA TYR B 276 -9.53 -7.75 -32.20
C TYR B 276 -10.17 -8.73 -31.25
N SER B 277 -9.56 -8.87 -30.08
CA SER B 277 -10.01 -9.79 -29.07
C SER B 277 -11.18 -9.28 -28.24
N ARG B 278 -12.35 -9.17 -28.88
CA ARG B 278 -13.57 -8.68 -28.23
C ARG B 278 -13.44 -7.29 -27.60
N GLY B 279 -12.70 -6.42 -28.28
CA GLY B 279 -12.71 -5.04 -27.94
C GLY B 279 -12.04 -4.74 -26.62
N HIS B 280 -10.88 -5.34 -26.37
CA HIS B 280 -10.19 -5.12 -25.10
C HIS B 280 -8.99 -4.18 -25.23
N ASN B 281 -9.07 -3.16 -26.10
CA ASN B 281 -8.02 -2.14 -26.14
C ASN B 281 -7.96 -1.44 -24.77
N LEU B 282 -6.75 -1.05 -24.38
CA LEU B 282 -6.60 -0.36 -23.12
C LEU B 282 -7.21 1.04 -23.18
N ALA B 283 -7.61 1.52 -21.99
CA ALA B 283 -8.29 2.81 -21.85
C ALA B 283 -7.43 3.97 -22.31
N GLY B 284 -8.11 5.02 -22.74
CA GLY B 284 -7.48 6.29 -23.10
C GLY B 284 -6.63 6.27 -24.36
N GLY B 285 -6.86 5.31 -25.26
CA GLY B 285 -6.10 5.20 -26.50
C GLY B 285 -4.67 4.69 -26.31
N ARG B 286 -4.43 4.04 -25.19
CA ARG B 286 -3.13 3.53 -24.86
C ARG B 286 -2.86 2.28 -25.72
N ASP B 287 -1.74 2.28 -26.44
CA ASP B 287 -1.39 1.13 -27.25
C ASP B 287 -0.95 -0.08 -26.41
N SER B 288 -1.12 -1.28 -26.96
CA SER B 288 -0.65 -2.49 -26.29
C SER B 288 -0.33 -3.55 -27.30
N ALA B 289 0.40 -4.56 -26.84
CA ALA B 289 0.69 -5.74 -27.62
C ALA B 289 0.23 -6.94 -26.82
N ALA B 290 -0.74 -7.69 -27.34
CA ALA B 290 -1.38 -8.76 -26.59
C ALA B 290 -1.61 -10.04 -27.41
N LYS B 291 -1.86 -11.12 -26.67
CA LYS B 291 -2.17 -12.40 -27.27
C LYS B 291 -3.05 -13.22 -26.34
N THR B 292 -4.17 -13.71 -26.86
CA THR B 292 -5.07 -14.64 -26.17
C THR B 292 -4.58 -16.07 -26.32
N GLY B 293 -5.00 -16.90 -25.38
CA GLY B 293 -4.89 -18.35 -25.59
C GLY B 293 -6.04 -19.09 -24.94
N THR B 294 -6.39 -20.24 -25.52
CA THR B 294 -7.38 -21.16 -24.95
C THR B 294 -6.90 -22.59 -25.13
N THR B 295 -7.10 -23.45 -24.11
CA THR B 295 -6.73 -24.86 -24.25
C THR B 295 -7.96 -25.68 -24.26
N GLN B 296 -7.81 -26.87 -24.85
CA GLN B 296 -8.91 -27.75 -25.07
C GLN B 296 -8.92 -28.81 -24.00
N PHE B 297 -10.12 -29.13 -23.59
CA PHE B 297 -10.35 -29.97 -22.45
C PHE B 297 -10.38 -31.33 -23.12
N GLY B 298 -9.31 -32.09 -22.93
CA GLY B 298 -9.17 -33.40 -23.61
C GLY B 298 -9.28 -33.25 -25.13
N ASP B 299 -9.96 -34.22 -25.77
CA ASP B 299 -10.17 -34.20 -27.25
C ASP B 299 -11.55 -33.68 -27.60
N THR B 300 -11.99 -32.59 -26.95
CA THR B 300 -13.39 -32.16 -27.08
C THR B 300 -13.40 -30.73 -27.51
N THR B 301 -14.62 -30.24 -27.73
CA THR B 301 -14.87 -28.83 -27.98
C THR B 301 -14.87 -27.95 -26.70
N ALA B 302 -14.79 -28.57 -25.51
CA ALA B 302 -14.74 -27.85 -24.24
C ALA B 302 -13.34 -27.27 -24.00
N ASN B 303 -13.28 -26.17 -23.27
CA ASN B 303 -12.05 -25.48 -22.92
C ASN B 303 -11.58 -25.76 -21.49
N LYS B 304 -10.30 -25.60 -21.22
CA LYS B 304 -9.76 -25.96 -19.90
C LYS B 304 -9.07 -24.77 -19.23
N ASP B 305 -8.20 -24.12 -19.99
CA ASP B 305 -7.46 -22.95 -19.50
C ASP B 305 -7.78 -21.81 -20.43
N ALA B 306 -7.79 -20.58 -19.93
CA ALA B 306 -7.89 -19.47 -20.83
C ALA B 306 -6.93 -18.36 -20.38
N TRP B 307 -6.35 -17.66 -21.35
CA TRP B 307 -5.24 -16.76 -21.12
C TRP B 307 -5.35 -15.44 -21.88
N MSE B 308 -4.93 -14.35 -21.22
CA MSE B 308 -4.59 -13.13 -21.93
C MSE B 308 -3.26 -12.65 -21.36
O MSE B 308 -3.11 -12.48 -20.16
CB MSE B 308 -5.66 -12.04 -21.82
CG MSE B 308 -5.26 -10.67 -22.42
SE MSE B 308 -4.96 -10.91 -24.36
CE MSE B 308 -6.26 -9.57 -24.99
N VAL B 309 -2.33 -12.42 -22.27
CA VAL B 309 -0.96 -11.98 -21.90
C VAL B 309 -0.65 -10.79 -22.79
N GLY B 310 -0.22 -9.67 -22.20
CA GLY B 310 0.02 -8.48 -23.01
C GLY B 310 0.77 -7.41 -22.26
N TYR B 311 1.33 -6.47 -23.03
CA TYR B 311 2.23 -5.50 -22.50
C TYR B 311 2.18 -4.15 -23.16
N THR B 312 2.69 -3.18 -22.40
CA THR B 312 3.21 -1.89 -22.94
C THR B 312 4.72 -1.92 -22.68
N PRO B 313 5.46 -0.89 -23.12
CA PRO B 313 6.88 -0.89 -22.79
C PRO B 313 7.18 -0.82 -21.27
N SER B 314 6.20 -0.41 -20.46
CA SER B 314 6.44 -0.31 -19.01
C SER B 314 5.77 -1.34 -18.13
N LEU B 315 4.91 -2.22 -18.67
CA LEU B 315 4.34 -3.26 -17.84
C LEU B 315 3.89 -4.44 -18.71
N SER B 316 4.24 -5.65 -18.30
CA SER B 316 3.79 -6.87 -18.95
C SER B 316 2.93 -7.69 -17.99
N THR B 317 1.71 -8.00 -18.39
CA THR B 317 0.80 -8.73 -17.49
C THR B 317 0.30 -9.99 -18.12
N ALA B 318 0.43 -11.10 -17.39
CA ALA B 318 -0.17 -12.39 -17.78
C ALA B 318 -1.34 -12.75 -16.92
N VAL B 319 -2.48 -13.16 -17.53
CA VAL B 319 -3.66 -13.57 -16.83
C VAL B 319 -4.05 -15.00 -17.23
N TRP B 320 -4.23 -15.88 -16.27
CA TRP B 320 -4.83 -17.18 -16.51
C TRP B 320 -6.11 -17.32 -15.72
N VAL B 321 -7.08 -18.05 -16.33
CA VAL B 321 -8.29 -18.47 -15.70
C VAL B 321 -8.47 -19.95 -15.96
N GLY B 322 -8.81 -20.71 -14.93
CA GLY B 322 -9.13 -22.10 -15.09
C GLY B 322 -9.96 -22.54 -13.90
N THR B 323 -9.85 -23.83 -13.56
CA THR B 323 -10.58 -24.40 -12.41
C THR B 323 -9.56 -25.02 -11.44
N VAL B 324 -9.99 -25.13 -10.19
CA VAL B 324 -9.13 -25.58 -9.07
C VAL B 324 -8.39 -26.90 -9.37
N LYS B 325 -9.08 -27.85 -9.99
CA LYS B 325 -8.52 -29.16 -10.32
C LYS B 325 -8.12 -29.35 -11.76
N GLY B 326 -8.49 -28.43 -12.64
CA GLY B 326 -8.15 -28.53 -14.06
C GLY B 326 -8.80 -29.69 -14.78
N ASP B 327 -9.95 -30.18 -14.27
CA ASP B 327 -10.60 -31.41 -14.80
C ASP B 327 -12.08 -31.23 -15.14
N GLU B 328 -12.50 -30.00 -15.40
CA GLU B 328 -13.87 -29.65 -15.72
C GLU B 328 -13.89 -28.64 -16.88
N PRO B 329 -14.94 -28.69 -17.73
CA PRO B 329 -15.02 -27.65 -18.75
C PRO B 329 -15.03 -26.28 -18.11
N LEU B 330 -14.32 -25.35 -18.71
CA LEU B 330 -14.30 -23.97 -18.23
C LEU B 330 -15.36 -23.17 -18.95
N VAL B 331 -16.40 -22.76 -18.22
CA VAL B 331 -17.59 -22.19 -18.83
C VAL B 331 -18.03 -21.02 -18.02
N THR B 332 -18.71 -20.07 -18.67
CA THR B 332 -19.30 -18.93 -17.94
C THR B 332 -20.54 -19.40 -17.21
N ALA B 333 -21.14 -18.47 -16.45
CA ALA B 333 -22.38 -18.74 -15.72
C ALA B 333 -23.53 -19.11 -16.63
N SER B 334 -23.46 -18.74 -17.91
CA SER B 334 -24.52 -19.11 -18.86
C SER B 334 -24.24 -20.49 -19.47
N GLY B 335 -23.05 -21.04 -19.22
CA GLY B 335 -22.62 -22.28 -19.83
C GLY B 335 -21.80 -22.12 -21.08
N ALA B 336 -21.54 -20.89 -21.54
CA ALA B 336 -20.76 -20.62 -22.77
C ALA B 336 -19.31 -20.95 -22.48
N ALA B 337 -18.60 -21.49 -23.48
CA ALA B 337 -17.17 -21.80 -23.34
C ALA B 337 -16.37 -20.52 -23.11
N ILE B 338 -15.46 -20.52 -22.12
CA ILE B 338 -14.59 -19.38 -21.86
C ILE B 338 -13.35 -19.45 -22.72
N TYR B 339 -13.14 -18.39 -23.51
CA TYR B 339 -11.96 -18.26 -24.30
C TYR B 339 -11.08 -17.15 -23.71
N GLY B 340 -9.82 -17.09 -24.16
CA GLY B 340 -8.93 -16.02 -23.73
C GLY B 340 -9.44 -14.61 -23.91
N SER B 341 -10.24 -14.42 -24.98
CA SER B 341 -10.80 -13.14 -25.32
C SER B 341 -11.95 -12.71 -24.40
N GLY B 342 -12.41 -13.58 -23.49
CA GLY B 342 -13.46 -13.24 -22.53
C GLY B 342 -12.87 -12.88 -21.19
N LEU B 343 -13.26 -13.60 -20.13
CA LEU B 343 -12.86 -13.23 -18.74
C LEU B 343 -11.37 -12.93 -18.57
N PRO B 344 -10.46 -13.75 -19.15
CA PRO B 344 -9.01 -13.39 -18.95
C PRO B 344 -8.64 -12.04 -19.52
N SER B 345 -9.24 -11.68 -20.65
CA SER B 345 -9.02 -10.38 -21.28
C SER B 345 -9.71 -9.25 -20.48
N ASP B 346 -10.86 -9.55 -19.88
CA ASP B 346 -11.49 -8.58 -18.97
C ASP B 346 -10.61 -8.25 -17.77
N ILE B 347 -10.04 -9.28 -17.16
CA ILE B 347 -9.14 -9.09 -16.02
C ILE B 347 -7.84 -8.37 -16.46
N TRP B 348 -7.24 -8.81 -17.58
CA TRP B 348 -6.04 -8.18 -18.11
C TRP B 348 -6.17 -6.66 -18.35
N LYS B 349 -7.27 -6.28 -19.01
CA LYS B 349 -7.50 -4.91 -19.32
C LYS B 349 -7.70 -4.10 -18.08
N ALA B 350 -8.52 -4.61 -17.17
CA ALA B 350 -8.80 -3.86 -15.94
C ALA B 350 -7.56 -3.70 -15.10
N THR B 351 -6.73 -4.75 -15.03
CA THR B 351 -5.47 -4.70 -14.24
C THR B 351 -4.53 -3.69 -14.87
N MSE B 352 -4.40 -3.76 -16.19
CA MSE B 352 -3.50 -2.87 -16.94
C MSE B 352 -3.92 -1.42 -16.89
O MSE B 352 -3.12 -0.54 -16.62
CB MSE B 352 -3.29 -3.34 -18.38
CG MSE B 352 -2.45 -4.63 -18.45
SE MSE B 352 -0.56 -4.21 -18.28
CE MSE B 352 -0.16 -3.87 -20.12
N ASP B 353 -5.23 -1.16 -17.09
CA ASP B 353 -5.74 0.20 -16.98
C ASP B 353 -5.54 0.79 -15.61
N GLY B 354 -5.77 -0.01 -14.58
CA GLY B 354 -5.62 0.45 -13.21
C GLY B 354 -4.17 0.65 -12.79
N ALA B 355 -3.29 -0.27 -13.24
CA ALA B 355 -1.87 -0.18 -12.94
C ALA B 355 -1.21 1.01 -13.66
N LEU B 356 -1.69 1.37 -14.84
CA LEU B 356 -1.00 2.37 -15.69
C LEU B 356 -1.62 3.77 -15.60
N LYS B 357 -2.73 3.83 -14.90
CA LYS B 357 -3.33 5.12 -14.59
C LYS B 357 -2.29 6.05 -14.01
N GLY B 358 -2.27 7.28 -14.52
CA GLY B 358 -1.31 8.27 -14.08
C GLY B 358 0.01 8.28 -14.82
N THR B 359 0.11 7.49 -15.90
CA THR B 359 1.35 7.43 -16.71
C THR B 359 1.01 7.81 -18.14
N SER B 360 1.98 8.40 -18.84
CA SER B 360 1.71 8.77 -20.24
C SER B 360 1.61 7.55 -21.16
N ASN B 361 0.85 7.73 -22.24
CA ASN B 361 0.66 6.67 -23.23
C ASN B 361 1.96 6.52 -24.00
N GLU B 362 2.60 5.36 -23.97
CA GLU B 362 3.81 5.12 -24.74
C GLU B 362 3.48 4.49 -26.10
N THR B 363 4.32 4.78 -27.07
CA THR B 363 4.27 4.11 -28.33
C THR B 363 5.43 3.13 -28.47
N PHE B 364 5.17 2.11 -29.26
CA PHE B 364 6.16 1.04 -29.46
C PHE B 364 7.24 1.43 -30.45
N PRO B 365 8.46 0.81 -30.38
CA PRO B 365 9.53 1.18 -31.35
C PRO B 365 9.15 0.84 -32.79
N LYS B 366 9.49 1.72 -33.72
CA LYS B 366 9.29 1.42 -35.15
C LYS B 366 10.07 0.13 -35.51
N PRO B 367 9.41 -0.86 -36.14
CA PRO B 367 10.20 -2.07 -36.48
C PRO B 367 11.01 -1.89 -37.73
N THR B 368 12.11 -2.62 -37.83
CA THR B 368 12.98 -2.51 -38.99
C THR B 368 12.79 -3.77 -39.78
N GLU B 369 13.42 -3.83 -40.96
CA GLU B 369 13.12 -4.88 -41.94
C GLU B 369 13.66 -6.24 -41.55
N VAL B 370 12.81 -7.24 -41.66
CA VAL B 370 13.19 -8.63 -41.53
C VAL B 370 12.50 -9.39 -42.64
N GLY B 371 13.26 -10.15 -43.41
CA GLY B 371 12.66 -10.91 -44.53
C GLY B 371 11.96 -10.06 -45.56
N GLY B 372 12.43 -8.84 -45.71
CA GLY B 372 11.83 -7.88 -46.61
C GLY B 372 10.69 -7.03 -46.07
N TYR B 373 10.27 -7.23 -44.83
CA TYR B 373 9.11 -6.55 -44.24
C TYR B 373 9.49 -5.87 -42.94
N ALA B 374 9.07 -4.63 -42.79
CA ALA B 374 9.25 -3.86 -41.56
C ALA B 374 7.89 -3.60 -40.95
N GLY B 375 7.55 -4.41 -39.94
CA GLY B 375 6.22 -4.35 -39.33
C GLY B 375 5.10 -5.00 -40.15
N VAL B 376 3.85 -4.73 -39.82
CA VAL B 376 2.75 -5.36 -40.57
C VAL B 376 2.73 -4.69 -41.94
N PRO B 377 2.84 -5.47 -43.03
CA PRO B 377 3.03 -4.80 -44.30
C PRO B 377 1.77 -4.06 -44.74
N PRO B 378 1.92 -2.91 -45.41
CA PRO B 378 0.77 -2.29 -46.09
C PRO B 378 0.42 -3.08 -47.36
N PRO B 379 -0.75 -2.82 -47.97
CA PRO B 379 -1.02 -3.48 -49.27
C PRO B 379 0.12 -3.30 -50.28
N PRO B 380 0.34 -4.30 -51.18
CA PRO B 380 1.35 -4.19 -52.26
C PRO B 380 1.21 -2.93 -53.15
N PRO B 381 2.34 -2.44 -53.73
CA PRO B 381 2.20 -1.44 -54.84
C PRO B 381 1.34 -2.02 -56.00
N PRO B 382 0.55 -1.16 -56.71
CA PRO B 382 -0.29 -1.64 -57.83
C PRO B 382 0.52 -2.01 -59.06
N VAL B 385 2.02 -1.45 -62.08
CA VAL B 385 2.42 -0.61 -63.22
C VAL B 385 1.82 -1.18 -64.52
N PRO B 386 1.01 -0.37 -65.25
CA PRO B 386 0.59 -0.83 -66.58
C PRO B 386 1.77 -0.99 -67.54
N PRO B 387 1.68 -1.96 -68.47
CA PRO B 387 2.70 -1.97 -69.53
C PRO B 387 2.58 -0.76 -70.47
N SER B 388 3.72 -0.28 -70.95
CA SER B 388 3.75 0.77 -71.94
C SER B 388 3.13 0.20 -73.24
N GLU B 389 2.20 0.96 -73.80
CA GLU B 389 1.42 0.47 -74.93
C GLU B 389 0.80 1.69 -75.60
N THR B 390 0.54 1.62 -76.90
CA THR B 390 -0.28 2.61 -77.59
C THR B 390 -1.63 1.97 -77.78
N VAL B 391 -2.69 2.62 -77.34
CA VAL B 391 -4.04 2.07 -77.51
C VAL B 391 -4.59 2.64 -78.83
N ILE B 392 -5.08 1.76 -79.72
CA ILE B 392 -5.52 2.10 -81.08
C ILE B 392 -6.89 1.48 -81.34
N GLN B 393 -7.87 2.31 -81.68
CA GLN B 393 -9.17 1.81 -82.10
C GLN B 393 -10.02 2.92 -82.77
N PRO B 394 -11.05 2.54 -83.52
CA PRO B 394 -11.34 1.13 -83.85
C PRO B 394 -10.41 0.58 -84.99
N THR B 395 -10.27 -0.75 -85.03
CA THR B 395 -9.56 -1.45 -86.11
C THR B 395 -10.43 -2.58 -86.64
N GLY C 2 -17.81 -13.93 -81.46
CA GLY C 2 -17.25 -14.01 -80.07
C GLY C 2 -18.13 -13.31 -79.02
N PRO C 3 -17.51 -12.50 -78.12
CA PRO C 3 -18.27 -11.55 -77.22
C PRO C 3 -19.26 -10.58 -77.98
N ASN C 4 -18.93 -10.33 -79.23
CA ASN C 4 -19.76 -9.58 -80.18
C ASN C 4 -21.19 -10.14 -80.31
N GLY C 5 -21.29 -11.48 -80.40
CA GLY C 5 -22.61 -12.16 -80.45
C GLY C 5 -23.49 -11.82 -79.26
N LEU C 6 -22.90 -11.83 -78.06
CA LEU C 6 -23.65 -11.58 -76.81
C LEU C 6 -24.12 -10.13 -76.74
N ILE C 7 -23.28 -9.20 -77.16
CA ILE C 7 -23.70 -7.80 -77.30
C ILE C 7 -24.82 -7.67 -78.35
N GLU C 8 -24.64 -8.27 -79.52
CA GLU C 8 -25.74 -8.28 -80.50
C GLU C 8 -27.03 -8.87 -79.92
N ARG C 9 -26.93 -9.92 -79.11
CA ARG C 9 -28.14 -10.50 -78.51
C ARG C 9 -28.89 -9.51 -77.58
N GLN C 10 -28.12 -8.70 -76.85
CA GLN C 10 -28.72 -7.70 -75.95
C GLN C 10 -29.37 -6.57 -76.73
N VAL C 11 -28.64 -6.11 -77.75
CA VAL C 11 -29.13 -5.06 -78.65
C VAL C 11 -30.46 -5.47 -79.27
N THR C 12 -30.51 -6.67 -79.82
CA THR C 12 -31.72 -7.21 -80.44
C THR C 12 -32.89 -7.23 -79.47
N ARG C 13 -32.66 -7.72 -78.23
CA ARG C 13 -33.77 -7.71 -77.27
C ARG C 13 -34.24 -6.31 -76.89
N GLU C 14 -33.30 -5.36 -76.80
CA GLU C 14 -33.64 -3.97 -76.56
C GLU C 14 -34.53 -3.42 -77.68
N LEU C 15 -34.16 -3.67 -78.93
CA LEU C 15 -34.94 -3.19 -80.07
C LEU C 15 -36.36 -3.75 -80.08
N LEU C 16 -36.51 -5.00 -79.66
CA LEU C 16 -37.83 -5.63 -79.50
C LEU C 16 -38.63 -5.00 -78.34
N GLU C 17 -37.97 -4.77 -77.20
CA GLU C 17 -38.56 -4.04 -76.04
C GLU C 17 -38.86 -2.57 -76.34
N LEU C 18 -37.92 -1.91 -77.00
CA LEU C 18 -37.92 -0.46 -77.19
C LEU C 18 -38.87 0.00 -78.29
N PHE C 19 -38.95 -0.78 -79.39
CA PHE C 19 -39.73 -0.40 -80.57
C PHE C 19 -40.79 -1.41 -81.01
N ASN C 20 -40.95 -2.53 -80.30
CA ASN C 20 -41.93 -3.59 -80.66
C ASN C 20 -41.97 -4.16 -82.09
N ILE C 21 -40.94 -4.93 -82.46
CA ILE C 21 -40.72 -5.37 -83.85
C ILE C 21 -40.06 -6.76 -83.92
N THR C 25 -38.99 -9.50 -88.28
CA THR C 25 -39.28 -8.10 -88.67
C THR C 25 -38.00 -7.26 -88.64
N LEU C 26 -37.13 -7.56 -87.68
CA LEU C 26 -35.92 -6.78 -87.46
C LEU C 26 -34.87 -6.99 -88.55
N ASN C 27 -34.74 -8.21 -89.05
CA ASN C 27 -33.75 -8.56 -90.08
C ASN C 27 -34.04 -7.96 -91.47
N THR C 28 -35.32 -7.94 -91.85
CA THR C 28 -35.78 -7.37 -93.12
C THR C 28 -35.83 -5.84 -93.08
N GLY C 30 -33.31 -4.17 -92.94
CA GLY C 30 -31.88 -3.92 -93.02
C GLY C 30 -31.46 -2.72 -92.19
N LEU C 31 -31.80 -2.78 -90.91
CA LEU C 31 -31.62 -1.62 -90.05
C LEU C 31 -30.14 -1.44 -89.73
N VAL C 32 -29.71 -0.19 -89.57
CA VAL C 32 -28.36 0.12 -89.06
C VAL C 32 -28.44 0.63 -87.61
N VAL C 33 -27.86 -0.14 -86.71
CA VAL C 33 -27.97 0.09 -85.29
C VAL C 33 -26.59 0.43 -84.74
N THR C 34 -26.45 1.62 -84.17
CA THR C 34 -25.23 2.05 -83.46
C THR C 34 -25.39 1.75 -81.96
N THR C 35 -24.49 0.95 -81.41
CA THR C 35 -24.57 0.57 -79.99
C THR C 35 -23.91 1.65 -79.16
N THR C 36 -24.02 1.52 -77.85
CA THR C 36 -23.37 2.43 -76.91
C THR C 36 -21.91 2.02 -76.59
N ILE C 37 -21.51 0.84 -77.06
CA ILE C 37 -20.25 0.21 -76.73
C ILE C 37 -19.10 1.06 -77.19
N ASP C 38 -18.09 1.20 -76.33
CA ASP C 38 -16.96 2.05 -76.61
C ASP C 38 -15.79 1.11 -76.99
N PRO C 39 -15.22 1.27 -78.22
CA PRO C 39 -14.24 0.29 -78.64
C PRO C 39 -13.04 0.15 -77.69
N GLN C 40 -12.56 1.27 -77.16
CA GLN C 40 -11.46 1.27 -76.24
C GLN C 40 -11.75 0.48 -74.94
N ALA C 41 -12.87 0.74 -74.32
CA ALA C 41 -13.27 0.04 -73.10
C ALA C 41 -13.53 -1.43 -73.34
N GLN C 42 -14.21 -1.75 -74.42
CA GLN C 42 -14.52 -3.14 -74.79
C GLN C 42 -13.28 -3.99 -74.98
N ARG C 43 -12.28 -3.47 -75.71
CA ARG C 43 -11.03 -4.19 -75.92
C ARG C 43 -10.25 -4.37 -74.59
N ALA C 44 -10.19 -3.33 -73.77
CA ALA C 44 -9.51 -3.46 -72.48
C ALA C 44 -10.19 -4.52 -71.60
N ALA C 45 -11.51 -4.62 -71.63
CA ALA C 45 -12.22 -5.67 -70.89
C ALA C 45 -11.84 -7.05 -71.44
N GLU C 46 -11.86 -7.20 -72.77
CA GLU C 46 -11.51 -8.48 -73.38
C GLU C 46 -10.09 -8.85 -73.05
N LYS C 47 -9.18 -7.88 -73.18
CA LYS C 47 -7.74 -8.16 -72.91
C LYS C 47 -7.46 -8.53 -71.45
N ALA C 48 -8.12 -7.85 -70.53
CA ALA C 48 -7.97 -8.15 -69.12
C ALA C 48 -8.44 -9.54 -68.76
N VAL C 49 -9.61 -9.89 -69.26
CA VAL C 49 -10.13 -11.25 -69.01
C VAL C 49 -9.17 -12.32 -69.58
N ALA C 50 -8.66 -12.11 -70.81
CA ALA C 50 -7.69 -13.04 -71.42
C ALA C 50 -6.40 -13.18 -70.62
N LYS C 51 -5.85 -12.04 -70.23
CA LYS C 51 -4.65 -12.00 -69.46
C LYS C 51 -4.75 -12.77 -68.14
N TYR C 52 -5.80 -12.50 -67.38
CA TYR C 52 -5.96 -13.08 -66.04
C TYR C 52 -6.61 -14.45 -65.97
N LEU C 53 -7.32 -14.86 -67.03
CA LEU C 53 -7.82 -16.22 -67.12
C LEU C 53 -6.86 -17.17 -67.83
N ASP C 54 -5.74 -16.62 -68.30
CA ASP C 54 -4.68 -17.39 -68.98
C ASP C 54 -4.04 -18.40 -68.06
N GLY C 55 -3.86 -19.60 -68.58
CA GLY C 55 -3.38 -20.71 -67.79
C GLY C 55 -4.29 -21.11 -66.64
N GLN C 56 -5.53 -20.62 -66.57
CA GLN C 56 -6.49 -21.13 -65.60
C GLN C 56 -7.30 -22.20 -66.27
N ASP C 57 -7.95 -23.05 -65.48
CA ASP C 57 -8.83 -24.12 -66.03
C ASP C 57 -9.87 -23.48 -66.97
N PRO C 58 -10.21 -24.13 -68.11
CA PRO C 58 -11.23 -23.58 -69.07
C PRO C 58 -12.65 -23.44 -68.48
N ASP C 59 -12.94 -24.20 -67.41
CA ASP C 59 -14.18 -24.03 -66.66
C ASP C 59 -14.28 -22.70 -65.87
N MSE C 60 -13.16 -22.01 -65.61
CA MSE C 60 -13.20 -20.70 -64.98
C MSE C 60 -13.72 -19.67 -65.97
O MSE C 60 -13.34 -19.66 -67.13
CB MSE C 60 -11.84 -20.26 -64.42
CG MSE C 60 -12.02 -19.12 -63.41
SE MSE C 60 -10.26 -18.62 -62.69
CE MSE C 60 -9.79 -20.16 -61.57
N ARG C 61 -14.61 -18.81 -65.50
CA ARG C 61 -15.26 -17.81 -66.34
C ARG C 61 -15.30 -16.48 -65.67
N ALA C 62 -15.44 -15.42 -66.48
CA ALA C 62 -15.57 -14.10 -65.93
C ALA C 62 -16.68 -13.36 -66.68
N ALA C 63 -17.19 -12.28 -66.07
CA ALA C 63 -18.14 -11.41 -66.71
C ALA C 63 -17.85 -10.00 -66.30
N VAL C 64 -17.91 -9.06 -67.27
CA VAL C 64 -17.49 -7.69 -67.03
C VAL C 64 -18.52 -6.78 -67.72
N VAL C 65 -18.99 -5.77 -66.97
CA VAL C 65 -19.90 -4.77 -67.55
C VAL C 65 -19.47 -3.39 -67.06
N SER C 66 -19.42 -2.42 -67.99
CA SER C 66 -19.06 -1.05 -67.64
C SER C 66 -20.16 -0.13 -68.11
N ILE C 67 -20.63 0.70 -67.19
CA ILE C 67 -21.73 1.62 -67.50
C ILE C 67 -21.25 3.06 -67.30
N ASP C 68 -21.70 3.95 -68.18
CA ASP C 68 -21.40 5.39 -68.09
C ASP C 68 -22.42 5.97 -67.08
N PRO C 69 -21.97 6.44 -65.89
CA PRO C 69 -22.90 7.06 -64.92
C PRO C 69 -23.60 8.33 -65.40
N HIS C 70 -23.10 8.99 -66.43
CA HIS C 70 -23.78 10.20 -66.95
C HIS C 70 -25.10 9.90 -67.66
N ASN C 71 -25.29 8.66 -68.15
CA ASN C 71 -26.47 8.37 -68.99
C ASN C 71 -26.97 6.92 -69.04
N GLY C 72 -26.36 6.00 -68.29
CA GLY C 72 -26.72 4.58 -68.36
C GLY C 72 -26.24 3.78 -69.58
N ALA C 73 -25.41 4.38 -70.44
CA ALA C 73 -24.92 3.63 -71.62
C ALA C 73 -23.96 2.52 -71.21
N VAL C 74 -24.09 1.36 -71.87
CA VAL C 74 -23.26 0.21 -71.60
C VAL C 74 -22.05 0.36 -72.51
N ARG C 75 -20.88 0.55 -71.91
CA ARG C 75 -19.65 0.89 -72.63
C ARG C 75 -18.74 -0.33 -72.91
N ALA C 76 -18.82 -1.34 -72.06
CA ALA C 76 -18.12 -2.60 -72.25
C ALA C 76 -19.03 -3.65 -71.72
N TYR C 77 -19.08 -4.77 -72.44
CA TYR C 77 -19.90 -5.90 -72.06
C TYR C 77 -19.15 -7.16 -72.46
N TYR C 78 -18.82 -7.97 -71.48
CA TYR C 78 -18.19 -9.25 -71.71
C TYR C 78 -18.96 -10.28 -70.91
N GLY C 79 -19.65 -11.18 -71.61
CA GLY C 79 -20.38 -12.26 -70.96
C GLY C 79 -19.82 -13.65 -71.26
N GLY C 80 -18.72 -13.73 -72.02
CA GLY C 80 -18.17 -15.01 -72.45
C GLY C 80 -17.65 -14.97 -73.87
N ASP C 81 -16.92 -16.02 -74.26
CA ASP C 81 -16.26 -16.10 -75.57
C ASP C 81 -17.12 -16.60 -76.73
N ASN C 82 -18.27 -17.20 -76.42
CA ASN C 82 -19.09 -17.89 -77.45
C ASN C 82 -20.34 -17.06 -77.76
N ALA C 83 -20.39 -16.55 -78.99
CA ALA C 83 -21.53 -15.79 -79.53
C ALA C 83 -22.90 -16.47 -79.43
N ASN C 84 -22.91 -17.80 -79.54
CA ASN C 84 -24.12 -18.64 -79.36
C ASN C 84 -24.26 -19.24 -77.96
N GLY C 85 -23.39 -18.86 -77.03
CA GLY C 85 -23.32 -19.51 -75.74
C GLY C 85 -23.98 -18.74 -74.60
N PHE C 86 -23.77 -19.26 -73.39
CA PHE C 86 -24.36 -18.65 -72.22
C PHE C 86 -23.76 -17.28 -71.94
N ASP C 87 -24.58 -16.28 -71.61
CA ASP C 87 -24.10 -14.93 -71.23
C ASP C 87 -24.04 -14.79 -69.70
N PHE C 88 -22.81 -14.89 -69.17
CA PHE C 88 -22.63 -14.81 -67.71
C PHE C 88 -22.88 -13.43 -67.12
N ALA C 89 -22.88 -12.40 -67.95
CA ALA C 89 -23.29 -11.03 -67.49
C ALA C 89 -24.77 -10.84 -67.28
N GLN C 90 -25.59 -11.80 -67.72
CA GLN C 90 -27.04 -11.76 -67.49
C GLN C 90 -27.47 -12.79 -66.45
N ALA C 91 -26.54 -13.63 -65.98
CA ALA C 91 -26.94 -14.70 -65.07
C ALA C 91 -27.21 -14.14 -63.67
N GLY C 92 -28.14 -14.79 -62.98
CA GLY C 92 -28.35 -14.57 -61.59
C GLY C 92 -27.27 -15.17 -60.72
N LEU C 93 -26.50 -14.32 -60.02
CA LEU C 93 -25.36 -14.74 -59.23
C LEU C 93 -25.43 -14.19 -57.81
N GLN C 94 -24.90 -14.96 -56.88
CA GLN C 94 -24.71 -14.43 -55.51
C GLN C 94 -23.57 -13.42 -55.52
N THR C 95 -23.73 -12.33 -54.75
CA THR C 95 -22.77 -11.22 -54.75
C THR C 95 -21.87 -11.19 -53.52
N GLY C 96 -22.25 -11.95 -52.51
CA GLY C 96 -21.45 -12.09 -51.32
C GLY C 96 -21.27 -10.76 -50.61
N SER C 97 -20.07 -10.58 -50.08
CA SER C 97 -19.79 -9.40 -49.28
C SER C 97 -19.79 -8.07 -50.05
N SER C 98 -20.10 -8.05 -51.37
CA SER C 98 -20.22 -6.78 -52.14
C SER C 98 -21.60 -6.15 -52.01
N PHE C 99 -22.56 -6.87 -51.45
CA PHE C 99 -23.94 -6.35 -51.43
C PHE C 99 -24.13 -5.41 -50.25
N LYS C 100 -23.24 -5.50 -49.26
CA LYS C 100 -23.35 -4.67 -48.04
C LYS C 100 -23.34 -3.11 -48.28
N VAL C 101 -22.91 -2.67 -49.46
CA VAL C 101 -23.00 -1.28 -49.87
C VAL C 101 -24.45 -0.79 -49.81
N PHE C 102 -25.42 -1.67 -50.12
CA PHE C 102 -26.84 -1.31 -50.03
C PHE C 102 -27.38 -1.17 -48.60
N ALA C 103 -26.80 -1.89 -47.66
CA ALA C 103 -27.13 -1.70 -46.25
C ALA C 103 -26.56 -0.37 -45.78
N LEU C 104 -25.36 0.02 -46.29
CA LEU C 104 -24.80 1.33 -45.93
C LEU C 104 -25.68 2.46 -46.47
N VAL C 105 -26.14 2.31 -47.70
CA VAL C 105 -27.09 3.28 -48.26
C VAL C 105 -28.32 3.36 -47.33
N ALA C 106 -28.85 2.21 -46.92
CA ALA C 106 -30.07 2.21 -46.10
C ALA C 106 -29.85 2.91 -44.77
N ALA C 107 -28.69 2.69 -44.18
CA ALA C 107 -28.33 3.33 -42.93
C ALA C 107 -28.25 4.80 -43.02
N LEU C 108 -27.50 5.27 -43.99
CA LEU C 108 -27.34 6.73 -44.20
C LEU C 108 -28.68 7.41 -44.45
N GLU C 109 -29.54 6.80 -45.27
CA GLU C 109 -30.91 7.32 -45.50
C GLU C 109 -31.74 7.47 -44.24
N GLN C 110 -31.40 6.71 -43.19
CA GLN C 110 -32.03 6.80 -41.89
C GLN C 110 -31.31 7.69 -40.89
N GLY C 111 -30.30 8.42 -41.34
CA GLY C 111 -29.59 9.33 -40.49
C GLY C 111 -28.48 8.72 -39.67
N ILE C 112 -28.01 7.52 -40.01
CA ILE C 112 -26.86 6.91 -39.32
C ILE C 112 -25.63 7.21 -40.17
N GLY C 113 -24.59 7.79 -39.60
CA GLY C 113 -23.45 8.30 -40.38
C GLY C 113 -22.25 7.36 -40.36
N LEU C 114 -21.21 7.73 -41.09
CA LEU C 114 -20.07 6.86 -41.27
C LEU C 114 -19.28 6.57 -40.01
N GLY C 115 -19.34 7.49 -39.06
CA GLY C 115 -18.70 7.28 -37.75
C GLY C 115 -19.48 6.43 -36.77
N TYR C 116 -20.66 5.93 -37.14
CA TYR C 116 -21.45 5.08 -36.27
C TYR C 116 -20.69 3.77 -35.97
N GLN C 117 -20.58 3.46 -34.68
CA GLN C 117 -19.76 2.36 -34.18
C GLN C 117 -20.64 1.13 -33.99
N VAL C 118 -20.15 -0.03 -34.49
CA VAL C 118 -20.84 -1.30 -34.37
C VAL C 118 -19.84 -2.40 -33.98
N ASP C 119 -20.30 -3.31 -33.14
CA ASP C 119 -19.52 -4.47 -32.70
C ASP C 119 -19.30 -5.42 -33.91
N SER C 120 -18.06 -5.90 -34.10
CA SER C 120 -17.73 -6.85 -35.17
C SER C 120 -17.57 -8.30 -34.75
N SER C 121 -17.93 -8.61 -33.50
CA SER C 121 -17.73 -9.94 -32.98
C SER C 121 -18.64 -10.91 -33.71
N PRO C 122 -18.25 -12.20 -33.77
CA PRO C 122 -19.18 -13.23 -34.30
C PRO C 122 -20.54 -13.20 -33.58
N LEU C 123 -21.60 -13.63 -34.25
CA LEU C 123 -22.98 -13.45 -33.80
C LEU C 123 -23.80 -14.66 -34.26
N THR C 124 -24.81 -15.06 -33.47
CA THR C 124 -25.81 -16.06 -33.87
C THR C 124 -27.20 -15.42 -33.87
N VAL C 125 -27.92 -15.52 -34.98
CA VAL C 125 -29.26 -14.92 -35.11
C VAL C 125 -30.21 -15.90 -35.81
N ASP C 126 -31.34 -16.17 -35.14
CA ASP C 126 -32.35 -17.14 -35.60
C ASP C 126 -31.72 -18.51 -35.87
N GLY C 127 -30.74 -18.89 -35.05
CA GLY C 127 -30.02 -20.17 -35.18
C GLY C 127 -28.87 -20.20 -36.18
N ILE C 128 -28.61 -19.09 -36.87
CA ILE C 128 -27.59 -19.01 -37.93
C ILE C 128 -26.31 -18.30 -37.40
N LYS C 129 -25.17 -18.99 -37.44
CA LYS C 129 -23.87 -18.39 -37.05
C LYS C 129 -23.33 -17.50 -38.16
N ILE C 130 -23.04 -16.25 -37.82
CA ILE C 130 -22.51 -15.26 -38.76
C ILE C 130 -21.05 -14.97 -38.37
N THR C 131 -20.15 -15.17 -39.34
CA THR C 131 -18.70 -14.95 -39.19
C THR C 131 -18.17 -14.19 -40.39
N ASN C 132 -16.92 -13.73 -40.29
CA ASN C 132 -16.29 -12.97 -41.37
C ASN C 132 -15.34 -13.76 -42.27
N VAL C 133 -15.11 -13.23 -43.48
CA VAL C 133 -14.47 -13.91 -44.63
C VAL C 133 -13.17 -14.62 -44.32
N GLU C 134 -12.25 -13.89 -43.71
CA GLU C 134 -10.94 -14.41 -43.33
C GLU C 134 -10.82 -14.55 -41.81
N GLY C 135 -11.94 -14.51 -41.09
CA GLY C 135 -11.89 -14.37 -39.63
C GLY C 135 -11.53 -12.95 -39.20
N GLU C 136 -11.63 -11.98 -40.10
CA GLU C 136 -11.24 -10.61 -39.75
C GLU C 136 -12.23 -10.00 -38.73
N GLY C 137 -11.79 -8.92 -38.10
CA GLY C 137 -12.58 -8.19 -37.11
C GLY C 137 -11.77 -7.02 -36.59
N CYS C 138 -12.45 -6.10 -35.92
CA CYS C 138 -11.88 -4.83 -35.51
C CYS C 138 -12.25 -4.52 -34.04
N GLY C 139 -12.82 -5.47 -33.30
CA GLY C 139 -13.45 -5.19 -32.01
C GLY C 139 -14.70 -4.42 -32.32
N THR C 140 -14.78 -3.18 -31.84
CA THR C 140 -15.84 -2.25 -32.27
C THR C 140 -15.17 -1.23 -33.15
N CYS C 141 -15.74 -0.92 -34.33
CA CYS C 141 -15.22 0.12 -35.17
C CYS C 141 -16.35 0.74 -35.98
N ASN C 142 -16.06 1.79 -36.70
CA ASN C 142 -17.12 2.45 -37.46
C ASN C 142 -17.57 1.67 -38.71
N ILE C 143 -18.73 2.04 -39.24
CA ILE C 143 -19.30 1.27 -40.37
C ILE C 143 -18.52 1.50 -41.67
N ALA C 144 -17.78 2.58 -41.76
CA ALA C 144 -16.92 2.78 -42.95
C ALA C 144 -15.70 1.86 -42.88
N GLU C 145 -15.12 1.76 -41.70
CA GLU C 145 -14.00 0.83 -41.46
C GLU C 145 -14.48 -0.63 -41.69
N ALA C 146 -15.69 -0.94 -41.21
CA ALA C 146 -16.24 -2.27 -41.39
C ALA C 146 -16.53 -2.56 -42.87
N LEU C 147 -16.95 -1.55 -43.65
CA LEU C 147 -17.11 -1.77 -45.06
C LEU C 147 -15.78 -2.14 -45.70
N LYS C 148 -14.73 -1.39 -45.38
CA LYS C 148 -13.42 -1.61 -45.95
C LYS C 148 -12.87 -2.99 -45.63
N MSE C 149 -12.95 -3.37 -44.36
CA MSE C 149 -12.51 -4.71 -43.90
C MSE C 149 -13.47 -5.81 -44.29
O MSE C 149 -13.20 -6.98 -44.12
CB MSE C 149 -12.30 -4.60 -42.40
CG MSE C 149 -11.18 -3.63 -42.06
SE MSE C 149 -10.87 -3.80 -40.11
CE MSE C 149 -9.93 -5.49 -40.06
N SER C 150 -14.64 -5.42 -44.82
CA SER C 150 -15.62 -6.32 -45.39
C SER C 150 -16.21 -7.24 -44.30
N LEU C 151 -16.64 -6.64 -43.19
CA LEU C 151 -17.08 -7.38 -42.00
C LEU C 151 -18.56 -7.71 -42.10
N ASN C 152 -18.84 -8.95 -42.46
CA ASN C 152 -20.22 -9.44 -42.47
C ASN C 152 -20.92 -9.23 -41.08
N THR C 153 -20.20 -9.52 -40.00
CA THR C 153 -20.81 -9.45 -38.65
C THR C 153 -21.34 -8.05 -38.37
N SER C 154 -20.53 -7.04 -38.66
CA SER C 154 -20.88 -5.64 -38.40
C SER C 154 -22.08 -5.24 -39.22
N TYR C 155 -22.10 -5.62 -40.50
CA TYR C 155 -23.21 -5.21 -41.39
C TYR C 155 -24.45 -5.99 -41.10
N TYR C 156 -24.30 -7.20 -40.59
CA TYR C 156 -25.47 -7.93 -40.13
C TYR C 156 -26.08 -7.21 -38.91
N ARG C 157 -25.24 -6.83 -37.93
CA ARG C 157 -25.78 -6.02 -36.80
C ARG C 157 -26.40 -4.70 -37.23
N LEU C 158 -25.74 -4.02 -38.18
CA LEU C 158 -26.24 -2.77 -38.66
C LEU C 158 -27.61 -2.94 -39.24
N MSE C 159 -27.78 -3.89 -40.13
CA MSE C 159 -29.10 -4.14 -40.71
C MSE C 159 -30.19 -4.34 -39.69
O MSE C 159 -31.31 -3.85 -39.88
CB MSE C 159 -29.02 -5.41 -41.56
CG MSE C 159 -30.37 -5.97 -42.02
SE MSE C 159 -30.09 -7.62 -43.07
CE MSE C 159 -29.30 -8.78 -41.69
N LEU C 160 -29.90 -5.11 -38.63
CA LEU C 160 -30.90 -5.40 -37.61
C LEU C 160 -31.25 -4.21 -36.72
N LYS C 161 -30.47 -3.14 -36.76
CA LYS C 161 -30.78 -1.89 -36.07
C LYS C 161 -31.50 -0.89 -37.00
N LEU C 162 -31.76 -1.27 -38.26
CA LEU C 162 -32.43 -0.36 -39.20
C LEU C 162 -33.92 -0.58 -39.21
N ASN C 163 -34.69 0.51 -39.35
CA ASN C 163 -36.12 0.37 -39.58
C ASN C 163 -36.32 -0.34 -40.90
N GLY C 164 -37.07 -1.42 -40.86
CA GLY C 164 -37.30 -2.32 -42.03
C GLY C 164 -36.38 -3.53 -42.08
N GLY C 165 -35.25 -3.49 -41.38
CA GLY C 165 -34.30 -4.60 -41.33
C GLY C 165 -33.88 -5.00 -42.75
N PRO C 166 -33.98 -6.29 -43.09
CA PRO C 166 -33.51 -6.68 -44.42
C PRO C 166 -34.31 -6.02 -45.54
N GLN C 167 -35.58 -5.67 -45.28
CA GLN C 167 -36.37 -4.98 -46.30
C GLN C 167 -35.73 -3.62 -46.67
N ALA C 168 -35.10 -2.98 -45.69
CA ALA C 168 -34.48 -1.68 -45.92
C ALA C 168 -33.32 -1.84 -46.87
N VAL C 169 -32.60 -2.95 -46.76
CA VAL C 169 -31.48 -3.27 -47.63
C VAL C 169 -31.97 -3.53 -49.05
N ALA C 170 -33.08 -4.28 -49.20
CA ALA C 170 -33.66 -4.56 -50.50
C ALA C 170 -34.18 -3.28 -51.14
N ASP C 171 -34.79 -2.41 -50.34
CA ASP C 171 -35.35 -1.16 -50.91
C ASP C 171 -34.24 -0.25 -51.43
N ALA C 172 -33.13 -0.16 -50.70
CA ALA C 172 -32.00 0.65 -51.13
C ALA C 172 -31.36 0.09 -52.40
N ALA C 173 -31.22 -1.23 -52.45
CA ALA C 173 -30.74 -1.93 -53.66
C ALA C 173 -31.61 -1.64 -54.87
N HIS C 174 -32.90 -1.86 -54.69
CA HIS C 174 -33.88 -1.58 -55.76
C HIS C 174 -33.91 -0.14 -56.22
N GLN C 175 -33.90 0.82 -55.28
CA GLN C 175 -33.74 2.26 -55.60
C GLN C 175 -32.47 2.53 -56.39
N ALA C 176 -31.36 1.95 -55.97
CA ALA C 176 -30.08 2.18 -56.64
C ALA C 176 -30.03 1.70 -58.11
N GLY C 177 -30.88 0.78 -58.48
CA GLY C 177 -30.86 0.21 -59.83
C GLY C 177 -30.71 -1.29 -59.92
N ILE C 178 -30.64 -1.99 -58.79
CA ILE C 178 -30.70 -3.44 -58.89
C ILE C 178 -32.10 -3.76 -59.36
N ALA C 179 -32.24 -4.43 -60.50
CA ALA C 179 -33.54 -4.59 -61.11
C ALA C 179 -34.49 -5.43 -60.25
N SER C 180 -35.74 -5.03 -60.23
CA SER C 180 -36.77 -5.74 -59.48
C SER C 180 -37.22 -7.06 -60.11
N SER C 181 -36.84 -7.24 -61.38
CA SER C 181 -37.02 -8.51 -62.06
C SER C 181 -36.06 -8.59 -63.23
N PHE C 182 -35.76 -9.81 -63.63
CA PHE C 182 -35.01 -10.03 -64.87
C PHE C 182 -35.41 -11.44 -65.35
N PRO C 183 -34.99 -11.83 -66.57
CA PRO C 183 -35.40 -13.13 -67.12
C PRO C 183 -35.40 -14.36 -66.16
N GLY C 184 -34.31 -14.69 -65.51
CA GLY C 184 -34.43 -15.60 -64.33
C GLY C 184 -35.70 -15.48 -63.41
N VAL C 185 -36.04 -14.26 -62.97
CA VAL C 185 -36.71 -14.06 -61.65
C VAL C 185 -37.69 -12.88 -61.66
N ALA C 186 -38.95 -13.15 -61.34
CA ALA C 186 -40.02 -12.14 -61.41
C ALA C 186 -39.93 -11.11 -60.28
N HIS C 187 -39.39 -11.52 -59.12
CA HIS C 187 -39.30 -10.62 -57.95
C HIS C 187 -37.99 -10.84 -57.22
N THR C 188 -37.02 -9.97 -57.48
CA THR C 188 -35.66 -10.12 -56.91
C THR C 188 -35.66 -9.65 -55.49
N LEU C 189 -34.67 -10.12 -54.72
CA LEU C 189 -34.49 -9.73 -53.29
C LEU C 189 -35.72 -10.03 -52.44
N SER C 190 -36.34 -11.17 -52.71
CA SER C 190 -37.63 -11.53 -52.08
C SER C 190 -37.61 -13.01 -51.73
N GLU C 191 -37.75 -13.35 -50.45
CA GLU C 191 -37.65 -14.75 -50.05
C GLU C 191 -38.78 -15.63 -50.64
N ASP C 192 -40.03 -15.16 -50.62
CA ASP C 192 -41.11 -15.97 -51.20
C ASP C 192 -41.12 -15.96 -52.74
N GLY C 193 -40.26 -15.13 -53.36
CA GLY C 193 -40.21 -14.94 -54.78
C GLY C 193 -41.44 -14.30 -55.40
N LYS C 194 -42.36 -13.81 -54.58
CA LYS C 194 -43.60 -13.17 -55.04
C LYS C 194 -43.62 -11.69 -54.70
N GLY C 195 -42.55 -11.17 -54.09
CA GLY C 195 -42.46 -9.75 -53.77
C GLY C 195 -42.46 -9.50 -52.28
N GLY C 196 -42.63 -10.54 -51.46
CA GLY C 196 -42.42 -10.45 -50.02
C GLY C 196 -40.99 -10.08 -49.60
N PRO C 197 -40.77 -9.93 -48.30
CA PRO C 197 -39.49 -9.41 -47.83
C PRO C 197 -38.33 -10.40 -47.99
N PRO C 198 -37.09 -9.88 -48.03
CA PRO C 198 -35.94 -10.76 -48.01
C PRO C 198 -35.66 -11.32 -46.64
N ASN C 199 -34.80 -12.34 -46.62
CA ASN C 199 -34.20 -12.86 -45.40
C ASN C 199 -33.03 -12.00 -45.02
N ASN C 200 -32.54 -12.21 -43.79
CA ASN C 200 -31.34 -11.52 -43.30
C ASN C 200 -30.11 -11.71 -44.20
N GLY C 201 -30.06 -12.86 -44.87
CA GLY C 201 -28.98 -13.15 -45.81
C GLY C 201 -28.79 -12.18 -46.94
N ILE C 202 -29.76 -11.31 -47.17
CA ILE C 202 -29.58 -10.27 -48.16
C ILE C 202 -28.31 -9.45 -47.98
N VAL C 203 -27.97 -9.12 -46.73
CA VAL C 203 -26.78 -8.34 -46.45
C VAL C 203 -25.46 -9.12 -46.71
N LEU C 204 -25.54 -10.47 -46.75
CA LEU C 204 -24.40 -11.32 -47.12
C LEU C 204 -24.38 -11.70 -48.60
N GLY C 205 -25.26 -11.08 -49.37
CA GLY C 205 -25.25 -11.20 -50.82
C GLY C 205 -25.71 -12.54 -51.32
N GLN C 206 -26.64 -13.14 -50.59
CA GLN C 206 -27.10 -14.48 -50.90
C GLN C 206 -28.16 -14.50 -52.00
N TYR C 207 -28.78 -13.36 -52.35
CA TYR C 207 -29.74 -13.33 -53.44
C TYR C 207 -29.08 -13.22 -54.80
N GLN C 208 -29.82 -13.64 -55.83
CA GLN C 208 -29.33 -13.57 -57.20
C GLN C 208 -29.41 -12.17 -57.74
N THR C 209 -28.33 -11.70 -58.32
CA THR C 209 -28.24 -10.42 -58.97
C THR C 209 -27.36 -10.60 -60.22
N ARG C 210 -27.61 -9.82 -61.26
CA ARG C 210 -26.77 -9.86 -62.45
C ARG C 210 -25.59 -8.93 -62.38
N VAL C 211 -24.56 -9.28 -63.14
CA VAL C 211 -23.40 -8.40 -63.25
C VAL C 211 -23.82 -6.99 -63.78
N ILE C 212 -24.73 -6.96 -64.76
CA ILE C 212 -25.21 -5.67 -65.26
C ILE C 212 -25.97 -4.88 -64.17
N ASP C 213 -26.70 -5.56 -63.29
CA ASP C 213 -27.35 -4.88 -62.14
C ASP C 213 -26.34 -4.20 -61.24
N MSE C 214 -25.29 -4.90 -60.84
CA MSE C 214 -24.27 -4.31 -59.96
C MSE C 214 -23.58 -3.13 -60.62
O MSE C 214 -23.37 -2.09 -59.97
CB MSE C 214 -23.22 -5.37 -59.54
CG MSE C 214 -23.82 -6.46 -58.69
SE MSE C 214 -24.45 -5.79 -56.93
CE MSE C 214 -22.75 -5.69 -55.98
N ALA C 215 -23.27 -3.22 -61.93
CA ALA C 215 -22.60 -2.10 -62.59
C ALA C 215 -23.55 -0.87 -62.64
N SER C 216 -24.83 -1.14 -62.86
CA SER C 216 -25.86 -0.09 -62.99
C SER C 216 -26.07 0.56 -61.64
N ALA C 217 -26.21 -0.24 -60.60
CA ALA C 217 -26.52 0.32 -59.28
C ALA C 217 -25.34 1.11 -58.77
N TYR C 218 -24.12 0.65 -59.07
CA TYR C 218 -22.97 1.39 -58.66
C TYR C 218 -22.79 2.64 -59.50
N ALA C 219 -23.24 2.61 -60.75
CA ALA C 219 -23.31 3.84 -61.55
C ALA C 219 -24.17 4.95 -60.89
N THR C 220 -25.32 4.55 -60.34
CA THR C 220 -26.17 5.47 -59.60
C THR C 220 -25.43 6.16 -58.46
N LEU C 221 -24.64 5.39 -57.69
CA LEU C 221 -23.80 5.99 -56.66
C LEU C 221 -22.74 6.94 -57.27
N ALA C 222 -22.11 6.52 -58.35
CA ALA C 222 -21.11 7.33 -59.10
C ALA C 222 -21.67 8.66 -59.63
N ALA C 223 -22.98 8.67 -59.89
CA ALA C 223 -23.70 9.87 -60.31
C ALA C 223 -24.36 10.62 -59.17
N SER C 224 -23.90 10.45 -57.92
CA SER C 224 -24.48 11.12 -56.74
C SER C 224 -26.00 10.84 -56.57
N GLY C 225 -26.39 9.61 -56.89
CA GLY C 225 -27.73 9.12 -56.60
C GLY C 225 -28.71 9.21 -57.76
N ILE C 226 -28.26 9.71 -58.90
CA ILE C 226 -29.04 9.75 -60.16
C ILE C 226 -28.95 8.44 -60.94
N TYR C 227 -30.10 7.78 -61.08
CA TYR C 227 -30.23 6.54 -61.86
C TYR C 227 -30.56 6.81 -63.30
N HIS C 228 -29.90 6.08 -64.22
CA HIS C 228 -30.28 6.09 -65.63
C HIS C 228 -30.46 4.63 -66.03
N PRO C 229 -31.59 4.26 -66.70
CA PRO C 229 -31.74 2.88 -67.13
C PRO C 229 -30.58 2.41 -68.04
N PRO C 230 -30.01 1.24 -67.73
CA PRO C 230 -28.94 0.76 -68.63
C PRO C 230 -29.45 0.53 -70.02
N HIS C 231 -28.64 0.83 -71.02
CA HIS C 231 -29.03 0.57 -72.38
C HIS C 231 -27.85 0.37 -73.33
N PHE C 232 -28.16 -0.32 -74.41
CA PHE C 232 -27.18 -0.69 -75.42
C PHE C 232 -27.32 0.05 -76.75
N VAL C 233 -28.49 0.62 -77.06
CA VAL C 233 -28.76 1.20 -78.40
C VAL C 233 -28.59 2.71 -78.32
N GLN C 234 -27.69 3.23 -79.14
CA GLN C 234 -27.42 4.64 -79.18
C GLN C 234 -28.21 5.33 -80.30
N LYS C 235 -28.25 4.69 -81.47
CA LYS C 235 -28.93 5.25 -82.62
C LYS C 235 -29.39 4.14 -83.58
N VAL C 236 -30.46 4.45 -84.30
CA VAL C 236 -31.04 3.49 -85.24
C VAL C 236 -31.45 4.26 -86.49
N VAL C 237 -30.95 3.81 -87.64
CA VAL C 237 -31.18 4.46 -88.91
C VAL C 237 -31.68 3.41 -89.90
N SER C 238 -32.58 3.81 -90.79
CA SER C 238 -33.06 2.94 -91.85
C SER C 238 -31.95 2.72 -92.86
N ALA C 239 -32.04 1.63 -93.63
CA ALA C 239 -31.05 1.35 -94.69
C ALA C 239 -30.92 2.51 -95.69
N ASN C 240 -31.97 3.32 -95.88
N ASN C 240 -32.00 3.29 -95.85
CA ASN C 240 -31.90 4.52 -96.72
CA ASN C 240 -32.04 4.50 -96.67
C ASN C 240 -31.74 5.85 -95.94
C ASN C 240 -31.64 5.83 -95.99
N GLY C 241 -31.18 5.80 -94.75
CA GLY C 241 -30.71 7.03 -94.06
C GLY C 241 -31.61 7.84 -93.13
N GLN C 242 -32.88 7.46 -92.97
CA GLN C 242 -33.76 8.17 -92.03
C GLN C 242 -33.43 7.76 -90.59
N VAL C 243 -32.79 8.69 -89.87
CA VAL C 243 -32.58 8.63 -88.43
C VAL C 243 -33.91 8.41 -87.73
N LEU C 244 -34.04 7.27 -87.08
CA LEU C 244 -35.29 6.88 -86.45
C LEU C 244 -35.23 7.20 -84.95
N PHE C 245 -34.18 6.72 -84.31
CA PHE C 245 -33.96 6.98 -82.90
C PHE C 245 -32.54 7.50 -82.75
N ASP C 246 -32.42 8.46 -81.84
CA ASP C 246 -31.15 8.99 -81.39
C ASP C 246 -31.31 9.16 -79.89
N ALA C 247 -30.61 8.33 -79.12
CA ALA C 247 -30.78 8.33 -77.65
C ALA C 247 -30.59 9.69 -77.02
N SER C 248 -29.82 10.57 -77.66
CA SER C 248 -29.69 11.96 -77.22
C SER C 248 -30.97 12.79 -77.33
N THR C 249 -31.94 12.36 -78.13
CA THR C 249 -33.25 13.02 -78.25
C THR C 249 -34.20 12.72 -77.09
N ALA C 250 -33.98 11.59 -76.40
CA ALA C 250 -34.83 11.13 -75.30
C ALA C 250 -34.56 11.91 -74.02
N ASP C 251 -35.45 11.78 -73.06
CA ASP C 251 -35.21 12.30 -71.72
C ASP C 251 -34.12 11.47 -71.06
N ASN C 252 -32.92 12.03 -71.04
CA ASN C 252 -31.75 11.43 -70.41
C ASN C 252 -31.42 12.08 -69.06
N THR C 253 -32.36 12.77 -68.42
CA THR C 253 -32.03 13.45 -67.18
C THR C 253 -31.88 12.46 -65.98
N GLY C 254 -32.37 11.23 -66.11
CA GLY C 254 -32.31 10.27 -65.02
C GLY C 254 -33.23 10.61 -63.86
N ASP C 255 -33.07 9.91 -62.76
CA ASP C 255 -34.04 9.98 -61.65
C ASP C 255 -33.27 10.02 -60.34
N GLN C 256 -33.57 11.00 -59.47
CA GLN C 256 -32.82 11.10 -58.19
C GLN C 256 -33.39 10.04 -57.25
N ARG C 257 -32.77 8.85 -57.25
CA ARG C 257 -33.28 7.70 -56.51
C ARG C 257 -32.71 7.65 -55.10
N ILE C 258 -31.44 8.02 -54.96
CA ILE C 258 -30.76 8.04 -53.69
C ILE C 258 -30.37 9.52 -53.45
N PRO C 259 -30.64 10.06 -52.25
CA PRO C 259 -30.19 11.42 -51.96
C PRO C 259 -28.71 11.59 -52.22
N LYS C 260 -28.33 12.74 -52.73
CA LYS C 260 -26.94 13.01 -53.04
C LYS C 260 -26.02 12.91 -51.85
N ALA C 261 -26.42 13.47 -50.69
CA ALA C 261 -25.52 13.48 -49.54
C ALA C 261 -25.29 12.03 -49.10
N VAL C 262 -26.32 11.19 -49.25
CA VAL C 262 -26.15 9.75 -49.00
C VAL C 262 -25.19 9.09 -50.00
N ALA C 263 -25.46 9.27 -51.29
CA ALA C 263 -24.61 8.63 -52.28
C ALA C 263 -23.15 9.07 -52.14
N ASP C 264 -22.91 10.32 -51.77
CA ASP C 264 -21.55 10.82 -51.72
C ASP C 264 -20.82 10.37 -50.46
N ASN C 265 -21.55 10.08 -49.38
CA ASN C 265 -20.93 9.47 -48.18
C ASN C 265 -20.55 7.98 -48.43
N VAL C 266 -21.39 7.28 -49.18
CA VAL C 266 -21.08 5.89 -49.58
C VAL C 266 -19.76 5.92 -50.38
N THR C 267 -19.68 6.84 -51.35
CA THR C 267 -18.48 6.96 -52.16
C THR C 267 -17.27 7.18 -51.26
N ALA C 268 -17.38 8.09 -50.28
CA ALA C 268 -16.25 8.34 -49.38
C ALA C 268 -15.82 7.08 -48.66
N ALA C 269 -16.78 6.31 -48.16
CA ALA C 269 -16.43 5.00 -47.49
C ALA C 269 -15.69 4.03 -48.40
N MSE C 270 -16.02 4.06 -49.68
CA MSE C 270 -15.46 3.11 -50.68
C MSE C 270 -14.15 3.54 -51.27
O MSE C 270 -13.45 2.71 -51.86
CB MSE C 270 -16.48 2.90 -51.79
CG MSE C 270 -17.78 2.25 -51.28
SE MSE C 270 -19.18 2.06 -52.67
CE MSE C 270 -18.26 0.93 -53.97
N GLU C 271 -13.78 4.82 -51.12
CA GLU C 271 -12.53 5.38 -51.73
C GLU C 271 -11.26 4.63 -51.38
N PRO C 272 -11.07 4.28 -50.10
CA PRO C 272 -9.81 3.55 -49.83
C PRO C 272 -9.82 2.05 -50.19
N ILE C 273 -10.92 1.49 -50.71
CA ILE C 273 -11.07 0.01 -50.78
C ILE C 273 -10.23 -0.64 -51.88
N ALA C 274 -10.06 0.03 -53.02
CA ALA C 274 -9.25 -0.54 -54.09
C ALA C 274 -7.81 -0.79 -53.63
N GLY C 275 -7.19 0.24 -53.05
CA GLY C 275 -5.84 0.12 -52.52
C GLY C 275 -5.77 -0.91 -51.40
N TYR C 276 -6.73 -0.89 -50.48
CA TYR C 276 -6.76 -1.88 -49.36
C TYR C 276 -6.93 -3.35 -49.84
N SER C 277 -7.62 -3.53 -50.96
CA SER C 277 -7.93 -4.84 -51.49
C SER C 277 -6.71 -5.34 -52.30
N ARG C 278 -5.61 -5.64 -51.61
CA ARG C 278 -4.37 -6.09 -52.27
C ARG C 278 -3.79 -5.16 -53.34
N GLY C 279 -3.81 -3.85 -53.08
CA GLY C 279 -3.10 -2.91 -53.95
C GLY C 279 -3.67 -2.74 -55.36
N HIS C 280 -5.01 -2.67 -55.49
CA HIS C 280 -5.69 -2.55 -56.78
C HIS C 280 -6.16 -1.13 -57.09
N ASN C 281 -5.52 -0.14 -56.49
CA ASN C 281 -5.72 1.24 -56.88
C ASN C 281 -5.39 1.47 -58.39
N LEU C 282 -6.21 2.31 -59.02
CA LEU C 282 -6.10 2.59 -60.42
C LEU C 282 -4.83 3.38 -60.68
N ALA C 283 -4.33 3.26 -61.90
CA ALA C 283 -3.01 3.72 -62.29
C ALA C 283 -2.92 5.22 -62.39
N GLY C 284 -1.70 5.72 -62.23
CA GLY C 284 -1.43 7.16 -62.26
C GLY C 284 -2.22 7.99 -61.27
N GLY C 285 -2.47 7.46 -60.08
CA GLY C 285 -3.06 8.24 -58.99
C GLY C 285 -4.54 8.49 -59.14
N ARG C 286 -5.23 7.70 -59.99
CA ARG C 286 -6.64 7.93 -60.26
C ARG C 286 -7.48 7.42 -59.12
N ASP C 287 -8.31 8.29 -58.55
CA ASP C 287 -9.22 7.88 -57.48
C ASP C 287 -10.31 6.97 -57.97
N SER C 288 -10.73 6.07 -57.08
CA SER C 288 -11.81 5.14 -57.36
C SER C 288 -12.62 4.85 -56.12
N ALA C 289 -13.78 4.27 -56.30
CA ALA C 289 -14.60 3.83 -55.17
C ALA C 289 -14.97 2.38 -55.48
N ALA C 290 -14.58 1.44 -54.62
CA ALA C 290 -14.73 0.03 -54.96
C ALA C 290 -15.19 -0.83 -53.80
N LYS C 291 -15.67 -2.04 -54.15
CA LYS C 291 -16.02 -3.03 -53.13
C LYS C 291 -15.81 -4.43 -53.71
N THR C 292 -15.07 -5.26 -52.95
CA THR C 292 -14.83 -6.66 -53.31
C THR C 292 -15.99 -7.47 -52.79
N GLY C 293 -16.21 -8.66 -53.35
CA GLY C 293 -17.16 -9.63 -52.80
C GLY C 293 -16.62 -11.05 -52.91
N THR C 294 -16.89 -11.90 -51.93
CA THR C 294 -16.60 -13.33 -52.09
C THR C 294 -17.80 -14.05 -51.57
N THR C 295 -18.18 -15.13 -52.21
CA THR C 295 -19.27 -15.96 -51.67
C THR C 295 -18.72 -17.29 -51.23
N GLN C 296 -19.47 -17.91 -50.33
CA GLN C 296 -19.10 -19.21 -49.80
C GLN C 296 -19.56 -20.35 -50.70
N PHE C 297 -18.70 -21.35 -50.85
CA PHE C 297 -19.02 -22.66 -51.48
C PHE C 297 -19.62 -23.60 -50.45
N GLY C 298 -20.90 -23.97 -50.66
CA GLY C 298 -21.58 -24.93 -49.79
C GLY C 298 -21.71 -24.39 -48.37
N ASP C 299 -21.31 -25.21 -47.39
CA ASP C 299 -21.14 -24.78 -46.01
C ASP C 299 -19.66 -24.91 -45.61
N THR C 300 -18.77 -24.89 -46.60
CA THR C 300 -17.35 -25.03 -46.36
C THR C 300 -16.82 -23.63 -46.11
N THR C 301 -15.52 -23.54 -45.84
CA THR C 301 -14.79 -22.26 -45.75
C THR C 301 -14.16 -21.86 -47.10
N ALA C 302 -14.46 -22.60 -48.17
CA ALA C 302 -13.98 -22.30 -49.50
C ALA C 302 -14.97 -21.43 -50.25
N ASN C 303 -14.54 -20.94 -51.40
CA ASN C 303 -15.25 -19.83 -52.07
C ASN C 303 -15.94 -20.29 -53.35
N LYS C 304 -16.95 -19.55 -53.82
CA LYS C 304 -17.67 -19.92 -55.02
C LYS C 304 -17.65 -18.86 -56.13
N ASP C 305 -18.03 -17.64 -55.76
CA ASP C 305 -18.00 -16.46 -56.63
C ASP C 305 -17.06 -15.43 -56.05
N ALA C 306 -16.45 -14.64 -56.91
CA ALA C 306 -15.57 -13.56 -56.48
C ALA C 306 -15.83 -12.36 -57.35
N TRP C 307 -16.02 -11.20 -56.70
CA TRP C 307 -16.42 -9.97 -57.37
C TRP C 307 -15.52 -8.80 -57.06
N MSE C 308 -15.43 -7.89 -58.01
CA MSE C 308 -14.91 -6.55 -57.74
C MSE C 308 -15.78 -5.62 -58.52
O MSE C 308 -15.89 -5.80 -59.73
CB MSE C 308 -13.43 -6.37 -58.07
CG MSE C 308 -12.97 -4.95 -57.94
SE MSE C 308 -13.12 -4.31 -56.08
CE MSE C 308 -11.31 -3.64 -55.85
N VAL C 309 -16.39 -4.64 -57.82
CA VAL C 309 -17.33 -3.66 -58.43
C VAL C 309 -16.91 -2.28 -57.95
N GLY C 310 -16.77 -1.35 -58.88
CA GLY C 310 -16.10 -0.10 -58.54
C GLY C 310 -16.21 0.91 -59.68
N TYR C 311 -16.09 2.18 -59.31
CA TYR C 311 -16.37 3.30 -60.20
C TYR C 311 -15.49 4.55 -60.00
N THR C 312 -15.48 5.36 -61.06
CA THR C 312 -15.11 6.77 -61.02
C THR C 312 -16.39 7.50 -61.39
N PRO C 313 -16.42 8.84 -61.36
CA PRO C 313 -17.65 9.55 -61.84
C PRO C 313 -18.05 9.30 -63.29
N SER C 314 -17.14 8.74 -64.09
CA SER C 314 -17.42 8.55 -65.53
C SER C 314 -17.57 7.11 -65.98
N LEU C 315 -17.34 6.14 -65.09
CA LEU C 315 -17.44 4.75 -65.50
C LEU C 315 -17.59 3.85 -64.29
N SER C 316 -18.54 2.92 -64.36
CA SER C 316 -18.75 1.97 -63.28
C SER C 316 -18.64 0.61 -63.86
N THR C 317 -17.72 -0.20 -63.33
CA THR C 317 -17.46 -1.55 -63.86
C THR C 317 -17.68 -2.62 -62.78
N ALA C 318 -18.47 -3.64 -63.11
CA ALA C 318 -18.62 -4.83 -62.28
C ALA C 318 -17.88 -6.00 -62.92
N VAL C 319 -17.17 -6.77 -62.11
CA VAL C 319 -16.49 -7.98 -62.56
C VAL C 319 -16.84 -9.12 -61.62
N TRP C 320 -17.22 -10.24 -62.23
CA TRP C 320 -17.46 -11.50 -61.52
C TRP C 320 -16.53 -12.55 -62.13
N VAL C 321 -15.96 -13.38 -61.27
CA VAL C 321 -15.30 -14.63 -61.68
C VAL C 321 -15.97 -15.77 -60.91
N GLY C 322 -16.19 -16.86 -61.62
CA GLY C 322 -16.63 -18.09 -61.03
C GLY C 322 -16.14 -19.26 -61.87
N THR C 323 -16.71 -20.41 -61.61
CA THR C 323 -16.31 -21.59 -62.33
C THR C 323 -17.59 -22.35 -62.70
N VAL C 324 -17.62 -22.99 -63.87
CA VAL C 324 -18.80 -23.78 -64.23
C VAL C 324 -18.81 -25.13 -63.47
N LYS C 325 -17.71 -25.53 -62.82
CA LYS C 325 -17.70 -26.67 -61.89
C LYS C 325 -18.70 -26.44 -60.78
N GLY C 326 -19.63 -27.36 -60.60
CA GLY C 326 -20.65 -27.25 -59.54
C GLY C 326 -20.28 -27.84 -58.19
N ASP C 327 -19.24 -28.68 -58.16
CA ASP C 327 -18.96 -29.53 -56.98
C ASP C 327 -17.57 -29.26 -56.42
N GLU C 328 -16.98 -28.13 -56.81
CA GLU C 328 -15.66 -27.75 -56.36
C GLU C 328 -15.69 -26.25 -56.16
N PRO C 329 -14.90 -25.77 -55.19
CA PRO C 329 -14.82 -24.34 -55.03
C PRO C 329 -13.93 -23.68 -56.09
N LEU C 330 -13.89 -22.37 -56.00
CA LEU C 330 -13.18 -21.51 -56.93
C LEU C 330 -11.74 -21.36 -56.46
N VAL C 331 -10.81 -21.91 -57.24
CA VAL C 331 -9.39 -21.90 -56.88
C VAL C 331 -8.52 -21.63 -58.09
N THR C 332 -7.38 -21.01 -57.85
CA THR C 332 -6.45 -20.75 -58.90
C THR C 332 -5.85 -22.09 -59.32
N ALA C 333 -5.21 -22.12 -60.47
CA ALA C 333 -4.43 -23.28 -60.89
C ALA C 333 -3.34 -23.69 -59.87
N SER C 334 -2.78 -22.70 -59.20
CA SER C 334 -1.82 -22.92 -58.10
C SER C 334 -2.41 -23.53 -56.82
N GLY C 335 -3.72 -23.57 -56.68
CA GLY C 335 -4.38 -24.13 -55.49
C GLY C 335 -4.95 -23.12 -54.52
N ALA C 336 -4.73 -21.82 -54.75
CA ALA C 336 -5.18 -20.79 -53.80
C ALA C 336 -6.64 -20.45 -54.03
N ALA C 337 -7.38 -20.27 -52.93
CA ALA C 337 -8.76 -19.78 -52.94
C ALA C 337 -8.80 -18.41 -53.59
N ILE C 338 -9.76 -18.21 -54.50
CA ILE C 338 -10.00 -16.93 -55.17
C ILE C 338 -10.96 -16.07 -54.36
N TYR C 339 -10.48 -14.90 -53.95
CA TYR C 339 -11.33 -13.87 -53.32
C TYR C 339 -11.54 -12.70 -54.24
N GLY C 340 -12.49 -11.81 -53.92
CA GLY C 340 -12.71 -10.59 -54.72
C GLY C 340 -11.45 -9.76 -54.93
N SER C 341 -10.59 -9.71 -53.91
CA SER C 341 -9.35 -8.98 -54.00
C SER C 341 -8.25 -9.63 -54.86
N GLY C 342 -8.51 -10.81 -55.43
CA GLY C 342 -7.56 -11.43 -56.34
C GLY C 342 -7.95 -11.21 -57.79
N LEU C 343 -8.19 -12.30 -58.53
CA LEU C 343 -8.40 -12.19 -59.97
C LEU C 343 -9.49 -11.19 -60.39
N PRO C 344 -10.62 -11.13 -59.68
CA PRO C 344 -11.65 -10.15 -60.09
C PRO C 344 -11.15 -8.73 -59.99
N SER C 345 -10.33 -8.44 -58.98
CA SER C 345 -9.77 -7.10 -58.86
C SER C 345 -8.68 -6.87 -59.88
N ASP C 346 -7.92 -7.92 -60.21
CA ASP C 346 -6.96 -7.81 -61.32
C ASP C 346 -7.66 -7.39 -62.61
N ILE C 347 -8.79 -8.02 -62.93
CA ILE C 347 -9.51 -7.76 -64.20
C ILE C 347 -10.18 -6.37 -64.11
N TRP C 348 -10.74 -6.06 -62.95
CA TRP C 348 -11.44 -4.77 -62.76
C TRP C 348 -10.48 -3.64 -62.96
N LYS C 349 -9.31 -3.76 -62.36
CA LYS C 349 -8.28 -2.74 -62.48
C LYS C 349 -7.79 -2.58 -63.90
N ALA C 350 -7.51 -3.71 -64.55
CA ALA C 350 -7.03 -3.65 -65.92
C ALA C 350 -8.07 -3.04 -66.85
N THR C 351 -9.34 -3.39 -66.66
CA THR C 351 -10.44 -2.89 -67.47
C THR C 351 -10.62 -1.39 -67.28
N MSE C 352 -10.63 -0.94 -66.01
CA MSE C 352 -10.78 0.50 -65.69
C MSE C 352 -9.58 1.29 -66.17
O MSE C 352 -9.73 2.30 -66.83
CB MSE C 352 -11.04 0.71 -64.18
CG MSE C 352 -12.39 0.12 -63.80
SE MSE C 352 -13.82 1.40 -64.29
CE MSE C 352 -13.89 2.46 -62.65
N ASP C 353 -8.37 0.81 -65.89
CA ASP C 353 -7.20 1.50 -66.40
C ASP C 353 -7.29 1.65 -67.92
N GLY C 354 -7.59 0.56 -68.59
CA GLY C 354 -7.63 0.55 -70.05
C GLY C 354 -8.76 1.36 -70.61
N ALA C 355 -9.91 1.39 -69.94
CA ALA C 355 -11.07 2.11 -70.47
C ALA C 355 -10.94 3.62 -70.24
N LEU C 356 -10.33 3.99 -69.13
CA LEU C 356 -10.23 5.40 -68.74
C LEU C 356 -8.94 6.03 -69.19
N LYS C 357 -8.02 5.22 -69.72
CA LYS C 357 -6.75 5.75 -70.27
C LYS C 357 -7.06 6.82 -71.32
N GLY C 358 -6.23 7.85 -71.36
CA GLY C 358 -6.51 9.03 -72.16
C GLY C 358 -7.60 9.95 -71.64
N THR C 359 -7.93 9.87 -70.36
CA THR C 359 -8.81 10.84 -69.73
C THR C 359 -8.15 11.38 -68.47
N SER C 360 -8.56 12.57 -68.06
CA SER C 360 -7.97 13.16 -66.84
C SER C 360 -8.50 12.46 -65.60
N ASN C 361 -7.77 12.64 -64.50
CA ASN C 361 -8.15 12.08 -63.23
C ASN C 361 -9.25 12.92 -62.57
N GLU C 362 -10.43 12.33 -62.33
CA GLU C 362 -11.54 13.00 -61.61
C GLU C 362 -11.48 12.75 -60.07
N THR C 363 -11.88 13.73 -59.30
CA THR C 363 -12.00 13.58 -57.84
C THR C 363 -13.49 13.47 -57.51
N PHE C 364 -13.86 12.82 -56.41
CA PHE C 364 -15.30 12.65 -56.09
C PHE C 364 -15.90 13.90 -55.39
N PRO C 365 -17.24 14.06 -55.38
CA PRO C 365 -17.76 15.24 -54.71
C PRO C 365 -17.54 15.22 -53.19
N LYS C 366 -17.42 16.41 -52.61
CA LYS C 366 -17.29 16.56 -51.17
C LYS C 366 -18.57 16.06 -50.49
N PRO C 367 -18.42 15.18 -49.50
CA PRO C 367 -19.66 14.72 -48.88
C PRO C 367 -20.11 15.80 -47.88
N THR C 368 -21.39 15.81 -47.60
CA THR C 368 -21.96 16.71 -46.59
C THR C 368 -22.43 15.85 -45.46
N GLU C 369 -22.76 16.50 -44.35
CA GLU C 369 -23.10 15.79 -43.13
C GLU C 369 -24.31 14.88 -43.25
N VAL C 370 -24.14 13.63 -42.81
CA VAL C 370 -25.24 12.71 -42.54
C VAL C 370 -24.95 12.04 -41.22
N GLY C 371 -25.91 12.07 -40.29
CA GLY C 371 -25.70 11.46 -38.97
C GLY C 371 -24.50 11.99 -38.20
N GLY C 372 -24.12 13.24 -38.43
CA GLY C 372 -23.03 13.85 -37.68
C GLY C 372 -21.65 13.78 -38.32
N TYR C 373 -21.57 13.11 -39.49
CA TYR C 373 -20.29 12.93 -40.16
C TYR C 373 -20.41 13.26 -41.62
N ALA C 374 -19.32 13.82 -42.14
CA ALA C 374 -19.18 14.21 -43.55
C ALA C 374 -17.93 13.48 -44.05
N GLY C 375 -18.13 12.30 -44.58
CA GLY C 375 -16.99 11.44 -44.97
C GLY C 375 -16.47 10.64 -43.81
N VAL C 376 -15.31 9.99 -43.99
CA VAL C 376 -14.86 8.97 -43.03
C VAL C 376 -14.12 9.64 -41.89
N PRO C 377 -14.60 9.49 -40.63
CA PRO C 377 -13.88 10.11 -39.52
C PRO C 377 -12.78 9.15 -39.02
N PRO C 378 -11.73 9.68 -38.33
CA PRO C 378 -10.78 8.79 -37.60
C PRO C 378 -11.41 7.96 -36.48
N PRO C 379 -10.70 6.91 -35.99
CA PRO C 379 -11.16 6.28 -34.73
C PRO C 379 -11.11 7.28 -33.58
N PRO C 380 -12.14 7.31 -32.72
CA PRO C 380 -12.29 8.48 -31.83
C PRO C 380 -11.21 8.65 -30.75
N GLU C 389 -12.04 7.95 -11.66
CA GLU C 389 -11.93 8.02 -10.19
C GLU C 389 -10.50 8.33 -9.76
N THR C 390 -10.37 8.92 -8.59
CA THR C 390 -9.12 9.55 -8.23
C THR C 390 -8.45 8.56 -7.21
N VAL C 391 -7.20 8.18 -7.49
CA VAL C 391 -6.46 7.17 -6.72
C VAL C 391 -5.57 7.81 -5.65
N ILE C 392 -5.58 7.24 -4.42
CA ILE C 392 -4.77 7.78 -3.29
C ILE C 392 -3.94 6.66 -2.66
N GLN C 393 -2.62 6.78 -2.72
CA GLN C 393 -1.71 5.73 -2.22
C GLN C 393 -0.41 6.33 -1.71
N PRO C 394 0.26 5.75 -0.69
CA PRO C 394 -0.26 4.66 0.17
C PRO C 394 -1.14 5.18 1.31
N THR C 395 -1.86 4.26 1.97
CA THR C 395 -2.74 4.59 3.13
C THR C 395 -2.79 3.44 4.18
N GLY D 2 25.24 17.36 76.46
CA GLY D 2 24.57 17.34 75.11
C GLY D 2 24.03 15.97 74.72
N PRO D 3 24.45 15.43 73.55
CA PRO D 3 24.05 14.05 73.19
C PRO D 3 24.36 13.00 74.31
N ASN D 4 25.46 13.25 75.01
CA ASN D 4 25.98 12.32 76.02
C ASN D 4 25.01 12.17 77.19
N GLY D 5 24.28 13.25 77.46
CA GLY D 5 23.15 13.29 78.42
C GLY D 5 22.02 12.36 78.02
N LEU D 6 21.71 12.30 76.72
CA LEU D 6 20.69 11.37 76.23
C LEU D 6 21.17 9.91 76.33
N ILE D 7 22.47 9.66 76.10
CA ILE D 7 22.98 8.31 76.24
C ILE D 7 22.90 7.91 77.73
N GLU D 8 23.30 8.82 78.62
CA GLU D 8 23.18 8.59 80.08
C GLU D 8 21.78 8.22 80.51
N ARG D 9 20.77 8.85 79.92
CA ARG D 9 19.38 8.52 80.25
C ARG D 9 19.00 7.11 79.80
N GLN D 10 19.46 6.70 78.62
CA GLN D 10 19.18 5.33 78.16
C GLN D 10 19.87 4.28 79.02
N VAL D 11 21.11 4.55 79.37
CA VAL D 11 21.90 3.68 80.19
C VAL D 11 21.21 3.54 81.53
N THR D 12 20.80 4.67 82.11
CA THR D 12 20.07 4.69 83.36
C THR D 12 18.80 3.82 83.34
N ARG D 13 17.95 3.99 82.33
CA ARG D 13 16.77 3.12 82.11
C ARG D 13 17.13 1.63 82.09
N GLU D 14 18.23 1.31 81.40
CA GLU D 14 18.66 -0.08 81.32
C GLU D 14 19.09 -0.66 82.69
N LEU D 15 19.78 0.14 83.50
CA LEU D 15 20.19 -0.29 84.86
C LEU D 15 18.99 -0.41 85.80
N LEU D 16 18.03 0.50 85.63
CA LEU D 16 16.83 0.48 86.43
C LEU D 16 16.04 -0.79 86.20
N GLU D 17 15.98 -1.25 84.95
CA GLU D 17 15.28 -2.51 84.64
C GLU D 17 16.08 -3.70 85.14
N LEU D 18 17.40 -3.66 84.97
CA LEU D 18 18.25 -4.76 85.42
C LEU D 18 18.07 -5.05 86.93
N PHE D 19 18.09 -3.99 87.75
CA PHE D 19 18.01 -4.14 89.22
C PHE D 19 16.60 -3.97 89.80
N ASN D 20 15.62 -3.57 88.97
CA ASN D 20 14.24 -3.25 89.42
C ASN D 20 14.21 -2.24 90.59
N ILE D 21 14.75 -1.07 90.35
CA ILE D 21 14.91 0.00 91.34
C ILE D 21 14.68 1.33 90.65
N ASP D 22 14.62 2.39 91.44
CA ASP D 22 14.57 3.75 90.94
C ASP D 22 15.96 4.36 91.00
N GLU D 23 16.10 5.54 90.41
CA GLU D 23 17.39 6.16 90.24
C GLU D 23 18.05 6.58 91.54
N GLN D 24 17.24 7.02 92.50
CA GLN D 24 17.78 7.45 93.77
C GLN D 24 18.50 6.24 94.42
N THR D 25 17.82 5.10 94.45
CA THR D 25 18.43 3.86 94.98
C THR D 25 19.67 3.44 94.19
N LEU D 26 19.58 3.51 92.87
CA LEU D 26 20.72 3.21 91.98
C LEU D 26 21.97 4.03 92.36
N ASN D 27 21.81 5.32 92.58
CA ASN D 27 22.96 6.18 92.90
C ASN D 27 23.65 5.84 94.24
N THR D 28 22.88 5.38 95.23
CA THR D 28 23.42 5.00 96.55
C THR D 28 24.47 3.87 96.44
N GLN D 29 24.46 3.14 95.33
CA GLN D 29 25.45 2.07 95.13
C GLN D 29 26.78 2.46 94.52
N GLY D 30 26.89 3.66 93.96
CA GLY D 30 28.16 4.15 93.41
C GLY D 30 28.74 3.28 92.31
N LEU D 31 27.89 2.84 91.40
CA LEU D 31 28.29 1.93 90.35
C LEU D 31 29.10 2.63 89.27
N VAL D 32 29.96 1.84 88.60
CA VAL D 32 30.77 2.28 87.49
C VAL D 32 30.39 1.45 86.29
N VAL D 33 29.80 2.11 85.29
CA VAL D 33 29.10 1.45 84.18
C VAL D 33 29.87 1.76 82.91
N THR D 34 30.24 0.70 82.20
CA THR D 34 30.89 0.83 80.91
C THR D 34 29.80 0.63 79.89
N THR D 35 29.63 1.61 78.99
CA THR D 35 28.57 1.53 77.97
C THR D 35 29.15 0.76 76.78
N THR D 36 28.28 0.50 75.77
CA THR D 36 28.63 -0.07 74.49
C THR D 36 29.17 0.92 73.44
N ILE D 37 29.17 2.22 73.79
CA ILE D 37 29.46 3.28 72.86
C ILE D 37 30.93 3.24 72.41
N ASP D 38 31.13 3.30 71.11
CA ASP D 38 32.46 3.35 70.56
C ASP D 38 32.75 4.82 70.36
N PRO D 39 33.77 5.38 71.07
CA PRO D 39 34.08 6.81 70.90
C PRO D 39 34.27 7.27 69.46
N GLN D 40 34.96 6.47 68.63
CA GLN D 40 35.13 6.81 67.25
C GLN D 40 33.79 6.98 66.52
N ALA D 41 32.87 6.04 66.71
CA ALA D 41 31.57 6.06 66.01
C ALA D 41 30.72 7.20 66.52
N GLN D 42 30.73 7.39 67.82
CA GLN D 42 29.94 8.45 68.42
C GLN D 42 30.35 9.82 67.91
N ARG D 43 31.65 10.07 67.91
CA ARG D 43 32.17 11.32 67.40
C ARG D 43 31.80 11.47 65.94
N ALA D 44 31.90 10.38 65.15
CA ALA D 44 31.57 10.43 63.73
C ALA D 44 30.13 10.83 63.52
N ALA D 45 29.24 10.22 64.29
CA ALA D 45 27.80 10.59 64.21
C ALA D 45 27.54 12.05 64.57
N GLU D 46 28.14 12.53 65.68
CA GLU D 46 27.95 13.91 66.11
C GLU D 46 28.48 14.90 65.04
N LYS D 47 29.63 14.58 64.44
CA LYS D 47 30.24 15.48 63.44
C LYS D 47 29.39 15.49 62.19
N ALA D 48 28.86 14.32 61.82
CA ALA D 48 28.04 14.24 60.63
C ALA D 48 26.77 15.08 60.76
N VAL D 49 26.13 14.99 61.91
CA VAL D 49 24.92 15.79 62.13
C VAL D 49 25.20 17.29 62.12
N ALA D 50 26.19 17.74 62.85
CA ALA D 50 26.56 19.16 62.83
C ALA D 50 26.96 19.61 61.44
N LYS D 51 27.66 18.78 60.68
CA LYS D 51 28.05 19.20 59.34
C LYS D 51 26.82 19.48 58.43
N TYR D 52 25.91 18.51 58.40
CA TYR D 52 24.81 18.55 57.44
C TYR D 52 23.60 19.35 57.87
N LEU D 53 23.47 19.60 59.17
CA LEU D 53 22.48 20.56 59.64
C LEU D 53 23.00 21.99 59.70
N ASP D 54 24.30 22.18 59.54
CA ASP D 54 24.88 23.55 59.52
C ASP D 54 24.30 24.38 58.37
N GLY D 55 23.79 25.55 58.70
CA GLY D 55 23.28 26.49 57.69
C GLY D 55 21.90 26.13 57.15
N GLN D 56 21.23 25.18 57.83
CA GLN D 56 19.87 24.76 57.48
C GLN D 56 18.86 25.37 58.47
N ASP D 57 17.58 25.19 58.20
CA ASP D 57 16.53 25.70 59.11
C ASP D 57 16.85 25.38 60.57
N PRO D 58 16.77 26.37 61.49
CA PRO D 58 16.98 26.07 62.91
C PRO D 58 16.00 25.06 63.52
N ASP D 59 14.83 24.89 62.91
CA ASP D 59 13.87 23.86 63.35
C ASP D 59 14.21 22.42 62.89
N MSE D 60 15.24 22.24 62.06
CA MSE D 60 15.60 20.91 61.58
C MSE D 60 16.22 20.12 62.71
O MSE D 60 16.99 20.64 63.53
CB MSE D 60 16.58 21.01 60.42
CG MSE D 60 16.63 19.68 59.69
SE MSE D 60 17.48 19.89 57.92
CE MSE D 60 16.17 21.14 57.18
N ARG D 61 15.87 18.85 62.76
CA ARG D 61 16.45 17.92 63.73
C ARG D 61 16.84 16.62 63.04
N ALA D 62 17.74 15.90 63.70
CA ALA D 62 18.19 14.60 63.20
C ALA D 62 18.38 13.59 64.36
N ALA D 63 18.34 12.30 64.05
CA ALA D 63 18.61 11.24 65.03
C ALA D 63 19.40 10.14 64.33
N VAL D 64 20.44 9.63 65.00
CA VAL D 64 21.30 8.59 64.41
C VAL D 64 21.51 7.51 65.48
N VAL D 65 21.33 6.25 65.10
CA VAL D 65 21.64 5.10 65.96
C VAL D 65 22.42 4.09 65.13
N SER D 66 23.55 3.61 65.68
CA SER D 66 24.38 2.56 65.07
C SER D 66 24.49 1.36 66.04
N ILE D 67 24.16 0.17 65.54
CA ILE D 67 24.16 -1.10 66.30
C ILE D 67 25.14 -2.09 65.69
N ASP D 68 25.89 -2.78 66.54
CA ASP D 68 26.79 -3.85 66.12
C ASP D 68 25.92 -5.10 65.89
N PRO D 69 25.80 -5.58 64.65
CA PRO D 69 24.96 -6.76 64.37
C PRO D 69 25.43 -8.05 65.02
N HIS D 70 26.71 -8.14 65.36
CA HIS D 70 27.27 -9.32 66.04
C HIS D 70 26.71 -9.56 67.43
N ASN D 71 26.20 -8.53 68.08
CA ASN D 71 25.74 -8.65 69.45
C ASN D 71 24.60 -7.71 69.93
N GLY D 72 24.17 -6.79 69.09
CA GLY D 72 23.13 -5.82 69.46
C GLY D 72 23.61 -4.62 70.28
N ALA D 73 24.93 -4.43 70.40
CA ALA D 73 25.48 -3.28 71.13
C ALA D 73 25.26 -1.97 70.35
N VAL D 74 24.87 -0.92 71.07
CA VAL D 74 24.70 0.41 70.52
C VAL D 74 26.07 1.08 70.52
N ARG D 75 26.64 1.24 69.33
CA ARG D 75 27.96 1.85 69.13
C ARG D 75 27.94 3.36 68.98
N ALA D 76 26.82 3.92 68.50
CA ALA D 76 26.65 5.37 68.39
C ALA D 76 25.20 5.70 68.57
N TYR D 77 24.95 6.84 69.20
CA TYR D 77 23.60 7.25 69.55
C TYR D 77 23.50 8.78 69.65
N TYR D 78 22.73 9.37 68.74
CA TYR D 78 22.50 10.82 68.73
C TYR D 78 21.03 11.06 68.68
N GLY D 79 20.47 11.60 69.72
CA GLY D 79 19.03 11.89 69.73
C GLY D 79 18.70 13.35 69.72
N GLY D 80 19.73 14.18 69.74
CA GLY D 80 19.57 15.62 69.85
C GLY D 80 20.76 16.26 70.52
N ASP D 81 20.69 17.58 70.55
CA ASP D 81 21.76 18.49 71.00
C ASP D 81 21.88 18.68 72.49
N ASN D 82 20.77 18.66 73.21
CA ASN D 82 20.83 18.97 74.63
C ASN D 82 20.20 17.90 75.54
N ALA D 83 20.87 17.71 76.68
CA ALA D 83 20.66 16.59 77.61
C ALA D 83 19.26 16.50 78.27
N ASN D 84 18.64 17.65 78.51
CA ASN D 84 17.28 17.74 79.10
C ASN D 84 16.23 17.51 78.04
N GLY D 85 16.64 17.80 76.81
CA GLY D 85 15.74 17.87 75.71
C GLY D 85 15.31 16.52 75.20
N PHE D 86 14.74 16.62 74.03
CA PHE D 86 13.85 15.65 73.53
C PHE D 86 14.72 14.64 72.78
N ASP D 87 14.60 13.36 73.06
CA ASP D 87 15.42 12.31 72.40
C ASP D 87 14.64 11.80 71.16
N PHE D 88 15.01 12.34 70.00
CA PHE D 88 14.35 11.99 68.76
C PHE D 88 14.72 10.60 68.29
N ALA D 89 15.69 9.94 68.94
CA ALA D 89 15.99 8.53 68.63
C ALA D 89 15.00 7.53 69.27
N GLN D 90 14.11 8.03 70.13
CA GLN D 90 13.06 7.28 70.81
C GLN D 90 11.64 7.72 70.39
N ALA D 91 11.55 8.78 69.56
CA ALA D 91 10.26 9.27 69.05
C ALA D 91 9.58 8.25 68.15
N GLY D 92 8.27 8.17 68.28
CA GLY D 92 7.43 7.42 67.33
C GLY D 92 7.32 8.18 66.01
N LEU D 93 7.95 7.65 64.98
CA LEU D 93 8.06 8.36 63.71
C LEU D 93 7.62 7.49 62.53
N GLN D 94 6.95 8.11 61.57
CA GLN D 94 6.62 7.44 60.31
C GLN D 94 7.88 7.17 59.52
N THR D 95 7.95 5.98 58.93
CA THR D 95 9.12 5.49 58.19
C THR D 95 9.01 5.62 56.70
N GLY D 96 7.81 5.88 56.17
CA GLY D 96 7.67 6.00 54.72
C GLY D 96 8.20 4.77 54.01
N SER D 97 8.82 5.02 52.87
CA SER D 97 9.43 4.01 52.02
C SER D 97 10.52 3.10 52.62
N SER D 98 11.07 3.45 53.79
CA SER D 98 12.06 2.58 54.38
C SER D 98 11.45 1.30 54.97
N PHE D 99 10.12 1.30 55.16
CA PHE D 99 9.45 0.15 55.79
C PHE D 99 9.25 -0.97 54.82
N LYS D 100 9.29 -0.71 53.51
CA LYS D 100 8.96 -1.79 52.56
C LYS D 100 9.97 -2.98 52.57
N VAL D 101 11.14 -2.85 53.21
CA VAL D 101 12.02 -4.03 53.34
C VAL D 101 11.34 -5.18 54.09
N PHE D 102 10.49 -4.86 55.05
CA PHE D 102 9.80 -5.89 55.80
C PHE D 102 8.75 -6.61 54.99
N ALA D 103 8.13 -5.93 54.03
CA ALA D 103 7.28 -6.60 53.05
C ALA D 103 8.09 -7.51 52.14
N LEU D 104 9.34 -7.13 51.83
CA LEU D 104 10.25 -8.00 51.08
C LEU D 104 10.65 -9.26 51.90
N VAL D 105 10.96 -9.05 53.17
CA VAL D 105 11.22 -10.18 54.08
C VAL D 105 10.02 -11.13 54.04
N ALA D 106 8.83 -10.60 54.29
CA ALA D 106 7.63 -11.42 54.32
C ALA D 106 7.43 -12.22 53.01
N ALA D 107 7.76 -11.62 51.87
CA ALA D 107 7.49 -12.23 50.57
C ALA D 107 8.50 -13.34 50.29
N LEU D 108 9.76 -13.12 50.65
CA LEU D 108 10.79 -14.18 50.54
C LEU D 108 10.45 -15.39 51.41
N GLU D 109 9.91 -15.10 52.59
CA GLU D 109 9.49 -16.16 53.53
C GLU D 109 8.35 -17.00 52.99
N GLN D 110 7.45 -16.36 52.22
CA GLN D 110 6.32 -17.05 51.56
C GLN D 110 6.69 -17.61 50.18
N GLY D 111 7.98 -17.67 49.87
CA GLY D 111 8.49 -18.24 48.64
C GLY D 111 8.41 -17.40 47.37
N ILE D 112 8.48 -16.08 47.52
CA ILE D 112 8.47 -15.14 46.40
C ILE D 112 9.85 -14.57 46.26
N GLY D 113 10.51 -14.87 45.15
CA GLY D 113 11.91 -14.51 44.97
C GLY D 113 12.13 -13.15 44.37
N LEU D 114 13.40 -12.71 44.40
CA LEU D 114 13.80 -11.37 43.95
C LEU D 114 13.47 -11.07 42.50
N GLY D 115 13.45 -12.11 41.67
CA GLY D 115 13.15 -11.97 40.28
C GLY D 115 11.71 -11.96 39.92
N TYR D 116 10.82 -12.02 40.92
CA TYR D 116 9.39 -11.98 40.68
C TYR D 116 8.96 -10.64 40.11
N GLN D 117 8.26 -10.67 38.99
CA GLN D 117 7.85 -9.45 38.28
C GLN D 117 6.54 -8.88 38.79
N VAL D 118 6.49 -7.57 39.06
CA VAL D 118 5.31 -6.88 39.57
C VAL D 118 5.08 -5.60 38.78
N ASP D 119 3.80 -5.29 38.54
CA ASP D 119 3.41 -4.10 37.83
C ASP D 119 3.66 -2.89 38.74
N SER D 120 4.22 -1.82 38.19
CA SER D 120 4.40 -0.59 38.96
C SER D 120 3.37 0.49 38.65
N SER D 121 2.39 0.18 37.81
CA SER D 121 1.41 1.20 37.42
C SER D 121 0.55 1.61 38.64
N PRO D 122 -0.08 2.79 38.58
CA PRO D 122 -0.90 3.16 39.73
C PRO D 122 -2.07 2.20 39.98
N LEU D 123 -2.65 2.33 41.16
CA LEU D 123 -3.87 1.59 41.48
C LEU D 123 -4.64 2.23 42.60
N THR D 124 -5.89 1.82 42.68
CA THR D 124 -6.82 2.27 43.69
C THR D 124 -7.33 0.97 44.29
N VAL D 125 -7.21 0.85 45.60
CA VAL D 125 -7.72 -0.32 46.30
C VAL D 125 -8.68 0.17 47.39
N ASP D 126 -9.95 -0.23 47.33
CA ASP D 126 -10.90 0.08 48.38
C ASP D 126 -10.99 1.62 48.58
N GLY D 127 -11.05 2.34 47.46
CA GLY D 127 -11.20 3.79 47.49
C GLY D 127 -10.06 4.60 48.06
N ILE D 128 -8.85 4.04 48.04
CA ILE D 128 -7.61 4.79 48.34
C ILE D 128 -6.68 4.65 47.11
N LYS D 129 -6.20 5.78 46.65
CA LYS D 129 -5.42 5.85 45.43
C LYS D 129 -3.94 5.78 45.79
N ILE D 130 -3.23 4.80 45.24
CA ILE D 130 -1.83 4.56 45.64
C ILE D 130 -0.93 4.99 44.49
N THR D 131 -0.02 5.92 44.79
CA THR D 131 0.90 6.54 43.82
C THR D 131 2.30 6.56 44.43
N ASN D 132 3.28 6.73 43.56
CA ASN D 132 4.70 6.67 43.88
C ASN D 132 5.34 8.03 44.21
N VAL D 133 6.24 8.06 45.20
CA VAL D 133 6.87 9.31 45.64
C VAL D 133 7.83 9.89 44.60
N GLU D 134 9.02 9.30 44.46
CA GLU D 134 10.07 9.90 43.64
C GLU D 134 10.12 9.24 42.26
N GLU D 136 8.00 8.76 39.39
CA GLU D 136 8.76 7.84 38.54
C GLU D 136 8.36 6.39 38.79
N GLY D 137 8.59 5.56 37.77
CA GLY D 137 8.50 4.10 37.89
C GLY D 137 9.33 3.36 36.86
N CYS D 138 9.01 2.07 36.76
CA CYS D 138 9.48 1.14 35.75
C CYS D 138 8.17 0.76 35.06
N GLY D 139 8.20 -0.05 34.03
CA GLY D 139 6.91 -0.56 33.53
C GLY D 139 6.44 -1.67 34.45
N THR D 140 6.92 -2.84 34.14
CA THR D 140 6.87 -3.95 35.03
C THR D 140 8.32 -4.25 35.38
N CYS D 141 8.59 -4.54 36.63
CA CYS D 141 9.94 -4.94 37.00
C CYS D 141 9.91 -5.84 38.20
N ASN D 142 11.07 -6.42 38.50
CA ASN D 142 11.17 -7.36 39.60
C ASN D 142 11.18 -6.62 40.96
N ILE D 143 10.88 -7.36 42.03
CA ILE D 143 10.73 -6.77 43.36
C ILE D 143 12.06 -6.24 43.90
N ALA D 144 13.19 -6.75 43.41
CA ALA D 144 14.52 -6.17 43.76
C ALA D 144 14.67 -4.77 43.18
N GLU D 145 14.34 -4.65 41.89
CA GLU D 145 14.37 -3.34 41.23
C GLU D 145 13.38 -2.37 41.85
N ALA D 146 12.17 -2.85 42.14
CA ALA D 146 11.14 -1.99 42.75
C ALA D 146 11.53 -1.49 44.11
N LEU D 147 12.31 -2.27 44.87
CA LEU D 147 12.86 -1.81 46.12
C LEU D 147 13.85 -0.63 45.92
N LYS D 148 14.78 -0.79 44.99
CA LYS D 148 15.77 0.22 44.70
C LYS D 148 15.04 1.47 44.27
N MSE D 149 14.05 1.33 43.39
CA MSE D 149 13.30 2.50 42.94
C MSE D 149 12.28 3.03 43.94
O MSE D 149 11.61 4.02 43.67
CB MSE D 149 12.70 2.22 41.57
CG MSE D 149 13.80 2.13 40.51
SE MSE D 149 12.94 1.82 38.79
CE MSE D 149 12.61 -0.07 38.85
N SER D 150 12.11 2.35 45.05
CA SER D 150 11.16 2.71 46.10
C SER D 150 9.72 2.88 45.55
N LEU D 151 9.26 1.91 44.81
CA LEU D 151 7.97 1.94 44.16
C LEU D 151 6.87 1.45 45.11
N ASN D 152 6.08 2.41 45.59
CA ASN D 152 4.92 2.14 46.48
C ASN D 152 3.88 1.23 45.89
N THR D 153 3.50 1.50 44.65
CA THR D 153 2.52 0.70 43.93
C THR D 153 2.95 -0.78 43.82
N SER D 154 4.19 -0.99 43.42
CA SER D 154 4.70 -2.36 43.33
C SER D 154 4.60 -3.12 44.67
N TYR D 155 5.04 -2.45 45.74
CA TYR D 155 5.12 -3.05 47.07
C TYR D 155 3.72 -3.24 47.69
N TYR D 156 2.78 -2.39 47.30
CA TYR D 156 1.39 -2.53 47.71
C TYR D 156 0.78 -3.78 47.08
N ARG D 157 0.98 -3.96 45.76
CA ARG D 157 0.60 -5.22 45.11
C ARG D 157 1.25 -6.44 45.72
N LEU D 158 2.53 -6.31 46.09
CA LEU D 158 3.27 -7.44 46.65
C LEU D 158 2.62 -7.89 47.96
N MSE D 159 2.29 -6.91 48.79
CA MSE D 159 1.66 -7.15 50.09
C MSE D 159 0.34 -7.88 49.94
O MSE D 159 0.08 -8.85 50.66
CB MSE D 159 1.41 -5.80 50.74
CG MSE D 159 0.82 -5.89 52.13
SE MSE D 159 0.25 -4.18 52.83
CE MSE D 159 -0.82 -3.47 51.35
N LEU D 160 -0.47 -7.42 48.99
CA LEU D 160 -1.78 -8.02 48.69
C LEU D 160 -1.71 -9.45 48.15
N LYS D 161 -0.54 -9.85 47.68
CA LYS D 161 -0.26 -11.22 47.31
C LYS D 161 0.10 -12.16 48.50
N LEU D 162 0.42 -11.60 49.66
CA LEU D 162 0.90 -12.38 50.80
C LEU D 162 -0.30 -12.92 51.57
N ASN D 163 -0.21 -14.15 52.07
CA ASN D 163 -1.22 -14.62 53.02
C ASN D 163 -1.24 -13.71 54.25
N GLY D 164 -2.40 -13.11 54.49
CA GLY D 164 -2.58 -12.23 55.63
C GLY D 164 -2.38 -10.76 55.28
N GLY D 165 -1.83 -10.49 54.09
CA GLY D 165 -1.48 -9.16 53.64
C GLY D 165 -0.69 -8.34 54.63
N PRO D 166 -1.28 -7.23 55.11
CA PRO D 166 -0.53 -6.30 55.99
C PRO D 166 -0.04 -6.91 57.31
N GLN D 167 -0.76 -7.92 57.82
CA GLN D 167 -0.32 -8.72 58.96
C GLN D 167 0.99 -9.43 58.70
N ALA D 168 1.22 -9.89 57.46
CA ALA D 168 2.46 -10.55 57.10
C ALA D 168 3.61 -9.57 57.22
N VAL D 169 3.36 -8.33 56.82
CA VAL D 169 4.37 -7.27 56.90
C VAL D 169 4.68 -6.90 58.36
N ALA D 170 3.65 -6.74 59.19
CA ALA D 170 3.84 -6.56 60.66
C ALA D 170 4.66 -7.65 61.34
N ASP D 171 4.29 -8.91 61.05
CA ASP D 171 4.91 -10.10 61.65
C ASP D 171 6.38 -10.15 61.30
N ALA D 172 6.73 -9.86 60.03
CA ALA D 172 8.14 -9.80 59.61
C ALA D 172 8.94 -8.73 60.33
N ALA D 173 8.34 -7.55 60.44
CA ALA D 173 8.98 -6.39 61.05
C ALA D 173 9.27 -6.70 62.54
N HIS D 174 8.27 -7.24 63.23
CA HIS D 174 8.40 -7.56 64.65
C HIS D 174 9.48 -8.63 64.88
N GLN D 175 9.47 -9.69 64.07
CA GLN D 175 10.50 -10.73 64.18
C GLN D 175 11.90 -10.20 63.90
N ALA D 176 12.05 -9.26 62.96
CA ALA D 176 13.36 -8.68 62.67
C ALA D 176 13.89 -7.80 63.84
N GLY D 177 12.99 -7.33 64.71
CA GLY D 177 13.35 -6.54 65.84
C GLY D 177 12.65 -5.22 66.00
N ILE D 178 11.63 -4.92 65.20
CA ILE D 178 10.82 -3.73 65.42
C ILE D 178 10.08 -4.04 66.70
N ALA D 179 10.35 -3.28 67.77
CA ALA D 179 9.78 -3.62 69.08
C ALA D 179 8.23 -3.63 69.04
N SER D 180 7.62 -4.51 69.82
CA SER D 180 6.14 -4.60 69.93
C SER D 180 5.48 -3.41 70.63
N SER D 181 6.27 -2.64 71.35
CA SER D 181 5.76 -1.55 72.15
C SER D 181 6.90 -0.65 72.50
N PHE D 182 6.61 0.60 72.78
CA PHE D 182 7.59 1.56 73.27
C PHE D 182 6.81 2.72 73.89
N PRO D 183 7.46 3.60 74.70
CA PRO D 183 6.66 4.65 75.39
C PRO D 183 5.96 5.56 74.39
N GLY D 184 4.65 5.73 74.57
CA GLY D 184 3.76 6.37 73.58
C GLY D 184 2.83 5.40 72.83
N VAL D 185 3.27 4.15 72.66
CA VAL D 185 2.59 3.14 71.81
C VAL D 185 2.61 1.75 72.46
N ALA D 186 1.51 1.38 73.07
CA ALA D 186 1.40 0.08 73.74
C ALA D 186 1.49 -1.13 72.80
N HIS D 187 0.99 -0.98 71.56
CA HIS D 187 1.03 -2.05 70.54
C HIS D 187 1.36 -1.45 69.17
N THR D 188 2.54 -1.77 68.65
CA THR D 188 3.03 -1.21 67.38
C THR D 188 2.45 -1.97 66.18
N LEU D 189 2.35 -1.27 65.04
CA LEU D 189 1.90 -1.87 63.76
C LEU D 189 0.52 -2.53 63.94
N SER D 190 -0.35 -1.80 64.64
CA SER D 190 -1.69 -2.26 65.05
C SER D 190 -2.67 -1.11 64.88
N GLU D 191 -3.61 -1.26 63.94
CA GLU D 191 -4.52 -0.18 63.61
C GLU D 191 -5.42 0.20 64.77
N ASP D 192 -5.92 -0.80 65.51
CA ASP D 192 -6.75 -0.50 66.70
C ASP D 192 -5.93 -0.20 67.95
N GLY D 193 -4.59 -0.25 67.85
CA GLY D 193 -3.72 0.05 68.98
C GLY D 193 -3.79 -0.93 70.17
N LYS D 194 -4.55 -2.01 70.00
CA LYS D 194 -4.81 -2.99 71.08
C LYS D 194 -4.20 -4.37 70.77
N GLY D 195 -3.54 -4.51 69.61
CA GLY D 195 -3.00 -5.81 69.18
C GLY D 195 -3.75 -6.42 68.00
N GLY D 196 -4.76 -5.73 67.48
CA GLY D 196 -5.41 -6.12 66.22
C GLY D 196 -4.47 -5.89 65.04
N PRO D 197 -4.90 -6.23 63.82
CA PRO D 197 -3.98 -6.16 62.67
C PRO D 197 -3.67 -4.74 62.17
N PRO D 198 -2.61 -4.61 61.37
CA PRO D 198 -2.38 -3.34 60.69
C PRO D 198 -3.32 -3.20 59.53
N ASN D 199 -3.45 -1.98 59.02
CA ASN D 199 -4.09 -1.76 57.72
C ASN D 199 -3.03 -1.76 56.62
N ASN D 200 -3.49 -1.67 55.37
CA ASN D 200 -2.61 -1.79 54.20
C ASN D 200 -1.51 -0.74 54.19
N GLY D 201 -1.75 0.40 54.84
CA GLY D 201 -0.73 1.44 54.91
C GLY D 201 0.58 1.10 55.60
N ILE D 202 0.65 -0.03 56.30
CA ILE D 202 1.90 -0.49 56.91
C ILE D 202 3.06 -0.50 55.86
N VAL D 203 2.79 -0.94 54.62
CA VAL D 203 3.84 -1.05 53.59
C VAL D 203 4.30 0.31 53.06
N LEU D 204 3.52 1.35 53.33
CA LEU D 204 3.84 2.74 53.03
C LEU D 204 4.54 3.42 54.19
N GLY D 205 4.83 2.66 55.26
CA GLY D 205 5.51 3.18 56.42
C GLY D 205 4.73 4.20 57.20
N GLN D 206 3.40 4.06 57.26
CA GLN D 206 2.57 5.02 57.96
C GLN D 206 2.48 4.79 59.49
N TYR D 207 2.93 3.65 60.02
CA TYR D 207 2.90 3.44 61.50
C TYR D 207 4.17 4.04 62.11
N GLN D 208 4.12 4.34 63.40
CA GLN D 208 5.29 4.89 64.14
C GLN D 208 6.24 3.80 64.58
N THR D 209 7.50 4.10 64.35
CA THR D 209 8.61 3.24 64.70
C THR D 209 9.70 4.18 65.18
N ARG D 210 10.59 3.67 66.01
CA ARG D 210 11.68 4.49 66.49
C ARG D 210 12.95 4.32 65.65
N VAL D 211 13.82 5.30 65.67
CA VAL D 211 15.09 5.19 64.98
C VAL D 211 15.88 3.95 65.47
N ILE D 212 15.96 3.76 66.78
CA ILE D 212 16.68 2.61 67.33
C ILE D 212 16.06 1.28 66.86
N ASP D 213 14.75 1.23 66.70
CA ASP D 213 14.07 0.02 66.15
C ASP D 213 14.52 -0.32 64.73
N MSE D 214 14.61 0.70 63.87
CA MSE D 214 15.09 0.51 62.50
C MSE D 214 16.51 0.06 62.50
O MSE D 214 16.81 -0.87 61.77
CB MSE D 214 14.95 1.79 61.69
CG MSE D 214 13.48 2.17 61.52
SE MSE D 214 12.46 0.85 60.40
CE MSE D 214 12.98 1.46 58.61
N ALA D 215 17.41 0.69 63.28
CA ALA D 215 18.83 0.25 63.29
C ALA D 215 18.94 -1.25 63.74
N SER D 216 18.13 -1.63 64.73
CA SER D 216 18.11 -2.99 65.28
C SER D 216 17.61 -4.07 64.31
N ALA D 217 16.45 -3.79 63.72
CA ALA D 217 15.86 -4.66 62.70
C ALA D 217 16.77 -4.83 61.49
N TYR D 218 17.43 -3.76 61.07
CA TYR D 218 18.34 -3.89 59.93
C TYR D 218 19.63 -4.64 60.39
N ALA D 219 20.03 -4.49 61.65
CA ALA D 219 21.15 -5.25 62.21
C ALA D 219 20.86 -6.76 62.15
N THR D 220 19.62 -7.16 62.38
CA THR D 220 19.26 -8.57 62.21
C THR D 220 19.50 -9.06 60.79
N LEU D 221 19.12 -8.24 59.81
CA LEU D 221 19.40 -8.59 58.42
C LEU D 221 20.89 -8.69 58.15
N ALA D 222 21.64 -7.73 58.68
CA ALA D 222 23.11 -7.68 58.55
C ALA D 222 23.81 -8.91 59.14
N ALA D 223 23.19 -9.48 60.16
CA ALA D 223 23.69 -10.68 60.85
C ALA D 223 23.11 -11.94 60.23
N SER D 224 22.63 -11.86 58.99
CA SER D 224 22.05 -13.04 58.28
C SER D 224 20.88 -13.65 59.06
N GLY D 225 20.05 -12.79 59.65
CA GLY D 225 18.83 -13.18 60.29
C GLY D 225 18.91 -13.37 61.81
N ILE D 226 20.12 -13.27 62.38
CA ILE D 226 20.28 -13.45 63.81
C ILE D 226 19.97 -12.11 64.52
N TYR D 227 18.95 -12.15 65.39
CA TYR D 227 18.56 -11.04 66.27
C TYR D 227 19.29 -11.02 67.65
N HIS D 228 19.69 -9.82 68.08
CA HIS D 228 20.23 -9.61 69.42
C HIS D 228 19.53 -8.37 69.97
N PRO D 229 18.90 -8.48 71.16
CA PRO D 229 18.32 -7.29 71.84
C PRO D 229 19.27 -6.07 71.86
N PRO D 230 18.82 -4.90 71.40
CA PRO D 230 19.74 -3.76 71.46
C PRO D 230 20.03 -3.37 72.92
N HIS D 231 21.26 -3.00 73.20
CA HIS D 231 21.61 -2.62 74.58
C HIS D 231 22.73 -1.60 74.65
N PHE D 232 22.73 -0.85 75.76
CA PHE D 232 23.70 0.21 76.02
C PHE D 232 24.77 -0.12 77.09
N VAL D 233 24.53 -1.14 77.90
CA VAL D 233 25.45 -1.49 79.01
C VAL D 233 26.38 -2.67 78.68
N GLN D 234 27.70 -2.46 78.75
N GLN D 234 27.69 -2.47 78.74
CA GLN D 234 28.73 -3.47 78.45
CA GLN D 234 28.67 -3.51 78.50
C GLN D 234 29.23 -4.13 79.74
C GLN D 234 29.07 -4.17 79.80
N LYS D 235 29.37 -3.35 80.82
CA LYS D 235 29.84 -3.85 82.09
C LYS D 235 29.37 -2.98 83.23
N VAL D 236 29.11 -3.61 84.36
CA VAL D 236 28.74 -2.96 85.58
C VAL D 236 29.59 -3.51 86.72
N VAL D 237 30.33 -2.63 87.39
CA VAL D 237 31.12 -3.00 88.54
C VAL D 237 30.74 -2.17 89.74
N SER D 238 30.82 -2.79 90.92
CA SER D 238 30.43 -2.14 92.15
C SER D 238 31.49 -1.09 92.52
N ALA D 239 31.16 -0.25 93.47
CA ALA D 239 32.09 0.78 93.92
C ALA D 239 33.48 0.25 94.35
N ASN D 240 33.54 -0.98 94.87
CA ASN D 240 34.80 -1.65 95.30
C ASN D 240 35.40 -2.74 94.36
N GLY D 241 35.00 -2.72 93.09
CA GLY D 241 35.67 -3.53 92.04
C GLY D 241 34.96 -4.81 91.63
N GLN D 242 33.87 -5.11 92.30
CA GLN D 242 33.13 -6.32 92.04
C GLN D 242 32.40 -6.23 90.71
N VAL D 243 32.63 -7.22 89.84
CA VAL D 243 32.02 -7.24 88.52
C VAL D 243 30.60 -7.83 88.65
N LEU D 244 29.58 -6.97 88.55
CA LEU D 244 28.19 -7.40 88.72
C LEU D 244 27.57 -7.95 87.44
N PHE D 245 27.89 -7.32 86.30
CA PHE D 245 27.40 -7.74 84.99
C PHE D 245 28.51 -7.49 83.96
N ASP D 246 28.64 -8.38 82.99
CA ASP D 246 29.58 -8.19 81.88
C ASP D 246 29.01 -8.90 80.66
N ALA D 247 28.46 -8.14 79.70
CA ALA D 247 27.69 -8.69 78.57
C ALA D 247 28.45 -9.67 77.67
N SER D 248 29.78 -9.70 77.81
CA SER D 248 30.61 -10.83 77.34
C SER D 248 30.22 -12.15 78.03
N THR D 249 30.33 -12.19 79.36
CA THR D 249 29.99 -13.38 80.18
C THR D 249 28.51 -13.81 80.06
N ALA D 250 27.62 -12.85 79.83
CA ALA D 250 26.20 -13.10 79.61
C ALA D 250 25.89 -13.17 78.11
N THR D 253 24.56 -13.97 72.35
CA THR D 253 23.68 -15.13 72.24
C THR D 253 22.58 -14.88 71.21
N GLY D 254 22.77 -15.43 70.01
CA GLY D 254 21.90 -15.13 68.89
C GLY D 254 20.52 -15.75 69.00
N ASP D 255 19.57 -15.18 68.28
CA ASP D 255 18.26 -15.79 68.04
C ASP D 255 17.97 -15.69 66.51
N GLN D 256 17.85 -16.84 65.84
CA GLN D 256 17.56 -16.91 64.39
C GLN D 256 16.09 -16.61 64.06
N ARG D 257 15.74 -15.34 63.92
CA ARG D 257 14.35 -14.92 63.70
C ARG D 257 13.88 -14.82 62.26
N ILE D 258 14.84 -14.59 61.35
CA ILE D 258 14.61 -14.59 59.92
C ILE D 258 15.59 -15.60 59.31
N PRO D 259 15.12 -16.50 58.43
CA PRO D 259 16.02 -17.45 57.78
C PRO D 259 17.21 -16.82 57.06
N LYS D 260 18.38 -17.40 57.24
CA LYS D 260 19.60 -16.93 56.58
C LYS D 260 19.44 -16.65 55.08
N ALA D 261 18.80 -17.58 54.36
CA ALA D 261 18.60 -17.44 52.88
C ALA D 261 17.79 -16.20 52.57
N VAL D 262 16.74 -15.99 53.36
CA VAL D 262 15.87 -14.82 53.22
C VAL D 262 16.63 -13.53 53.52
N ALA D 263 17.26 -13.48 54.69
CA ALA D 263 18.03 -12.32 55.08
C ALA D 263 19.06 -11.96 54.03
N ASP D 264 19.77 -12.96 53.53
CA ASP D 264 20.85 -12.68 52.59
C ASP D 264 20.32 -12.20 51.25
N ASN D 265 19.14 -12.66 50.82
CA ASN D 265 18.51 -12.09 49.61
C ASN D 265 18.06 -10.60 49.75
N VAL D 266 17.51 -10.24 50.89
CA VAL D 266 17.17 -8.84 51.20
C VAL D 266 18.43 -8.00 51.10
N THR D 267 19.54 -8.48 51.67
CA THR D 267 20.84 -7.84 51.55
C THR D 267 21.27 -7.61 50.09
N ALA D 268 21.12 -8.65 49.27
CA ALA D 268 21.47 -8.56 47.86
C ALA D 268 20.62 -7.48 47.15
N ALA D 269 19.34 -7.41 47.47
CA ALA D 269 18.46 -6.39 46.85
C ALA D 269 18.86 -4.96 47.28
N MSE D 270 19.38 -4.82 48.49
CA MSE D 270 19.80 -3.53 49.05
C MSE D 270 21.19 -3.08 48.68
O MSE D 270 21.52 -1.90 48.78
CB MSE D 270 19.61 -3.55 50.57
CG MSE D 270 18.18 -3.52 51.01
SE MSE D 270 17.99 -3.92 52.93
CE MSE D 270 18.84 -2.29 53.58
N GLU D 271 22.04 -4.00 48.23
CA GLU D 271 23.45 -3.65 47.89
C GLU D 271 23.62 -2.46 46.95
N PRO D 272 22.80 -2.38 45.88
CA PRO D 272 22.96 -1.23 44.96
C PRO D 272 22.31 0.09 45.39
N ILE D 273 21.59 0.09 46.49
CA ILE D 273 20.78 1.23 46.83
C ILE D 273 21.59 2.46 47.27
N ALA D 274 22.66 2.30 48.02
CA ALA D 274 23.43 3.48 48.41
C ALA D 274 23.97 4.25 47.20
N GLY D 275 24.55 3.57 46.22
CA GLY D 275 25.01 4.22 44.99
C GLY D 275 23.89 4.81 44.16
N TYR D 276 22.78 4.09 44.05
CA TYR D 276 21.62 4.54 43.32
C TYR D 276 21.04 5.83 43.96
N SER D 277 21.14 5.93 45.29
CA SER D 277 20.57 7.05 46.07
C SER D 277 21.47 8.24 46.09
N ARG D 278 21.56 8.88 44.91
CA ARG D 278 22.40 10.06 44.69
C ARG D 278 23.89 9.82 45.02
N GLY D 279 24.36 8.61 44.72
CA GLY D 279 25.80 8.35 44.84
C GLY D 279 26.33 8.37 46.26
N HIS D 280 25.69 7.61 47.16
CA HIS D 280 26.10 7.59 48.56
C HIS D 280 26.79 6.26 48.95
N ASN D 281 27.45 5.64 47.99
CA ASN D 281 28.29 4.52 48.32
C ASN D 281 29.31 4.94 49.36
N LEU D 282 29.62 4.02 50.26
CA LEU D 282 30.64 4.25 51.28
C LEU D 282 32.06 4.36 50.68
N ALA D 283 32.87 5.19 51.31
CA ALA D 283 34.22 5.45 50.87
C ALA D 283 35.10 4.21 50.71
N GLY D 284 36.08 4.34 49.81
CA GLY D 284 37.10 3.33 49.67
C GLY D 284 36.61 2.01 49.13
N GLY D 285 35.54 2.06 48.34
CA GLY D 285 34.93 0.88 47.75
C GLY D 285 34.22 -0.08 48.70
N ARG D 286 33.81 0.38 49.88
CA ARG D 286 33.24 -0.52 50.89
C ARG D 286 31.80 -0.82 50.48
N ASP D 287 31.42 -2.11 50.49
CA ASP D 287 30.07 -2.54 50.12
C ASP D 287 29.12 -2.16 51.27
N SER D 288 27.86 -1.91 50.93
CA SER D 288 26.85 -1.64 51.94
C SER D 288 25.48 -2.11 51.41
N ALA D 289 24.51 -2.18 52.34
CA ALA D 289 23.12 -2.53 52.04
C ALA D 289 22.29 -1.44 52.66
N ALA D 290 21.48 -0.73 51.88
CA ALA D 290 20.79 0.45 52.40
C ALA D 290 19.43 0.62 51.82
N LYS D 291 18.65 1.49 52.47
CA LYS D 291 17.26 1.86 52.03
C LYS D 291 16.89 3.25 52.49
N THR D 292 16.44 4.07 51.54
CA THR D 292 15.98 5.39 51.82
C THR D 292 14.51 5.33 52.17
N GLY D 293 14.05 6.37 52.85
CA GLY D 293 12.65 6.63 53.04
C GLY D 293 12.30 8.09 53.06
N THR D 294 11.08 8.40 52.62
CA THR D 294 10.52 9.71 52.71
C THR D 294 9.04 9.56 53.03
N THR D 295 8.54 10.43 53.91
CA THR D 295 7.12 10.49 54.19
C THR D 295 6.63 11.86 53.71
N GLN D 296 5.35 11.95 53.32
N GLN D 296 5.34 11.92 53.38
CA GLN D 296 4.75 13.26 52.99
CA GLN D 296 4.67 13.17 52.96
C GLN D 296 3.64 13.66 53.95
C GLN D 296 3.65 13.67 53.99
N PHE D 297 3.30 14.96 53.88
CA PHE D 297 2.21 15.55 54.67
C PHE D 297 0.88 15.31 54.01
N GLY D 298 -0.13 14.98 54.81
CA GLY D 298 -1.54 15.01 54.39
C GLY D 298 -1.81 14.41 53.01
N ASP D 299 -2.53 15.16 52.18
CA ASP D 299 -2.74 14.77 50.79
C ASP D 299 -1.76 15.54 49.88
N THR D 300 -0.68 16.09 50.45
CA THR D 300 0.16 17.12 49.80
C THR D 300 1.49 16.52 49.31
N THR D 301 2.25 17.35 48.60
CA THR D 301 3.53 16.89 48.02
C THR D 301 4.73 17.13 48.95
N ALA D 302 4.55 17.93 50.01
CA ALA D 302 5.69 18.31 50.83
C ALA D 302 6.15 17.13 51.72
N ASN D 303 7.46 17.01 51.87
CA ASN D 303 8.01 15.96 52.72
C ASN D 303 8.03 16.36 54.18
N LYS D 304 7.85 15.35 55.03
CA LYS D 304 7.74 15.51 56.48
C LYS D 304 8.92 14.85 57.20
N ASP D 305 9.20 13.60 56.87
CA ASP D 305 10.30 12.85 57.48
C ASP D 305 11.18 12.29 56.37
N ALA D 306 12.48 12.18 56.63
CA ALA D 306 13.37 11.58 55.64
C ALA D 306 14.38 10.68 56.32
N TRP D 307 14.64 9.53 55.71
CA TRP D 307 15.41 8.46 56.34
C TRP D 307 16.46 7.86 55.46
N MSE D 308 17.56 7.41 56.06
CA MSE D 308 18.45 6.47 55.43
C MSE D 308 18.88 5.46 56.46
O MSE D 308 19.44 5.83 57.48
CB MSE D 308 19.66 7.12 54.79
CG MSE D 308 20.74 6.18 54.24
SE MSE D 308 19.97 5.11 52.79
CE MSE D 308 21.38 5.43 51.43
N VAL D 309 18.66 4.17 56.15
CA VAL D 309 19.00 3.08 57.08
C VAL D 309 19.87 2.11 56.28
N GLY D 310 21.06 1.81 56.77
CA GLY D 310 21.91 0.88 56.04
C GLY D 310 23.01 0.27 56.86
N TYR D 311 23.63 -0.76 56.32
CA TYR D 311 24.51 -1.59 57.09
C TYR D 311 25.63 -2.23 56.29
N THR D 312 26.67 -2.60 57.04
CA THR D 312 27.63 -3.62 56.67
C THR D 312 27.45 -4.79 57.65
N PRO D 313 28.21 -5.86 57.47
CA PRO D 313 28.09 -6.93 58.43
C PRO D 313 28.51 -6.53 59.84
N SER D 314 29.25 -5.42 60.02
CA SER D 314 29.72 -5.04 61.36
C SER D 314 29.09 -3.79 61.91
N LEU D 315 28.23 -3.13 61.15
CA LEU D 315 27.52 -1.98 61.72
C LEU D 315 26.24 -1.70 60.97
N SER D 316 25.13 -1.50 61.71
CA SER D 316 23.89 -1.04 61.15
C SER D 316 23.54 0.35 61.65
N THR D 317 23.37 1.33 60.74
CA THR D 317 23.03 2.70 61.14
C THR D 317 21.73 3.18 60.54
N ALA D 318 20.86 3.72 61.41
CA ALA D 318 19.64 4.41 61.00
C ALA D 318 19.77 5.88 61.18
N VAL D 319 19.30 6.69 60.22
CA VAL D 319 19.28 8.16 60.29
C VAL D 319 17.89 8.70 59.92
N TRP D 320 17.34 9.56 60.79
CA TRP D 320 16.14 10.34 60.48
C TRP D 320 16.48 11.81 60.48
N VAL D 321 15.81 12.55 59.58
CA VAL D 321 15.80 14.01 59.56
C VAL D 321 14.35 14.47 59.49
N GLY D 322 14.02 15.44 60.32
CA GLY D 322 12.69 16.05 60.30
C GLY D 322 12.75 17.42 60.95
N THR D 323 11.60 17.91 61.39
CA THR D 323 11.55 19.17 62.13
C THR D 323 10.92 18.95 63.46
N VAL D 324 11.27 19.84 64.38
CA VAL D 324 10.96 19.67 65.78
C VAL D 324 9.47 19.63 66.03
N LYS D 325 8.70 20.41 65.27
CA LYS D 325 7.23 20.46 65.36
C LYS D 325 6.51 19.39 64.50
N GLY D 326 7.16 18.91 63.43
CA GLY D 326 6.57 17.88 62.59
C GLY D 326 5.51 18.31 61.59
N ASP D 327 5.27 19.61 61.44
CA ASP D 327 4.20 20.13 60.57
C ASP D 327 4.64 21.11 59.44
N GLU D 328 5.95 21.15 59.13
CA GLU D 328 6.54 22.09 58.16
C GLU D 328 7.15 21.26 57.00
N PRO D 329 7.03 21.75 55.77
CA PRO D 329 7.72 21.04 54.69
C PRO D 329 9.21 20.98 54.98
N LEU D 330 9.80 19.81 54.71
CA LEU D 330 11.18 19.56 55.01
C LEU D 330 11.96 19.97 53.75
N VAL D 331 12.66 21.11 53.84
CA VAL D 331 13.40 21.66 52.68
C VAL D 331 14.81 22.11 53.09
N THR D 332 15.72 22.16 52.14
CA THR D 332 17.07 22.72 52.35
C THR D 332 17.05 24.25 52.33
N ALA D 333 18.21 24.85 52.59
CA ALA D 333 18.34 26.32 52.54
C ALA D 333 18.03 26.86 51.14
N SER D 334 18.18 26.07 50.09
CA SER D 334 17.78 26.49 48.71
C SER D 334 16.29 26.22 48.42
N GLY D 335 15.59 25.58 49.34
CA GLY D 335 14.19 25.31 49.16
C GLY D 335 13.95 23.93 48.53
N ALA D 336 15.00 23.15 48.24
CA ALA D 336 14.78 21.84 47.67
C ALA D 336 14.16 20.92 48.69
N ALA D 337 13.23 20.09 48.24
CA ALA D 337 12.58 19.15 49.18
C ALA D 337 13.67 18.14 49.63
N ILE D 338 13.61 17.72 50.90
CA ILE D 338 14.57 16.78 51.46
C ILE D 338 13.98 15.38 51.44
N TYR D 339 14.64 14.48 50.73
CA TYR D 339 14.22 13.08 50.60
C TYR D 339 15.25 12.23 51.30
N GLY D 340 14.93 10.93 51.49
CA GLY D 340 15.92 10.04 52.16
C GLY D 340 17.31 10.07 51.50
N SER D 341 17.33 10.18 50.17
CA SER D 341 18.61 10.22 49.36
C SER D 341 19.44 11.49 49.52
N GLY D 342 18.91 12.47 50.22
CA GLY D 342 19.59 13.75 50.51
C GLY D 342 20.33 13.77 51.83
N LEU D 343 20.03 14.76 52.66
CA LEU D 343 20.70 14.94 53.94
C LEU D 343 20.75 13.65 54.82
N PRO D 344 19.65 12.87 54.88
CA PRO D 344 19.78 11.66 55.74
C PRO D 344 20.88 10.69 55.25
N SER D 345 21.04 10.63 53.93
CA SER D 345 22.05 9.80 53.35
C SER D 345 23.42 10.42 53.50
N ASP D 346 23.51 11.76 53.38
CA ASP D 346 24.75 12.47 53.73
C ASP D 346 25.26 12.10 55.13
N ILE D 347 24.33 12.18 56.11
CA ILE D 347 24.65 11.84 57.50
C ILE D 347 24.98 10.36 57.72
N TRP D 348 24.21 9.50 57.06
CA TRP D 348 24.42 8.07 57.14
C TRP D 348 25.80 7.68 56.57
N LYS D 349 26.09 8.14 55.37
CA LYS D 349 27.43 7.85 54.77
C LYS D 349 28.59 8.41 55.66
N ALA D 350 28.46 9.65 56.12
CA ALA D 350 29.53 10.27 56.90
C ALA D 350 29.76 9.50 58.22
N THR D 351 28.66 9.09 58.86
CA THR D 351 28.71 8.36 60.11
C THR D 351 29.35 6.98 59.88
N MSE D 352 28.87 6.25 58.90
CA MSE D 352 29.46 4.91 58.62
C MSE D 352 30.91 4.97 58.23
O MSE D 352 31.71 4.18 58.73
CB MSE D 352 28.67 4.24 57.49
CG MSE D 352 27.24 3.86 57.91
SE MSE D 352 27.32 2.28 59.09
CE MSE D 352 27.16 1.02 57.61
N ASP D 353 31.26 5.88 57.31
CA ASP D 353 32.68 6.03 56.86
C ASP D 353 33.54 6.35 58.08
N GLY D 354 33.05 7.27 58.92
CA GLY D 354 33.77 7.72 60.11
C GLY D 354 33.91 6.62 61.15
N ALA D 355 32.83 5.86 61.31
CA ALA D 355 32.81 4.78 62.27
C ALA D 355 33.66 3.59 61.87
N LEU D 356 33.74 3.31 60.58
CA LEU D 356 34.38 2.10 60.10
C LEU D 356 35.78 2.33 59.59
N LYS D 357 36.20 3.59 59.55
CA LYS D 357 37.61 3.92 59.28
C LYS D 357 38.48 3.07 60.20
N GLY D 358 39.56 2.50 59.65
CA GLY D 358 40.43 1.65 60.45
C GLY D 358 40.03 0.17 60.46
N THR D 359 39.03 -0.21 59.67
CA THR D 359 38.66 -1.63 59.49
C THR D 359 38.65 -2.02 58.02
N SER D 360 39.01 -3.27 57.70
CA SER D 360 39.02 -3.74 56.31
C SER D 360 37.60 -3.81 55.77
N ASN D 361 37.51 -3.77 54.45
CA ASN D 361 36.20 -3.85 53.77
C ASN D 361 35.65 -5.27 53.81
N GLU D 362 34.44 -5.43 54.31
CA GLU D 362 33.76 -6.70 54.29
C GLU D 362 32.86 -6.82 53.07
N THR D 363 32.70 -8.07 52.65
CA THR D 363 31.79 -8.41 51.56
C THR D 363 30.67 -9.19 52.21
N PHE D 364 29.51 -9.12 51.60
CA PHE D 364 28.33 -9.80 52.14
C PHE D 364 28.31 -11.27 51.74
N PRO D 365 27.55 -12.10 52.49
CA PRO D 365 27.51 -13.52 52.09
C PRO D 365 26.77 -13.72 50.74
N LYS D 366 27.20 -14.72 49.95
CA LYS D 366 26.49 -14.97 48.68
C LYS D 366 25.14 -15.58 49.05
N PRO D 367 24.05 -15.07 48.49
CA PRO D 367 22.74 -15.61 48.83
C PRO D 367 22.48 -16.99 48.20
N THR D 368 21.70 -17.82 48.89
CA THR D 368 21.19 -19.04 48.30
C THR D 368 19.82 -18.75 47.69
N GLU D 369 19.32 -19.72 46.95
CA GLU D 369 18.07 -19.57 46.20
C GLU D 369 16.88 -19.47 47.14
N VAL D 370 16.02 -18.49 46.87
CA VAL D 370 14.69 -18.34 47.48
C VAL D 370 13.72 -18.00 46.33
N GLY D 371 12.62 -18.76 46.25
CA GLY D 371 11.62 -18.59 45.21
C GLY D 371 12.17 -18.69 43.78
N GLY D 372 13.24 -19.46 43.58
CA GLY D 372 13.86 -19.59 42.27
C GLY D 372 15.13 -18.78 42.04
N TYR D 373 15.34 -17.74 42.84
CA TYR D 373 16.40 -16.75 42.58
C TYR D 373 17.37 -16.64 43.75
N ALA D 374 18.65 -16.53 43.39
CA ALA D 374 19.75 -16.32 44.37
C ALA D 374 20.35 -14.97 44.05
N GLY D 375 19.98 -13.97 44.82
CA GLY D 375 20.43 -12.63 44.51
C GLY D 375 19.68 -11.99 43.36
N VAL D 376 20.18 -10.85 42.91
CA VAL D 376 19.45 -10.03 41.95
C VAL D 376 19.62 -10.65 40.57
N PRO D 377 18.53 -10.91 39.87
CA PRO D 377 18.61 -11.57 38.55
C PRO D 377 18.94 -10.61 37.42
N PRO D 378 19.27 -11.14 36.23
CA PRO D 378 19.80 -10.27 35.14
C PRO D 378 18.82 -9.21 34.62
N THR D 390 10.91 -9.45 11.34
CA THR D 390 11.27 -9.08 9.97
C THR D 390 10.03 -8.62 9.18
N VAL D 391 10.05 -7.37 8.71
CA VAL D 391 8.87 -6.79 8.10
C VAL D 391 9.03 -6.86 6.59
N ILE D 392 7.96 -7.24 5.89
CA ILE D 392 7.95 -7.33 4.43
C ILE D 392 6.83 -6.47 3.90
N GLN D 393 7.15 -5.47 3.08
CA GLN D 393 6.12 -4.59 2.52
C GLN D 393 6.57 -3.98 1.21
N PRO D 394 5.68 -3.63 0.27
CA PRO D 394 4.26 -3.95 0.31
C PRO D 394 3.87 -5.39 -0.12
N THR D 395 2.61 -5.70 0.21
CA THR D 395 1.98 -7.04 0.21
C THR D 395 2.93 -8.27 0.15
P PO4 E . -11.74 25.75 23.62
O1 PO4 E . -12.19 24.87 24.75
O2 PO4 E . -10.29 25.54 23.40
O3 PO4 E . -12.55 25.39 22.40
O4 PO4 E . -11.92 27.20 23.99
P PO4 F . 5.20 -30.96 -19.50
O1 PO4 F . 3.71 -31.17 -19.60
O2 PO4 F . 5.64 -31.13 -18.06
O3 PO4 F . 5.86 -32.00 -20.38
O4 PO4 F . 5.50 -29.56 -19.88
P PO4 G . -11.84 -1.61 -29.08
O1 PO4 G . -12.48 -2.47 -30.13
O2 PO4 G . -10.98 -2.35 -28.08
O3 PO4 G . -12.94 -0.90 -28.29
O4 PO4 G . -10.85 -0.70 -29.77
P PO4 H . 0.59 4.50 65.47
O1 PO4 H . -0.52 3.51 65.20
O2 PO4 H . 1.90 3.85 65.13
O3 PO4 H . 0.58 4.90 66.94
O4 PO4 H . 0.42 5.75 64.66
P PO4 I . 21.68 23.72 50.86
O1 PO4 I . 21.72 22.25 50.69
O2 PO4 I . 20.86 24.04 52.06
O3 PO4 I . 21.04 24.35 49.68
O4 PO4 I . 23.05 24.26 51.06
#